data_7UO4
#
_entry.id   7UO4
#
_cell.length_a   1.00
_cell.length_b   1.00
_cell.length_c   1.00
_cell.angle_alpha   90.00
_cell.angle_beta   90.00
_cell.angle_gamma   90.00
#
_symmetry.space_group_name_H-M   'P 1'
#
loop_
_entity.id
_entity.type
_entity.pdbx_description
1 polymer 'RNA-directed RNA polymerase'
2 polymer 'Non-structural protein 8'
3 polymer 'Non-structural protein 7'
4 polymer 'Product RNA (35-MER)'
5 polymer 'Template RNA (55-MER)'
6 non-polymer '[[(2~{R},3~{S},4~{R},5~{R})-5-(4-azanylpyrrolo[2,1-f][1,2,4]triazin-7-yl)-5-cyano-3,4-bis(oxidanyl)oxolan-2-yl]methoxy-oxidanyl-phosphoryl] phosphono hydrogen phosphate'
7 non-polymer 'MAGNESIUM ION'
8 non-polymer 'ZINC ION'
9 water water
#
loop_
_entity_poly.entity_id
_entity_poly.type
_entity_poly.pdbx_seq_one_letter_code
_entity_poly.pdbx_strand_id
1 'polypeptide(L)'
;SADAQSFLNRVCGVSAARLTPCGTGTSTDVVYRAFDIYNDKVAGFAKFLKTNCCRFQEKDEDDNLIDSYFVVKRHTFSNY
QHEETIYNLLKDCPAVAKHDFFKFRIDGDMVPHISRQRLTKYTMADLVYALRHFDEGNCDTLKEILVTYNCCDDDYFNKK
DWYDFVENPDILRVYANLGERVRQALLKTVQFCDAMRNAGIVGVLTLDNQDLNGNWYDFGDFIQTTPGSGVPVVDSYYSL
LMPILTLTRALTAESHVDTDLTKPYIKWDLLKYDFTEERLKLFDRYFKYWDQTYHPNCVNCLDDRCILHCANFNVLFSTV
FPPTSFGPLVRKIFVDGVPFVVSTGYHFRELGVVHNQDVNLHSSRLSFKELLVYAADPAMHAASGNLLLDKRTTCFSVAA
LTNNVAFQTVKPGNFNKDFYDFAVSKGFFKEGSSVELKHFFFAQDGNAAISDYDYYRYNLPTMCDIRQLLFVVEVVDKYF
DCYDGGCINANQVIVNNLDKSAGFPFNKWGKARLYYDSMSYEDQDALFAYTKRNVIPTITQMNLKYAISAKNRARTVAGV
SICSTMTNRQFHQKLLKSIAATRGATVVIGTSKFYGGWHNMLKTVYSDVENPHLMGWDYPKCDRAMPNMLRIMASLVLAR
KHTTCCSLSHRFYRLANECAQVLSEMVMCGGSLYVKPGGTSSGDATTAYANSVFNICQAVTANVNALLSTDGNKIADKYV
RNLQHRLYECLYRNRDVDTDFVNEFYAYLRKHFSMMILSDDAVVCFNSTYASQGLVASIKNFKSVLYYQNNVFMSEAKCW
TETDLTKGPHEFCSQHTMLVKQGDDYVYLPYPDPSRILGAGCFVDDIVKTDGTLMIERFVSLAIDAYPLTKHPNQEYADV
FHLYLQYIRKLHDELTGHMLDMYSVMLTNDNTSRYWEPEFYEAMYTPHTVLQ
;
A
2 'polypeptide(L)'
;AIASEFSSLPSYAAFATAQEAYEQAVANGDSEVVLKKLKKSLNVAKSEFDRDAAMQRKLEKMADQAMTQMYKQARSEDKR
AKVTSAMQTMLFTMLRKLDNDALNNIINNARDGCVPLNIIPLTTAAKLMVVIPDYNTYKNTCDGTTFTYASALWEIQQVV
DADSKIVQLSEISMDNSPNLAWPLIVTALRANSAVKLQ
;
B,D
3 'polypeptide(L)'
;VACTKEVHMSKMSDVKCTSVVLLSVLQQLRVESSSKLWAQCVQLHNDILLAKDTTEAFEKMVSLLSVLLSMQGAVDINKL
CEEMLDNRATLQ
;
C
4 'polyribonucleotide' CGCGUAGCAUGCUACGUCAUUCUCCUAAGAAGCUG P
5 'polyribonucleotide' CUAUCCCCAUGUGAGCGGCUCAGCUUCUUAGGAGAAUGACGUAGCAUGCUACGCG T
#
loop_
_chem_comp.id
_chem_comp.type
_chem_comp.name
_chem_comp.formula
A RNA linking ADENOSINE-5'-MONOPHOSPHATE 'C10 H14 N5 O7 P'
C RNA linking CYTIDINE-5'-MONOPHOSPHATE 'C9 H14 N3 O8 P'
G RNA linking GUANOSINE-5'-MONOPHOSPHATE 'C10 H14 N5 O8 P'
MG non-polymer 'MAGNESIUM ION' 'Mg 2'
NWX non-polymer '[[(2~{R},3~{S},4~{R},5~{R})-5-(4-azanylpyrrolo[2,1-f][1,2,4]triazin-7-yl)-5-cyano-3,4-bis(oxidanyl)oxolan-2-yl]methoxy-oxidanyl-phosphoryl] phosphono hydrogen phosphate' 'C12 H16 N5 O13 P3'
U RNA linking URIDINE-5'-MONOPHOSPHATE 'C9 H13 N2 O9 P'
ZN non-polymer 'ZINC ION' 'Zn 2'
#
# COMPACT_ATOMS: atom_id res chain seq x y z
N ASP A 3 -15.84 -22.53 61.62
CA ASP A 3 -16.81 -22.48 60.54
C ASP A 3 -16.14 -22.69 59.19
N ALA A 4 -14.84 -22.37 59.11
CA ALA A 4 -14.12 -22.50 57.86
C ALA A 4 -14.08 -23.95 57.40
N GLN A 5 -13.69 -24.86 58.28
CA GLN A 5 -13.58 -26.27 57.88
C GLN A 5 -14.95 -26.88 57.64
N SER A 6 -15.95 -26.51 58.45
CA SER A 6 -17.29 -27.04 58.23
C SER A 6 -17.82 -26.64 56.86
N PHE A 7 -17.56 -25.39 56.45
CA PHE A 7 -18.00 -24.94 55.13
C PHE A 7 -17.16 -25.57 54.02
N LEU A 8 -15.84 -25.60 54.20
CA LEU A 8 -14.97 -26.20 53.18
C LEU A 8 -15.26 -27.68 53.02
N ASN A 9 -15.48 -28.39 54.13
CA ASN A 9 -15.78 -29.81 54.06
C ASN A 9 -17.05 -30.07 53.27
N ARG A 10 -18.08 -29.23 53.47
CA ARG A 10 -19.30 -29.39 52.71
C ARG A 10 -19.09 -29.10 51.23
N VAL A 11 -18.25 -28.11 50.92
CA VAL A 11 -17.98 -27.79 49.52
C VAL A 11 -17.31 -28.95 48.83
N CYS A 12 -16.30 -29.54 49.46
CA CYS A 12 -15.64 -30.74 48.93
C CYS A 12 -16.51 -31.93 49.27
N GLY A 13 -17.64 -32.04 48.57
CA GLY A 13 -18.62 -33.07 48.85
C GLY A 13 -18.26 -34.41 48.26
N VAL A 14 -19.26 -35.08 47.66
CA VAL A 14 -19.06 -36.42 47.12
C VAL A 14 -17.99 -36.48 46.05
N SER A 15 -17.60 -35.34 45.49
CA SER A 15 -16.56 -35.33 44.47
C SER A 15 -15.24 -35.86 44.99
N ALA A 16 -15.04 -35.89 46.32
CA ALA A 16 -13.82 -36.40 46.92
C ALA A 16 -12.60 -35.64 46.42
N ALA A 17 -12.57 -34.35 46.75
CA ALA A 17 -11.53 -33.44 46.27
C ALA A 17 -10.89 -32.71 47.44
N ARG A 18 -9.62 -32.35 47.26
CA ARG A 18 -8.88 -31.58 48.24
C ARG A 18 -8.75 -30.14 47.75
N LEU A 19 -9.10 -29.20 48.61
CA LEU A 19 -9.29 -27.80 48.21
C LEU A 19 -8.48 -26.87 49.09
N THR A 20 -7.92 -25.81 48.47
CA THR A 20 -7.33 -24.67 49.16
C THR A 20 -8.25 -23.48 49.03
N PRO A 21 -8.64 -22.82 50.13
CA PRO A 21 -9.56 -21.69 50.01
C PRO A 21 -8.84 -20.40 49.65
N CYS A 22 -9.37 -19.70 48.64
CA CYS A 22 -8.90 -18.37 48.32
C CYS A 22 -9.61 -17.28 49.10
N GLY A 23 -10.76 -17.59 49.69
CA GLY A 23 -11.44 -16.62 50.53
C GLY A 23 -10.76 -16.49 51.89
N THR A 24 -11.08 -15.40 52.58
CA THR A 24 -10.45 -15.14 53.87
C THR A 24 -11.07 -16.01 54.96
N GLY A 25 -12.37 -15.85 55.19
CA GLY A 25 -13.06 -16.59 56.23
C GLY A 25 -14.36 -17.20 55.73
N THR A 26 -14.32 -17.74 54.52
CA THR A 26 -15.53 -18.18 53.82
C THR A 26 -16.35 -16.97 53.37
N SER A 27 -15.66 -15.90 52.98
CA SER A 27 -16.27 -14.66 52.57
C SER A 27 -16.19 -14.52 51.05
N THR A 28 -17.06 -13.66 50.52
CA THR A 28 -17.11 -13.45 49.08
C THR A 28 -15.81 -12.88 48.56
N ASP A 29 -15.45 -13.28 47.34
CA ASP A 29 -14.21 -12.84 46.70
C ASP A 29 -14.54 -11.78 45.65
N VAL A 30 -13.78 -10.70 45.64
CA VAL A 30 -13.96 -9.59 44.71
C VAL A 30 -12.80 -9.59 43.73
N VAL A 31 -13.10 -9.56 42.44
CA VAL A 31 -12.08 -9.61 41.40
C VAL A 31 -12.60 -8.91 40.14
N TYR A 32 -11.66 -8.56 39.26
CA TYR A 32 -11.99 -7.98 37.97
C TYR A 32 -12.27 -9.09 36.96
N ARG A 33 -13.45 -9.06 36.33
CA ARG A 33 -13.82 -10.06 35.36
C ARG A 33 -14.66 -9.41 34.28
N ALA A 34 -14.49 -9.87 33.04
CA ALA A 34 -15.30 -9.37 31.94
C ALA A 34 -16.73 -9.90 32.06
N PHE A 35 -17.67 -9.13 31.52
CA PHE A 35 -19.08 -9.50 31.59
C PHE A 35 -19.79 -8.98 30.35
N ASP A 36 -20.61 -9.84 29.74
CA ASP A 36 -21.50 -9.43 28.66
C ASP A 36 -22.88 -9.23 29.26
N ILE A 37 -23.10 -8.07 29.86
CA ILE A 37 -24.26 -7.81 30.72
C ILE A 37 -25.19 -6.85 29.99
N TYR A 38 -26.50 -7.15 30.03
CA TYR A 38 -27.51 -6.27 29.46
C TYR A 38 -28.78 -6.44 30.27
N ASN A 39 -29.03 -5.50 31.19
CA ASN A 39 -30.22 -5.53 32.02
C ASN A 39 -30.89 -4.17 32.03
N ASP A 40 -31.88 -3.98 32.91
CA ASP A 40 -32.65 -2.74 32.92
C ASP A 40 -31.77 -1.53 33.21
N LYS A 41 -30.62 -1.74 33.85
CA LYS A 41 -29.79 -0.64 34.33
C LYS A 41 -28.71 -0.26 33.31
N VAL A 42 -27.85 -1.21 32.95
CA VAL A 42 -26.67 -0.94 32.13
C VAL A 42 -26.58 -1.97 31.03
N ALA A 43 -25.66 -1.73 30.10
CA ALA A 43 -25.39 -2.65 29.01
C ALA A 43 -23.93 -2.50 28.60
N GLY A 44 -23.42 -3.51 27.92
CA GLY A 44 -22.07 -3.45 27.38
C GLY A 44 -21.18 -4.59 27.81
N PHE A 45 -20.26 -4.98 26.93
CA PHE A 45 -19.27 -6.02 27.21
C PHE A 45 -18.08 -5.37 27.88
N ALA A 46 -18.19 -5.14 29.18
CA ALA A 46 -17.17 -4.42 29.93
C ALA A 46 -16.55 -5.29 31.01
N LYS A 47 -15.68 -4.71 31.84
CA LYS A 47 -14.98 -5.43 32.89
C LYS A 47 -15.44 -4.90 34.24
N PHE A 48 -16.14 -5.74 35.00
CA PHE A 48 -16.74 -5.35 36.26
C PHE A 48 -16.04 -6.01 37.44
N LEU A 49 -16.42 -5.58 38.63
CA LEU A 49 -16.11 -6.32 39.85
C LEU A 49 -17.15 -7.42 40.03
N LYS A 50 -16.68 -8.58 40.49
CA LYS A 50 -17.56 -9.70 40.77
C LYS A 50 -17.43 -10.07 42.24
N THR A 51 -18.43 -9.70 43.05
CA THR A 51 -18.47 -10.06 44.46
C THR A 51 -19.84 -10.69 44.73
N ASN A 52 -19.96 -11.97 44.38
CA ASN A 52 -21.11 -12.76 44.82
C ASN A 52 -20.72 -14.21 45.10
N CYS A 53 -19.44 -14.57 45.01
CA CYS A 53 -19.01 -15.95 45.05
C CYS A 53 -17.76 -16.09 45.93
N CYS A 54 -17.63 -17.28 46.52
CA CYS A 54 -16.44 -17.68 47.27
C CYS A 54 -15.80 -18.84 46.50
N ARG A 55 -14.52 -18.70 46.17
CA ARG A 55 -13.87 -19.61 45.23
C ARG A 55 -12.74 -20.37 45.91
N PHE A 56 -12.75 -21.70 45.76
CA PHE A 56 -11.69 -22.57 46.23
C PHE A 56 -10.98 -23.18 45.02
N GLN A 57 -9.72 -23.58 45.21
CA GLN A 57 -8.94 -24.17 44.13
C GLN A 57 -8.54 -25.59 44.51
N GLU A 58 -8.80 -26.54 43.62
CA GLU A 58 -8.53 -27.94 43.92
C GLU A 58 -7.04 -28.22 43.84
N LYS A 59 -6.61 -29.25 44.57
CA LYS A 59 -5.25 -29.75 44.53
C LYS A 59 -5.27 -31.19 44.03
N ASP A 60 -4.44 -31.49 43.04
CA ASP A 60 -4.23 -32.87 42.63
C ASP A 60 -3.30 -33.56 43.61
N GLU A 61 -2.89 -34.77 43.27
CA GLU A 61 -1.91 -35.47 44.09
C GLU A 61 -0.57 -34.73 44.04
N ASP A 62 0.20 -34.90 45.11
CA ASP A 62 1.51 -34.26 45.29
C ASP A 62 1.39 -32.81 45.73
N ASP A 63 0.21 -32.34 46.10
CA ASP A 63 0.01 -31.00 46.64
C ASP A 63 0.40 -29.93 45.62
N ASN A 64 -0.26 -29.97 44.46
CA ASN A 64 -0.09 -28.97 43.43
C ASN A 64 -1.47 -28.47 43.00
N LEU A 65 -1.57 -27.17 42.78
CA LEU A 65 -2.85 -26.55 42.43
C LEU A 65 -3.18 -26.82 40.98
N ILE A 66 -4.15 -27.71 40.73
CA ILE A 66 -4.62 -27.96 39.38
C ILE A 66 -5.57 -26.83 38.97
N ASP A 67 -5.72 -26.64 37.66
CA ASP A 67 -6.55 -25.56 37.13
C ASP A 67 -8.01 -25.99 37.14
N SER A 68 -8.54 -26.10 38.35
CA SER A 68 -9.95 -26.42 38.56
C SER A 68 -10.41 -25.74 39.83
N TYR A 69 -11.55 -25.05 39.76
CA TYR A 69 -12.03 -24.25 40.87
C TYR A 69 -13.44 -24.68 41.26
N PHE A 70 -13.70 -24.68 42.56
CA PHE A 70 -15.03 -24.85 43.12
C PHE A 70 -15.51 -23.45 43.49
N VAL A 71 -16.38 -22.90 42.67
CA VAL A 71 -16.99 -21.60 42.97
C VAL A 71 -18.24 -21.86 43.79
N VAL A 72 -18.60 -20.93 44.65
CA VAL A 72 -19.77 -21.06 45.52
C VAL A 72 -20.51 -19.72 45.47
N LYS A 73 -21.56 -19.65 44.67
CA LYS A 73 -22.41 -18.47 44.65
C LYS A 73 -23.34 -18.50 45.86
N ARG A 74 -23.60 -17.32 46.42
CA ARG A 74 -24.53 -17.16 47.53
C ARG A 74 -25.63 -16.20 47.10
N HIS A 75 -26.88 -16.66 47.16
CA HIS A 75 -27.99 -15.86 46.69
C HIS A 75 -29.25 -16.22 47.48
N THR A 76 -30.25 -15.37 47.38
CA THR A 76 -31.47 -15.53 48.14
C THR A 76 -32.18 -16.83 47.74
N PHE A 77 -33.22 -17.17 48.50
CA PHE A 77 -33.92 -18.43 48.28
C PHE A 77 -34.63 -18.46 46.93
N SER A 78 -35.09 -17.31 46.44
CA SER A 78 -35.85 -17.29 45.19
C SER A 78 -34.99 -17.77 44.03
N ASN A 79 -33.82 -17.16 43.85
CA ASN A 79 -32.96 -17.56 42.74
C ASN A 79 -32.40 -18.95 42.95
N TYR A 80 -32.14 -19.34 44.20
CA TYR A 80 -31.69 -20.70 44.47
C TYR A 80 -32.74 -21.72 44.04
N GLN A 81 -34.01 -21.49 44.36
CA GLN A 81 -35.07 -22.39 43.96
C GLN A 81 -35.31 -22.37 42.45
N HIS A 82 -35.16 -21.20 41.82
CA HIS A 82 -35.32 -21.13 40.37
C HIS A 82 -34.15 -21.77 39.62
N GLU A 83 -32.98 -21.85 40.25
CA GLU A 83 -31.84 -22.51 39.62
C GLU A 83 -31.80 -24.00 39.90
N GLU A 84 -32.31 -24.44 41.04
CA GLU A 84 -32.39 -25.87 41.32
C GLU A 84 -33.20 -26.59 40.25
N THR A 85 -34.39 -26.05 39.92
CA THR A 85 -35.24 -26.67 38.92
C THR A 85 -34.58 -26.67 37.56
N ILE A 86 -34.01 -25.53 37.16
CA ILE A 86 -33.42 -25.43 35.82
C ILE A 86 -32.15 -26.25 35.70
N TYR A 87 -31.47 -26.56 36.81
CA TYR A 87 -30.34 -27.46 36.74
C TYR A 87 -30.79 -28.92 36.70
N ASN A 88 -31.68 -29.32 37.60
CA ASN A 88 -32.20 -30.68 37.55
C ASN A 88 -32.87 -30.98 36.22
N LEU A 89 -33.33 -29.94 35.52
CA LEU A 89 -33.91 -30.08 34.19
C LEU A 89 -32.88 -30.05 33.08
N LEU A 90 -31.63 -29.71 33.39
CA LEU A 90 -30.52 -29.72 32.44
C LEU A 90 -29.39 -30.63 32.89
N LYS A 91 -29.64 -31.49 33.88
CA LYS A 91 -28.56 -32.30 34.45
C LYS A 91 -27.94 -33.22 33.40
N ASP A 92 -28.78 -33.90 32.61
CA ASP A 92 -28.30 -34.95 31.72
C ASP A 92 -27.40 -34.42 30.61
N CYS A 93 -27.35 -33.11 30.39
CA CYS A 93 -26.46 -32.58 29.37
C CYS A 93 -25.01 -32.75 29.83
N PRO A 94 -24.11 -33.14 28.94
CA PRO A 94 -22.71 -33.29 29.34
C PRO A 94 -21.92 -31.98 29.30
N ALA A 95 -22.42 -30.99 28.57
CA ALA A 95 -21.79 -29.68 28.51
C ALA A 95 -22.38 -28.72 29.53
N VAL A 96 -22.40 -29.13 30.79
CA VAL A 96 -22.93 -28.30 31.88
C VAL A 96 -22.16 -28.62 33.15
N ALA A 97 -21.55 -27.60 33.76
CA ALA A 97 -20.76 -27.81 34.96
C ALA A 97 -21.62 -28.43 36.04
N LYS A 98 -21.04 -29.38 36.77
CA LYS A 98 -21.79 -30.13 37.78
C LYS A 98 -22.09 -29.26 38.99
N HIS A 99 -23.26 -28.63 39.01
CA HIS A 99 -23.66 -27.84 40.16
C HIS A 99 -23.85 -28.73 41.38
N ASP A 100 -23.94 -28.08 42.54
CA ASP A 100 -24.20 -28.76 43.79
C ASP A 100 -24.86 -27.77 44.74
N PHE A 101 -26.12 -28.01 45.07
CA PHE A 101 -26.92 -27.06 45.84
C PHE A 101 -27.01 -27.53 47.28
N PHE A 102 -26.83 -26.62 48.22
CA PHE A 102 -26.99 -26.99 49.63
C PHE A 102 -27.32 -25.75 50.44
N LYS A 103 -27.50 -25.95 51.74
CA LYS A 103 -27.80 -24.89 52.67
C LYS A 103 -26.81 -24.92 53.83
N PHE A 104 -26.50 -23.74 54.36
CA PHE A 104 -25.49 -23.60 55.39
C PHE A 104 -25.96 -22.58 56.42
N ARG A 105 -25.54 -22.79 57.66
CA ARG A 105 -25.85 -21.88 58.77
C ARG A 105 -24.60 -21.08 59.12
N ILE A 106 -24.75 -19.76 59.20
CA ILE A 106 -23.62 -18.90 59.52
C ILE A 106 -23.77 -18.42 60.96
N ASP A 107 -24.85 -17.69 61.25
CA ASP A 107 -25.09 -17.21 62.61
C ASP A 107 -26.39 -17.77 63.19
N GLY A 108 -27.54 -17.46 62.60
CA GLY A 108 -28.81 -17.96 63.10
C GLY A 108 -29.82 -18.27 62.02
N ASP A 109 -29.41 -18.22 60.75
CA ASP A 109 -30.32 -18.41 59.65
C ASP A 109 -29.62 -19.15 58.52
N MET A 110 -30.40 -19.91 57.76
CA MET A 110 -29.87 -20.61 56.60
C MET A 110 -29.60 -19.65 55.45
N VAL A 111 -28.55 -19.95 54.69
CA VAL A 111 -28.20 -19.17 53.50
C VAL A 111 -27.85 -20.14 52.37
N PRO A 112 -28.75 -20.38 51.42
CA PRO A 112 -28.45 -21.36 50.38
C PRO A 112 -27.20 -21.02 49.58
N HIS A 113 -26.45 -22.06 49.23
CA HIS A 113 -25.22 -21.95 48.46
C HIS A 113 -25.34 -22.80 47.21
N ILE A 114 -25.00 -22.22 46.07
CA ILE A 114 -24.97 -22.95 44.80
C ILE A 114 -23.51 -23.07 44.42
N SER A 115 -22.96 -24.26 44.65
CA SER A 115 -21.54 -24.50 44.37
C SER A 115 -21.39 -25.06 42.98
N ARG A 116 -20.80 -24.27 42.08
CA ARG A 116 -20.41 -24.75 40.77
C ARG A 116 -19.07 -25.46 40.90
N GLN A 117 -18.99 -26.67 40.37
CA GLN A 117 -17.86 -27.55 40.61
C GLN A 117 -17.04 -27.71 39.34
N ARG A 118 -15.73 -27.81 39.52
CA ARG A 118 -14.80 -28.14 38.43
C ARG A 118 -14.86 -27.08 37.32
N LEU A 119 -14.99 -25.82 37.72
CA LEU A 119 -14.91 -24.73 36.77
C LEU A 119 -13.44 -24.47 36.45
N THR A 120 -13.16 -23.37 35.78
CA THR A 120 -11.79 -22.93 35.55
C THR A 120 -11.69 -21.46 35.93
N LYS A 121 -10.47 -20.99 36.17
CA LYS A 121 -10.27 -19.66 36.72
C LYS A 121 -10.88 -18.59 35.81
N TYR A 122 -10.62 -18.69 34.51
CA TYR A 122 -11.02 -17.67 33.55
C TYR A 122 -12.16 -18.19 32.68
N THR A 123 -13.27 -17.47 32.69
CA THR A 123 -14.40 -17.81 31.82
C THR A 123 -14.04 -17.46 30.38
N MET A 124 -14.95 -17.79 29.46
CA MET A 124 -14.70 -17.47 28.05
C MET A 124 -14.70 -15.97 27.82
N ALA A 125 -15.51 -15.24 28.58
CA ALA A 125 -15.56 -13.79 28.41
C ALA A 125 -14.21 -13.16 28.68
N ASP A 126 -13.46 -13.70 29.65
CA ASP A 126 -12.14 -13.15 29.93
C ASP A 126 -11.21 -13.32 28.75
N LEU A 127 -11.21 -14.50 28.13
CA LEU A 127 -10.38 -14.71 26.94
C LEU A 127 -10.80 -13.76 25.82
N VAL A 128 -12.10 -13.66 25.57
CA VAL A 128 -12.58 -12.81 24.48
C VAL A 128 -12.20 -11.36 24.74
N TYR A 129 -12.38 -10.88 25.97
CA TYR A 129 -12.04 -9.51 26.29
C TYR A 129 -10.54 -9.27 26.15
N ALA A 130 -9.72 -10.21 26.66
CA ALA A 130 -8.28 -10.01 26.62
C ALA A 130 -7.77 -9.95 25.18
N LEU A 131 -8.27 -10.83 24.31
CA LEU A 131 -7.86 -10.78 22.92
C LEU A 131 -8.56 -9.69 22.13
N ARG A 132 -9.60 -9.08 22.69
CA ARG A 132 -10.43 -8.10 22.00
C ARG A 132 -10.17 -6.68 22.45
N HIS A 133 -9.94 -6.46 23.74
CA HIS A 133 -9.53 -5.16 24.28
C HIS A 133 -8.11 -5.34 24.82
N PHE A 134 -7.14 -5.23 23.92
CA PHE A 134 -5.74 -5.53 24.24
C PHE A 134 -4.98 -4.24 24.52
N ASP A 135 -4.31 -4.19 25.67
CA ASP A 135 -3.50 -3.05 26.06
C ASP A 135 -2.11 -3.55 26.42
N GLU A 136 -1.09 -2.98 25.77
CA GLU A 136 0.28 -3.44 25.99
C GLU A 136 0.68 -3.31 27.45
N GLY A 137 0.34 -2.18 28.08
CA GLY A 137 0.83 -1.91 29.41
C GLY A 137 0.38 -2.93 30.44
N ASN A 138 -0.89 -3.33 30.38
CA ASN A 138 -1.46 -4.26 31.37
C ASN A 138 -2.32 -5.28 30.64
N CYS A 139 -1.69 -6.40 30.25
CA CYS A 139 -2.39 -7.56 29.71
C CYS A 139 -1.94 -8.75 30.56
N ASP A 140 -2.63 -8.94 31.69
CA ASP A 140 -2.32 -10.03 32.61
C ASP A 140 -3.35 -11.14 32.59
N THR A 141 -4.52 -10.91 32.01
CA THR A 141 -5.50 -11.96 31.79
C THR A 141 -5.27 -12.68 30.46
N LEU A 142 -4.30 -12.24 29.68
CA LEU A 142 -3.87 -12.97 28.49
C LEU A 142 -2.62 -13.79 28.73
N LYS A 143 -1.64 -13.24 29.47
CA LYS A 143 -0.47 -14.02 29.82
C LYS A 143 -0.87 -15.25 30.64
N GLU A 144 -1.74 -15.07 31.62
CA GLU A 144 -2.15 -16.20 32.45
C GLU A 144 -2.91 -17.23 31.64
N ILE A 145 -3.79 -16.79 30.75
CA ILE A 145 -4.55 -17.74 29.94
C ILE A 145 -3.62 -18.52 29.03
N LEU A 146 -2.67 -17.84 28.38
CA LEU A 146 -1.75 -18.54 27.50
C LEU A 146 -0.87 -19.52 28.28
N VAL A 147 -0.36 -19.09 29.43
CA VAL A 147 0.57 -19.93 30.18
C VAL A 147 -0.13 -21.13 30.79
N THR A 148 -1.30 -20.93 31.39
CA THR A 148 -1.96 -22.01 32.10
C THR A 148 -2.52 -23.07 31.18
N TYR A 149 -2.55 -22.84 29.86
CA TYR A 149 -3.10 -23.81 28.92
C TYR A 149 -2.05 -24.31 27.93
N ASN A 150 -0.78 -24.31 28.32
CA ASN A 150 0.29 -24.94 27.56
C ASN A 150 0.51 -24.29 26.20
N CYS A 151 0.02 -23.07 26.00
CA CYS A 151 0.16 -22.41 24.71
C CYS A 151 1.53 -21.77 24.52
N CYS A 152 2.31 -21.61 25.59
CA CYS A 152 3.66 -21.07 25.49
C CYS A 152 4.33 -21.24 26.85
N ASP A 153 5.55 -20.75 26.96
CA ASP A 153 6.30 -20.83 28.20
C ASP A 153 6.14 -19.55 29.01
N ASP A 154 6.31 -19.69 30.33
CA ASP A 154 6.20 -18.53 31.20
C ASP A 154 7.17 -17.43 30.82
N ASP A 155 8.32 -17.78 30.25
CA ASP A 155 9.33 -16.81 29.84
C ASP A 155 9.24 -16.43 28.37
N TYR A 156 8.26 -16.95 27.65
CA TYR A 156 8.05 -16.54 26.27
C TYR A 156 7.73 -15.06 26.17
N PHE A 157 7.30 -14.45 27.28
CA PHE A 157 6.91 -13.04 27.31
C PHE A 157 8.09 -12.12 27.60
N ASN A 158 9.29 -12.66 27.76
CA ASN A 158 10.49 -11.84 27.88
C ASN A 158 11.01 -11.37 26.53
N LYS A 159 10.50 -11.93 25.42
CA LYS A 159 10.93 -11.50 24.11
C LYS A 159 10.68 -10.01 23.93
N LYS A 160 11.36 -9.42 22.95
CA LYS A 160 11.24 -7.98 22.73
C LYS A 160 9.80 -7.57 22.50
N ASP A 161 9.16 -8.12 21.47
CA ASP A 161 7.77 -7.83 21.14
C ASP A 161 7.05 -9.17 20.97
N TRP A 162 6.56 -9.71 22.09
CA TRP A 162 5.87 -11.00 22.03
C TRP A 162 4.45 -10.87 21.51
N TYR A 163 3.93 -9.66 21.38
CA TYR A 163 2.53 -9.43 21.02
C TYR A 163 2.36 -8.88 19.62
N ASP A 164 3.43 -8.68 18.88
CA ASP A 164 3.37 -7.96 17.61
C ASP A 164 3.21 -8.94 16.46
N PHE A 165 2.11 -8.83 15.73
CA PHE A 165 1.90 -9.68 14.57
C PHE A 165 2.87 -9.38 13.45
N VAL A 166 3.54 -8.23 13.48
CA VAL A 166 4.43 -7.82 12.40
C VAL A 166 5.89 -8.15 12.74
N GLU A 167 6.32 -7.91 13.98
CA GLU A 167 7.70 -8.19 14.34
C GLU A 167 7.95 -9.69 14.38
N ASN A 168 7.25 -10.42 15.25
CA ASN A 168 7.42 -11.87 15.35
C ASN A 168 6.12 -12.56 14.94
N PRO A 169 6.03 -13.11 13.73
CA PRO A 169 4.81 -13.81 13.33
C PRO A 169 4.61 -15.13 14.07
N ASP A 170 5.50 -15.46 14.99
CA ASP A 170 5.34 -16.66 15.80
C ASP A 170 4.19 -16.54 16.78
N ILE A 171 3.77 -15.33 17.13
CA ILE A 171 2.66 -15.17 18.05
C ILE A 171 1.42 -15.84 17.49
N LEU A 172 1.29 -15.88 16.16
CA LEU A 172 0.15 -16.54 15.55
C LEU A 172 0.07 -17.99 16.00
N ARG A 173 1.21 -18.68 16.03
CA ARG A 173 1.22 -20.07 16.49
C ARG A 173 0.83 -20.18 17.96
N VAL A 174 1.30 -19.26 18.79
CA VAL A 174 0.96 -19.29 20.22
C VAL A 174 -0.55 -19.14 20.40
N TYR A 175 -1.17 -18.22 19.67
CA TYR A 175 -2.62 -18.10 19.72
C TYR A 175 -3.30 -19.34 19.17
N ALA A 176 -2.82 -19.85 18.04
CA ALA A 176 -3.43 -21.03 17.44
C ALA A 176 -3.36 -22.24 18.34
N ASN A 177 -2.46 -22.25 19.32
CA ASN A 177 -2.47 -23.32 20.30
C ASN A 177 -3.72 -23.29 21.18
N LEU A 178 -4.48 -22.20 21.17
CA LEU A 178 -5.77 -22.13 21.84
C LEU A 178 -6.91 -22.62 20.96
N GLY A 179 -6.65 -22.98 19.71
CA GLY A 179 -7.72 -23.28 18.78
C GLY A 179 -8.61 -24.40 19.26
N GLU A 180 -8.02 -25.49 19.76
CA GLU A 180 -8.83 -26.64 20.13
C GLU A 180 -9.78 -26.32 21.27
N ARG A 181 -9.33 -25.50 22.23
CA ARG A 181 -10.21 -25.14 23.32
C ARG A 181 -11.41 -24.35 22.82
N VAL A 182 -11.19 -23.44 21.87
CA VAL A 182 -12.31 -22.66 21.35
C VAL A 182 -13.25 -23.54 20.54
N ARG A 183 -12.72 -24.49 19.77
CA ARG A 183 -13.58 -25.39 19.02
C ARG A 183 -14.40 -26.26 19.96
N GLN A 184 -13.79 -26.74 21.04
CA GLN A 184 -14.53 -27.51 22.03
C GLN A 184 -15.57 -26.65 22.72
N ALA A 185 -15.28 -25.38 22.95
CA ALA A 185 -16.28 -24.48 23.50
C ALA A 185 -17.47 -24.33 22.55
N LEU A 186 -17.20 -24.20 21.25
CA LEU A 186 -18.28 -24.12 20.27
C LEU A 186 -19.13 -25.39 20.30
N LEU A 187 -18.48 -26.55 20.28
CA LEU A 187 -19.22 -27.80 20.31
C LEU A 187 -20.05 -27.93 21.58
N LYS A 188 -19.48 -27.57 22.73
CA LYS A 188 -20.21 -27.71 23.97
C LYS A 188 -21.36 -26.72 24.06
N THR A 189 -21.22 -25.52 23.50
CA THR A 189 -22.36 -24.61 23.49
C THR A 189 -23.45 -25.09 22.54
N VAL A 190 -23.09 -25.73 21.44
CA VAL A 190 -24.12 -26.33 20.59
C VAL A 190 -24.84 -27.43 21.34
N GLN A 191 -24.10 -28.27 22.07
CA GLN A 191 -24.73 -29.30 22.88
C GLN A 191 -25.66 -28.69 23.92
N PHE A 192 -25.23 -27.60 24.56
CA PHE A 192 -26.06 -26.96 25.57
C PHE A 192 -27.31 -26.36 24.97
N CYS A 193 -27.19 -25.72 23.80
CA CYS A 193 -28.37 -25.18 23.14
C CYS A 193 -29.34 -26.30 22.79
N ASP A 194 -28.83 -27.43 22.29
CA ASP A 194 -29.71 -28.56 22.02
C ASP A 194 -30.37 -29.06 23.30
N ALA A 195 -29.61 -29.12 24.40
CA ALA A 195 -30.17 -29.61 25.65
C ALA A 195 -31.30 -28.71 26.13
N MET A 196 -31.10 -27.40 26.07
CA MET A 196 -32.14 -26.48 26.53
C MET A 196 -33.30 -26.38 25.55
N ARG A 197 -33.09 -26.70 24.27
CA ARG A 197 -34.22 -26.77 23.35
C ARG A 197 -35.05 -28.01 23.62
N ASN A 198 -34.40 -29.16 23.83
CA ASN A 198 -35.14 -30.38 24.12
C ASN A 198 -35.80 -30.31 25.48
N ALA A 199 -35.25 -29.55 26.42
CA ALA A 199 -35.81 -29.42 27.75
C ALA A 199 -36.75 -28.23 27.88
N GLY A 200 -36.97 -27.48 26.81
CA GLY A 200 -37.91 -26.39 26.83
C GLY A 200 -37.54 -25.25 27.76
N ILE A 201 -36.28 -24.82 27.72
CA ILE A 201 -35.80 -23.69 28.51
C ILE A 201 -35.43 -22.57 27.54
N VAL A 202 -35.91 -21.35 27.83
CA VAL A 202 -35.62 -20.18 27.03
C VAL A 202 -34.79 -19.23 27.87
N GLY A 203 -33.63 -18.84 27.35
CA GLY A 203 -32.75 -17.97 28.09
C GLY A 203 -31.64 -17.46 27.20
N VAL A 204 -30.96 -16.44 27.68
CA VAL A 204 -29.90 -15.78 26.92
C VAL A 204 -28.57 -16.45 27.24
N LEU A 205 -27.81 -16.72 26.19
CA LEU A 205 -26.46 -17.28 26.32
C LEU A 205 -25.46 -16.13 26.32
N THR A 206 -24.74 -15.99 27.42
CA THR A 206 -23.70 -14.97 27.57
C THR A 206 -22.33 -15.62 27.56
N LEU A 207 -21.34 -14.86 27.09
CA LEU A 207 -19.98 -15.38 27.04
C LEU A 207 -19.45 -15.67 28.44
N ASP A 208 -19.74 -14.80 29.39
CA ASP A 208 -19.12 -14.86 30.72
C ASP A 208 -19.69 -15.97 31.59
N ASN A 209 -20.47 -16.89 31.03
CA ASN A 209 -20.94 -18.05 31.77
C ASN A 209 -20.30 -19.36 31.33
N GLN A 210 -19.56 -19.36 30.23
CA GLN A 210 -18.94 -20.57 29.71
C GLN A 210 -17.48 -20.60 30.16
N ASP A 211 -17.17 -21.45 31.13
CA ASP A 211 -15.79 -21.63 31.53
C ASP A 211 -14.97 -22.09 30.34
N LEU A 212 -13.68 -21.76 30.36
CA LEU A 212 -12.85 -21.93 29.17
C LEU A 212 -12.89 -23.37 28.64
N ASN A 213 -13.05 -24.35 29.53
CA ASN A 213 -13.26 -25.71 29.05
C ASN A 213 -14.49 -25.79 28.15
N GLY A 214 -15.60 -25.19 28.58
CA GLY A 214 -16.80 -25.15 27.78
C GLY A 214 -18.07 -25.34 28.59
N ASN A 215 -17.94 -25.73 29.86
CA ASN A 215 -19.09 -26.10 30.67
C ASN A 215 -19.82 -24.85 31.16
N TRP A 216 -21.04 -24.64 30.67
CA TRP A 216 -21.86 -23.53 31.12
C TRP A 216 -22.27 -23.74 32.58
N TYR A 217 -22.31 -22.64 33.35
CA TYR A 217 -22.48 -22.79 34.78
C TYR A 217 -23.41 -21.76 35.43
N ASP A 218 -24.22 -21.05 34.65
CA ASP A 218 -25.15 -20.08 35.24
C ASP A 218 -26.54 -20.27 34.63
N PHE A 219 -27.55 -20.38 35.50
CA PHE A 219 -28.94 -20.61 35.08
C PHE A 219 -29.87 -19.64 35.77
N GLY A 220 -29.47 -18.38 35.90
CA GLY A 220 -30.26 -17.41 36.63
C GLY A 220 -31.53 -17.00 35.93
N ASP A 221 -31.41 -16.37 34.77
CA ASP A 221 -32.55 -15.80 34.05
C ASP A 221 -33.06 -16.73 32.96
N PHE A 222 -33.05 -18.03 33.21
CA PHE A 222 -33.53 -19.02 32.24
C PHE A 222 -35.01 -19.26 32.50
N ILE A 223 -35.86 -18.55 31.77
CA ILE A 223 -37.29 -18.82 31.83
C ILE A 223 -37.57 -20.16 31.15
N GLN A 224 -38.57 -20.87 31.67
CA GLN A 224 -38.88 -22.21 31.21
C GLN A 224 -40.21 -22.22 30.46
N THR A 225 -40.29 -23.06 29.43
CA THR A 225 -41.50 -23.24 28.65
C THR A 225 -41.69 -24.73 28.43
N THR A 226 -42.63 -25.08 27.54
CA THR A 226 -42.88 -26.49 27.27
C THR A 226 -41.70 -27.13 26.55
N PRO A 227 -41.45 -28.42 26.78
CA PRO A 227 -40.31 -29.07 26.12
C PRO A 227 -40.42 -28.98 24.60
N GLY A 228 -39.27 -28.81 23.95
CA GLY A 228 -39.24 -28.67 22.52
C GLY A 228 -39.47 -27.27 22.00
N SER A 229 -39.51 -26.26 22.87
CA SER A 229 -39.76 -24.89 22.46
C SER A 229 -38.79 -23.95 23.16
N GLY A 230 -37.51 -24.31 23.16
CA GLY A 230 -36.48 -23.43 23.71
C GLY A 230 -35.97 -22.44 22.69
N VAL A 231 -35.55 -21.28 23.18
CA VAL A 231 -35.09 -20.21 22.31
C VAL A 231 -33.76 -19.67 22.83
N PRO A 232 -32.66 -20.39 22.62
CA PRO A 232 -31.36 -19.89 23.09
C PRO A 232 -30.91 -18.67 22.30
N VAL A 233 -30.81 -17.52 22.94
CA VAL A 233 -30.46 -16.27 22.28
C VAL A 233 -28.93 -16.23 22.17
N VAL A 234 -28.40 -16.49 20.98
CA VAL A 234 -26.96 -16.60 20.78
C VAL A 234 -26.47 -15.51 19.84
N ASP A 235 -27.12 -14.34 19.86
CA ASP A 235 -26.66 -13.23 19.04
C ASP A 235 -25.51 -12.47 19.69
N SER A 236 -25.50 -12.37 21.01
CA SER A 236 -24.45 -11.66 21.73
C SER A 236 -23.31 -12.57 22.17
N TYR A 237 -23.37 -13.86 21.85
CA TYR A 237 -22.32 -14.82 22.17
C TYR A 237 -21.52 -15.21 20.92
N TYR A 238 -22.21 -15.75 19.91
CA TYR A 238 -21.55 -16.08 18.66
C TYR A 238 -21.06 -14.85 17.91
N SER A 239 -21.48 -13.66 18.31
CA SER A 239 -21.04 -12.43 17.67
C SER A 239 -19.88 -11.77 18.40
N LEU A 240 -19.82 -11.87 19.72
CA LEU A 240 -18.66 -11.44 20.46
C LEU A 240 -17.51 -12.43 20.38
N LEU A 241 -17.79 -13.68 19.98
CA LEU A 241 -16.75 -14.69 19.83
C LEU A 241 -16.28 -14.85 18.39
N MET A 242 -16.57 -13.89 17.51
CA MET A 242 -16.21 -14.05 16.10
C MET A 242 -14.72 -13.84 15.88
N PRO A 243 -14.15 -12.67 16.20
CA PRO A 243 -12.75 -12.44 15.84
C PRO A 243 -11.79 -13.42 16.48
N ILE A 244 -12.08 -13.85 17.71
CA ILE A 244 -11.26 -14.85 18.39
C ILE A 244 -11.35 -16.21 17.73
N LEU A 245 -12.32 -16.40 16.84
CA LEU A 245 -12.54 -17.68 16.18
C LEU A 245 -11.64 -17.87 14.96
N THR A 246 -11.00 -16.81 14.49
CA THR A 246 -9.98 -16.92 13.46
C THR A 246 -8.66 -16.32 13.90
N LEU A 247 -8.62 -15.57 14.99
CA LEU A 247 -7.35 -15.22 15.60
C LEU A 247 -6.64 -16.47 16.09
N THR A 248 -7.38 -17.40 16.68
CA THR A 248 -6.84 -18.64 17.21
C THR A 248 -7.06 -19.83 16.29
N ARG A 249 -7.57 -19.60 15.08
CA ARG A 249 -7.82 -20.67 14.13
C ARG A 249 -8.52 -21.84 14.80
N ALA A 250 -9.74 -21.58 15.26
CA ALA A 250 -10.48 -22.58 16.02
C ALA A 250 -10.84 -23.79 15.16
N LEU A 251 -11.06 -23.59 13.87
CA LEU A 251 -11.55 -24.65 12.98
C LEU A 251 -10.43 -25.36 12.23
N THR A 252 -9.17 -25.13 12.60
CA THR A 252 -8.09 -25.85 11.93
C THR A 252 -8.30 -27.35 12.01
N ALA A 253 -8.76 -27.84 13.16
CA ALA A 253 -8.97 -29.27 13.36
C ALA A 253 -10.08 -29.84 12.48
N GLU A 254 -10.71 -29.02 11.65
CA GLU A 254 -11.67 -29.52 10.68
C GLU A 254 -11.00 -29.98 9.38
N SER A 255 -9.70 -29.74 9.22
CA SER A 255 -9.00 -30.18 8.03
C SER A 255 -8.59 -31.65 8.08
N HIS A 256 -8.72 -32.29 9.22
CA HIS A 256 -8.25 -33.66 9.41
C HIS A 256 -9.41 -34.64 9.33
N VAL A 257 -9.10 -35.87 8.90
CA VAL A 257 -10.13 -36.88 8.76
C VAL A 257 -10.75 -37.17 10.12
N ASP A 258 -12.07 -37.26 10.15
CA ASP A 258 -12.83 -37.49 11.37
C ASP A 258 -12.59 -36.42 12.43
N THR A 259 -12.08 -35.26 12.02
CA THR A 259 -11.91 -34.07 12.86
C THR A 259 -10.82 -34.23 13.92
N ASP A 260 -10.19 -35.40 14.02
CA ASP A 260 -9.15 -35.61 15.01
C ASP A 260 -7.87 -34.89 14.59
N LEU A 261 -7.23 -34.23 15.56
CA LEU A 261 -6.00 -33.51 15.24
C LEU A 261 -4.87 -34.47 14.84
N THR A 262 -4.77 -35.62 15.53
CA THR A 262 -3.65 -36.52 15.26
C THR A 262 -3.70 -37.06 13.84
N LYS A 263 -4.88 -37.44 13.37
CA LYS A 263 -4.98 -38.10 12.08
C LYS A 263 -4.64 -37.12 10.95
N PRO A 264 -4.22 -37.65 9.80
CA PRO A 264 -3.69 -36.78 8.74
C PRO A 264 -4.77 -35.95 8.07
N TYR A 265 -4.30 -34.99 7.29
CA TYR A 265 -5.20 -34.08 6.58
C TYR A 265 -6.14 -34.86 5.66
N ILE A 266 -7.38 -34.40 5.56
CA ILE A 266 -8.34 -35.02 4.64
C ILE A 266 -7.97 -34.63 3.22
N LYS A 267 -7.81 -35.62 2.36
CA LYS A 267 -7.36 -35.40 0.98
C LYS A 267 -8.56 -35.04 0.13
N TRP A 268 -8.83 -33.73 0.03
CA TRP A 268 -9.88 -33.27 -0.87
C TRP A 268 -9.46 -33.50 -2.31
N ASP A 269 -10.33 -34.13 -3.10
CA ASP A 269 -10.04 -34.28 -4.52
C ASP A 269 -9.90 -32.92 -5.16
N LEU A 270 -8.82 -32.74 -5.93
CA LEU A 270 -8.47 -31.41 -6.42
C LEU A 270 -9.55 -30.84 -7.33
N LEU A 271 -10.28 -31.69 -8.04
CA LEU A 271 -11.30 -31.22 -8.98
C LEU A 271 -12.51 -30.60 -8.30
N LYS A 272 -12.64 -30.74 -6.98
CA LYS A 272 -13.83 -30.25 -6.29
C LYS A 272 -13.75 -28.74 -6.11
N TYR A 273 -14.82 -28.05 -6.49
CA TYR A 273 -14.94 -26.62 -6.30
C TYR A 273 -16.21 -26.21 -5.59
N ASP A 274 -17.27 -27.00 -5.66
CA ASP A 274 -18.55 -26.68 -5.05
C ASP A 274 -18.57 -27.27 -3.65
N PHE A 275 -18.13 -26.48 -2.67
CA PHE A 275 -18.13 -26.89 -1.27
C PHE A 275 -19.38 -26.43 -0.53
N THR A 276 -20.50 -26.28 -1.23
CA THR A 276 -21.72 -25.81 -0.56
C THR A 276 -22.17 -26.77 0.52
N GLU A 277 -22.12 -28.08 0.25
CA GLU A 277 -22.52 -29.05 1.27
C GLU A 277 -21.64 -28.95 2.49
N GLU A 278 -20.33 -28.83 2.31
CA GLU A 278 -19.42 -28.72 3.46
C GLU A 278 -19.68 -27.44 4.24
N ARG A 279 -19.91 -26.32 3.56
CA ARG A 279 -20.19 -25.08 4.27
C ARG A 279 -21.46 -25.20 5.11
N LEU A 280 -22.52 -25.74 4.50
CA LEU A 280 -23.77 -25.89 5.25
C LEU A 280 -23.59 -26.83 6.43
N LYS A 281 -22.86 -27.92 6.24
CA LYS A 281 -22.65 -28.87 7.33
C LYS A 281 -21.86 -28.23 8.47
N LEU A 282 -20.81 -27.48 8.14
CA LEU A 282 -20.05 -26.80 9.18
C LEU A 282 -20.92 -25.80 9.93
N PHE A 283 -21.72 -25.01 9.20
CA PHE A 283 -22.57 -24.04 9.85
C PHE A 283 -23.57 -24.71 10.78
N ASP A 284 -24.18 -25.81 10.33
CA ASP A 284 -25.13 -26.51 11.18
C ASP A 284 -24.45 -27.27 12.31
N ARG A 285 -23.15 -27.50 12.23
CA ARG A 285 -22.44 -28.17 13.32
C ARG A 285 -22.01 -27.20 14.41
N TYR A 286 -21.50 -26.02 14.04
CA TYR A 286 -20.99 -25.07 15.02
C TYR A 286 -21.99 -23.97 15.34
N PHE A 287 -22.44 -23.22 14.33
CA PHE A 287 -23.38 -22.12 14.54
C PHE A 287 -24.81 -22.59 14.27
N LYS A 288 -25.21 -23.62 15.01
CA LYS A 288 -26.49 -24.27 14.74
C LYS A 288 -27.65 -23.30 14.95
N TYR A 289 -27.61 -22.54 16.05
CA TYR A 289 -28.75 -21.71 16.45
C TYR A 289 -28.58 -20.26 16.10
N TRP A 290 -27.61 -19.91 15.26
CA TRP A 290 -27.55 -18.57 14.70
C TRP A 290 -28.77 -18.37 13.81
N ASP A 291 -29.74 -17.59 14.29
CA ASP A 291 -31.07 -17.62 13.70
C ASP A 291 -31.06 -17.15 12.24
N GLN A 292 -30.31 -16.10 11.93
CA GLN A 292 -30.38 -15.54 10.59
C GLN A 292 -29.93 -16.56 9.56
N THR A 293 -30.58 -16.51 8.39
CA THR A 293 -30.30 -17.48 7.34
C THR A 293 -28.88 -17.31 6.83
N TYR A 294 -28.25 -18.43 6.48
CA TYR A 294 -26.89 -18.45 5.96
C TYR A 294 -26.93 -19.03 4.54
N HIS A 295 -26.50 -18.23 3.58
CA HIS A 295 -26.44 -18.66 2.19
C HIS A 295 -24.98 -18.91 1.83
N PRO A 296 -24.54 -20.15 1.68
CA PRO A 296 -23.10 -20.37 1.43
C PRO A 296 -22.60 -19.63 0.20
N ASN A 297 -23.38 -19.59 -0.86
CA ASN A 297 -23.07 -18.80 -2.05
C ASN A 297 -23.81 -17.47 -1.94
N CYS A 298 -23.06 -16.38 -1.83
CA CYS A 298 -23.69 -15.08 -1.63
C CYS A 298 -24.48 -14.63 -2.84
N VAL A 299 -24.38 -15.32 -3.98
CA VAL A 299 -25.07 -14.90 -5.19
C VAL A 299 -26.56 -14.75 -4.93
N ASN A 300 -27.10 -15.50 -3.97
CA ASN A 300 -28.52 -15.48 -3.66
C ASN A 300 -28.80 -14.80 -2.31
N CYS A 301 -28.04 -13.76 -1.99
CA CYS A 301 -28.30 -12.97 -0.80
C CYS A 301 -29.40 -11.95 -1.08
N LEU A 302 -29.70 -11.11 -0.08
CA LEU A 302 -30.85 -10.23 -0.14
C LEU A 302 -30.51 -8.76 -0.30
N ASP A 303 -29.41 -8.29 0.26
CA ASP A 303 -29.05 -6.87 0.18
C ASP A 303 -27.62 -6.72 0.67
N ASP A 304 -27.16 -5.46 0.77
CA ASP A 304 -25.80 -5.17 1.18
C ASP A 304 -25.49 -5.67 2.58
N ARG A 305 -26.50 -5.88 3.42
CA ARG A 305 -26.30 -6.30 4.79
C ARG A 305 -26.38 -7.82 4.97
N CYS A 306 -26.85 -8.54 3.96
CA CYS A 306 -26.77 -9.99 3.98
C CYS A 306 -25.49 -10.50 3.33
N ILE A 307 -24.95 -9.78 2.34
CA ILE A 307 -23.68 -10.17 1.77
C ILE A 307 -22.60 -10.10 2.83
N LEU A 308 -22.62 -9.07 3.68
CA LEU A 308 -21.63 -8.99 4.74
C LEU A 308 -21.73 -10.18 5.69
N HIS A 309 -22.94 -10.56 6.06
CA HIS A 309 -23.12 -11.68 6.99
C HIS A 309 -22.64 -12.99 6.37
N CYS A 310 -23.10 -13.30 5.17
CA CYS A 310 -22.69 -14.54 4.52
C CYS A 310 -21.20 -14.57 4.26
N ALA A 311 -20.62 -13.45 3.81
CA ALA A 311 -19.19 -13.41 3.56
C ALA A 311 -18.39 -13.51 4.84
N ASN A 312 -18.90 -12.95 5.94
CA ASN A 312 -18.19 -13.07 7.21
C ASN A 312 -18.20 -14.50 7.71
N PHE A 313 -19.24 -15.27 7.39
CA PHE A 313 -19.21 -16.69 7.74
C PHE A 313 -18.29 -17.46 6.79
N ASN A 314 -18.31 -17.12 5.51
CA ASN A 314 -17.47 -17.84 4.55
C ASN A 314 -15.98 -17.58 4.79
N VAL A 315 -15.61 -16.39 5.28
CA VAL A 315 -14.20 -16.13 5.53
C VAL A 315 -13.64 -16.97 6.67
N LEU A 316 -14.51 -17.65 7.42
CA LEU A 316 -14.10 -18.66 8.40
C LEU A 316 -14.30 -20.07 7.90
N PHE A 317 -15.36 -20.33 7.14
CA PHE A 317 -15.58 -21.69 6.64
C PHE A 317 -14.72 -22.01 5.42
N SER A 318 -13.97 -21.05 4.90
CA SER A 318 -13.07 -21.30 3.78
C SER A 318 -11.62 -21.45 4.21
N THR A 319 -11.33 -21.41 5.50
CA THR A 319 -10.00 -21.72 6.01
C THR A 319 -9.83 -23.21 6.29
N VAL A 320 -10.84 -24.01 6.01
CA VAL A 320 -10.75 -25.46 6.11
C VAL A 320 -10.49 -26.10 4.76
N PHE A 321 -11.02 -25.52 3.69
CA PHE A 321 -10.95 -26.09 2.36
C PHE A 321 -9.61 -25.74 1.70
N PRO A 322 -9.13 -26.57 0.77
CA PRO A 322 -7.78 -26.39 0.27
C PRO A 322 -7.63 -25.07 -0.47
N PRO A 323 -6.45 -24.44 -0.42
CA PRO A 323 -6.26 -23.18 -1.16
C PRO A 323 -6.15 -23.37 -2.65
N THR A 324 -6.08 -24.60 -3.13
CA THR A 324 -5.95 -24.87 -4.56
C THR A 324 -7.29 -25.14 -5.23
N SER A 325 -8.40 -24.95 -4.52
CA SER A 325 -9.73 -25.08 -5.10
C SER A 325 -10.41 -23.75 -5.34
N PHE A 326 -9.89 -22.67 -4.77
CA PHE A 326 -10.43 -21.34 -5.00
C PHE A 326 -9.92 -20.84 -6.35
N GLY A 327 -10.12 -19.55 -6.63
CA GLY A 327 -9.68 -18.99 -7.88
C GLY A 327 -10.63 -19.33 -9.01
N PRO A 328 -10.33 -18.86 -10.22
CA PRO A 328 -11.28 -19.01 -11.32
C PRO A 328 -11.61 -20.46 -11.60
N LEU A 329 -12.83 -20.69 -12.04
CA LEU A 329 -13.24 -21.97 -12.60
C LEU A 329 -13.16 -21.85 -14.11
N VAL A 330 -12.46 -22.79 -14.75
CA VAL A 330 -12.24 -22.74 -16.19
C VAL A 330 -13.15 -23.76 -16.86
N ARG A 331 -13.31 -23.61 -18.17
CA ARG A 331 -14.17 -24.48 -18.95
C ARG A 331 -13.73 -24.39 -20.40
N LYS A 332 -13.92 -25.48 -21.14
CA LYS A 332 -13.55 -25.53 -22.56
C LYS A 332 -14.75 -25.06 -23.38
N ILE A 333 -14.64 -23.86 -23.96
CA ILE A 333 -15.62 -23.35 -24.91
C ILE A 333 -15.03 -23.44 -26.30
N PHE A 334 -15.81 -23.92 -27.25
CA PHE A 334 -15.36 -24.05 -28.62
C PHE A 334 -15.75 -22.79 -29.39
N VAL A 335 -14.77 -22.13 -30.01
CA VAL A 335 -15.04 -20.97 -30.84
C VAL A 335 -14.66 -21.27 -32.28
N ASP A 336 -15.65 -21.67 -33.08
CA ASP A 336 -15.41 -22.07 -34.47
C ASP A 336 -14.47 -23.26 -34.54
N GLY A 337 -14.71 -24.24 -33.66
CA GLY A 337 -14.02 -25.51 -33.72
C GLY A 337 -12.69 -25.56 -32.98
N VAL A 338 -12.21 -24.44 -32.46
CA VAL A 338 -10.97 -24.41 -31.68
C VAL A 338 -11.35 -24.36 -30.21
N PRO A 339 -10.80 -25.24 -29.36
CA PRO A 339 -11.18 -25.24 -27.94
C PRO A 339 -10.34 -24.30 -27.10
N PHE A 340 -10.98 -23.29 -26.49
CA PHE A 340 -10.34 -22.44 -25.53
C PHE A 340 -10.42 -23.06 -24.14
N VAL A 341 -9.82 -22.39 -23.17
CA VAL A 341 -10.02 -22.68 -21.76
C VAL A 341 -10.26 -21.34 -21.09
N VAL A 342 -11.52 -20.97 -20.95
CA VAL A 342 -11.90 -19.64 -20.50
C VAL A 342 -12.56 -19.74 -19.13
N SER A 343 -12.43 -18.69 -18.33
CA SER A 343 -13.10 -18.67 -17.04
C SER A 343 -14.60 -18.55 -17.22
N THR A 344 -15.34 -19.43 -16.57
CA THR A 344 -16.80 -19.42 -16.55
C THR A 344 -17.28 -19.41 -15.13
N GLY A 345 -16.72 -18.54 -14.31
CA GLY A 345 -17.14 -18.38 -12.95
C GLY A 345 -15.96 -17.99 -12.07
N TYR A 346 -16.15 -18.19 -10.78
CA TYR A 346 -15.14 -17.91 -9.78
C TYR A 346 -15.59 -18.57 -8.49
N HIS A 347 -14.63 -18.89 -7.63
CA HIS A 347 -14.91 -19.48 -6.32
C HIS A 347 -14.22 -18.59 -5.29
N PHE A 348 -14.90 -17.54 -4.86
CA PHE A 348 -14.29 -16.61 -3.92
C PHE A 348 -14.14 -17.26 -2.56
N ARG A 349 -13.15 -16.79 -1.80
CA ARG A 349 -13.01 -17.25 -0.44
C ARG A 349 -14.18 -16.82 0.42
N GLU A 350 -14.77 -15.66 0.12
CA GLU A 350 -15.85 -15.10 0.92
C GLU A 350 -17.22 -15.24 0.26
N LEU A 351 -17.36 -14.78 -0.99
CA LEU A 351 -18.66 -14.74 -1.65
C LEU A 351 -19.06 -16.09 -2.24
N GLY A 352 -18.45 -17.19 -1.82
CA GLY A 352 -18.88 -18.49 -2.31
C GLY A 352 -18.60 -18.65 -3.79
N VAL A 353 -19.40 -19.48 -4.44
CA VAL A 353 -19.24 -19.77 -5.87
C VAL A 353 -20.12 -18.82 -6.66
N VAL A 354 -19.52 -18.12 -7.61
CA VAL A 354 -20.23 -17.23 -8.52
C VAL A 354 -20.10 -17.81 -9.92
N HIS A 355 -21.22 -17.91 -10.63
CA HIS A 355 -21.25 -18.45 -11.98
C HIS A 355 -21.67 -17.38 -12.97
N ASN A 356 -20.98 -17.31 -14.09
CA ASN A 356 -21.36 -16.38 -15.14
C ASN A 356 -22.72 -16.75 -15.72
N GLN A 357 -23.46 -15.73 -16.15
CA GLN A 357 -24.75 -15.95 -16.78
C GLN A 357 -24.67 -15.99 -18.30
N ASP A 358 -23.65 -15.41 -18.89
CA ASP A 358 -23.48 -15.35 -20.35
C ASP A 358 -22.30 -16.24 -20.72
N VAL A 359 -22.57 -17.53 -20.91
CA VAL A 359 -21.60 -18.48 -21.43
C VAL A 359 -22.15 -19.01 -22.75
N ASN A 360 -21.36 -18.87 -23.81
CA ASN A 360 -21.80 -19.21 -25.16
C ASN A 360 -20.74 -20.13 -25.79
N LEU A 361 -20.91 -21.43 -25.59
CA LEU A 361 -20.09 -22.39 -26.31
C LEU A 361 -20.43 -22.34 -27.79
N HIS A 362 -19.46 -22.70 -28.63
CA HIS A 362 -19.65 -22.75 -30.07
C HIS A 362 -19.91 -21.35 -30.64
N SER A 363 -19.12 -20.38 -30.19
CA SER A 363 -19.17 -19.06 -30.79
C SER A 363 -18.43 -19.06 -32.13
N SER A 364 -18.72 -18.05 -32.94
CA SER A 364 -18.15 -17.95 -34.29
C SER A 364 -17.15 -16.81 -34.40
N ARG A 365 -17.56 -15.58 -34.08
CA ARG A 365 -16.72 -14.42 -34.21
C ARG A 365 -16.28 -13.93 -32.84
N LEU A 366 -15.07 -13.38 -32.78
CA LEU A 366 -14.52 -12.76 -31.58
C LEU A 366 -14.27 -11.29 -31.88
N SER A 367 -15.16 -10.43 -31.41
CA SER A 367 -14.99 -8.99 -31.58
C SER A 367 -13.88 -8.52 -30.66
N PHE A 368 -13.64 -7.21 -30.63
CA PHE A 368 -12.58 -6.68 -29.78
C PHE A 368 -12.91 -6.86 -28.31
N LYS A 369 -14.18 -6.71 -27.93
CA LYS A 369 -14.55 -6.86 -26.53
C LYS A 369 -14.27 -8.27 -26.03
N GLU A 370 -14.65 -9.28 -26.83
CA GLU A 370 -14.45 -10.66 -26.39
C GLU A 370 -12.97 -11.00 -26.34
N LEU A 371 -12.18 -10.52 -27.30
CA LEU A 371 -10.74 -10.73 -27.23
C LEU A 371 -10.15 -10.04 -26.01
N LEU A 372 -10.63 -8.85 -25.68
CA LEU A 372 -10.14 -8.16 -24.49
C LEU A 372 -10.47 -8.95 -23.23
N VAL A 373 -11.66 -9.56 -23.19
CA VAL A 373 -12.06 -10.32 -22.01
C VAL A 373 -11.24 -11.60 -21.89
N TYR A 374 -11.00 -12.29 -23.02
CA TYR A 374 -10.28 -13.56 -22.96
C TYR A 374 -8.79 -13.36 -22.71
N ALA A 375 -8.19 -12.36 -23.35
CA ALA A 375 -6.76 -12.13 -23.19
C ALA A 375 -6.41 -11.63 -21.79
N ALA A 376 -7.39 -11.18 -21.02
CA ALA A 376 -7.15 -10.75 -19.65
C ALA A 376 -7.34 -11.88 -18.65
N ASP A 377 -8.21 -12.84 -18.95
CA ASP A 377 -8.45 -13.93 -18.01
C ASP A 377 -7.16 -14.72 -17.80
N PRO A 378 -6.83 -15.08 -16.56
CA PRO A 378 -5.64 -15.89 -16.31
C PRO A 378 -5.79 -17.36 -16.66
N ALA A 379 -6.95 -17.79 -17.15
CA ALA A 379 -7.12 -19.19 -17.50
C ALA A 379 -6.14 -19.61 -18.59
N MET A 380 -6.12 -18.86 -19.69
CA MET A 380 -5.20 -19.19 -20.77
C MET A 380 -3.75 -19.07 -20.34
N HIS A 381 -3.42 -18.02 -19.59
CA HIS A 381 -2.03 -17.75 -19.26
C HIS A 381 -1.47 -18.78 -18.28
N ALA A 382 -2.23 -19.09 -17.22
CA ALA A 382 -1.79 -20.02 -16.20
C ALA A 382 -2.09 -21.47 -16.54
N ALA A 383 -2.87 -21.74 -17.58
CA ALA A 383 -3.07 -23.10 -18.04
C ALA A 383 -2.06 -23.52 -19.09
N SER A 384 -1.56 -22.55 -19.87
CA SER A 384 -0.52 -22.82 -20.86
C SER A 384 0.88 -22.60 -20.31
N GLY A 385 1.02 -22.19 -19.05
CA GLY A 385 2.30 -22.03 -18.42
C GLY A 385 2.71 -23.28 -17.68
N ASN A 386 4.00 -23.35 -17.36
CA ASN A 386 4.56 -24.52 -16.69
C ASN A 386 4.60 -24.32 -15.19
N LEU A 387 4.22 -25.36 -14.45
CA LEU A 387 4.08 -25.26 -13.00
C LEU A 387 5.31 -24.60 -12.39
N LEU A 388 5.12 -23.98 -11.24
CA LEU A 388 6.20 -23.26 -10.58
C LEU A 388 5.99 -23.31 -9.08
N LEU A 389 7.03 -23.74 -8.36
CA LEU A 389 7.02 -23.84 -6.90
C LEU A 389 8.05 -22.83 -6.38
N ASP A 390 7.61 -21.60 -6.15
CA ASP A 390 8.49 -20.54 -5.69
C ASP A 390 8.59 -20.60 -4.18
N LYS A 391 9.78 -20.90 -3.67
CA LYS A 391 10.02 -21.03 -2.24
C LYS A 391 10.59 -19.76 -1.63
N ARG A 392 10.62 -18.66 -2.37
CA ARG A 392 11.00 -17.37 -1.81
C ARG A 392 9.88 -16.71 -1.02
N THR A 393 8.65 -17.17 -1.17
CA THR A 393 7.49 -16.56 -0.54
C THR A 393 6.61 -17.64 0.09
N THR A 394 5.54 -17.19 0.75
CA THR A 394 4.52 -18.08 1.28
C THR A 394 3.23 -18.05 0.47
N CYS A 395 3.01 -17.00 -0.32
CA CYS A 395 1.81 -16.91 -1.14
C CYS A 395 1.80 -18.01 -2.19
N PHE A 396 0.60 -18.51 -2.47
CA PHE A 396 0.45 -19.58 -3.45
C PHE A 396 1.09 -19.16 -4.77
N SER A 397 1.39 -20.15 -5.61
CA SER A 397 2.01 -19.92 -6.90
C SER A 397 1.29 -20.75 -7.95
N VAL A 398 0.90 -20.10 -9.05
CA VAL A 398 0.06 -20.73 -10.06
C VAL A 398 0.89 -21.27 -11.22
N ALA A 399 1.69 -20.42 -11.85
CA ALA A 399 2.46 -20.85 -13.02
C ALA A 399 3.55 -19.84 -13.30
N ALA A 400 4.42 -20.19 -14.25
CA ALA A 400 5.51 -19.34 -14.71
C ALA A 400 5.28 -19.08 -16.19
N LEU A 401 4.76 -17.90 -16.51
CA LEU A 401 4.44 -17.60 -17.90
C LEU A 401 5.67 -17.70 -18.78
N THR A 402 6.79 -17.13 -18.34
CA THR A 402 8.04 -17.19 -19.08
C THR A 402 8.68 -18.57 -18.85
N ASN A 403 9.94 -18.71 -19.26
CA ASN A 403 10.69 -19.93 -19.03
C ASN A 403 11.62 -19.85 -17.83
N ASN A 404 12.18 -18.68 -17.56
CA ASN A 404 13.06 -18.48 -16.42
C ASN A 404 12.65 -17.21 -15.69
N VAL A 405 12.81 -17.23 -14.37
CA VAL A 405 12.41 -16.08 -13.56
C VAL A 405 13.23 -14.86 -13.98
N ALA A 406 12.64 -13.68 -13.78
CA ALA A 406 13.28 -12.41 -14.07
C ALA A 406 13.49 -11.64 -12.77
N PHE A 407 14.73 -11.22 -12.53
CA PHE A 407 15.09 -10.47 -11.34
C PHE A 407 15.23 -9.00 -11.69
N GLN A 408 14.53 -8.14 -10.97
CA GLN A 408 14.55 -6.71 -11.18
C GLN A 408 15.25 -6.04 -10.01
N THR A 409 16.31 -5.28 -10.31
CA THR A 409 17.04 -4.54 -9.30
C THR A 409 16.44 -3.14 -9.19
N VAL A 410 17.06 -2.28 -8.37
CA VAL A 410 16.65 -0.89 -8.24
C VAL A 410 17.90 -0.03 -8.28
N LYS A 411 17.91 0.96 -9.15
CA LYS A 411 19.08 1.81 -9.29
C LYS A 411 19.27 2.67 -8.03
N PRO A 412 20.49 3.14 -7.78
CA PRO A 412 20.78 3.80 -6.51
C PRO A 412 20.40 5.28 -6.44
N GLY A 413 19.93 5.88 -7.53
CA GLY A 413 19.53 7.27 -7.49
C GLY A 413 20.68 8.22 -7.72
N ASN A 414 20.53 9.11 -8.70
CA ASN A 414 21.62 9.97 -9.11
C ASN A 414 21.91 11.00 -8.02
N PHE A 415 22.93 11.82 -8.27
CA PHE A 415 23.41 12.79 -7.31
C PHE A 415 23.54 14.15 -8.00
N ASN A 416 23.21 15.21 -7.27
CA ASN A 416 23.21 16.58 -7.79
C ASN A 416 24.40 17.30 -7.16
N LYS A 417 25.57 17.18 -7.81
CA LYS A 417 26.81 17.63 -7.18
C LYS A 417 26.82 19.14 -6.99
N ASP A 418 26.39 19.90 -8.00
CA ASP A 418 26.46 21.36 -7.89
C ASP A 418 25.57 21.87 -6.77
N PHE A 419 24.35 21.32 -6.65
CA PHE A 419 23.47 21.77 -5.58
C PHE A 419 24.03 21.44 -4.22
N TYR A 420 24.60 20.24 -4.06
CA TYR A 420 25.17 19.89 -2.77
C TYR A 420 26.37 20.78 -2.43
N ASP A 421 27.20 21.08 -3.42
CA ASP A 421 28.32 22.00 -3.17
C ASP A 421 27.80 23.37 -2.75
N PHE A 422 26.76 23.87 -3.43
CA PHE A 422 26.20 25.16 -3.05
C PHE A 422 25.67 25.13 -1.63
N ALA A 423 24.93 24.09 -1.27
CA ALA A 423 24.41 23.97 0.08
C ALA A 423 25.54 23.95 1.10
N VAL A 424 26.56 23.11 0.87
CA VAL A 424 27.66 23.01 1.82
C VAL A 424 28.37 24.35 1.96
N SER A 425 28.49 25.09 0.85
CA SER A 425 29.07 26.42 0.93
C SER A 425 28.24 27.32 1.82
N LYS A 426 26.92 27.26 1.69
CA LYS A 426 26.02 28.08 2.50
C LYS A 426 25.73 27.44 3.85
N GLY A 427 26.76 27.01 4.55
CA GLY A 427 26.63 26.62 5.95
C GLY A 427 25.58 25.55 6.21
N PHE A 428 25.51 24.53 5.36
CA PHE A 428 24.57 23.43 5.53
C PHE A 428 25.32 22.14 5.77
N PHE A 429 24.59 21.15 6.30
CA PHE A 429 25.12 19.81 6.49
C PHE A 429 26.37 19.82 7.36
N LYS A 430 26.43 20.75 8.33
CA LYS A 430 27.53 20.77 9.27
C LYS A 430 27.42 19.56 10.21
N GLU A 431 28.36 19.46 11.14
CA GLU A 431 28.39 18.36 12.09
C GLU A 431 27.47 18.71 13.26
N GLY A 432 26.35 18.00 13.38
CA GLY A 432 25.41 18.25 14.44
C GLY A 432 24.54 19.46 14.19
N SER A 433 23.72 19.40 13.14
CA SER A 433 22.81 20.49 12.79
C SER A 433 21.37 19.99 12.84
N SER A 434 20.45 20.94 13.06
CA SER A 434 19.04 20.60 13.16
C SER A 434 18.46 20.10 11.85
N VAL A 435 19.09 20.43 10.72
CA VAL A 435 18.66 19.97 9.40
C VAL A 435 19.76 19.11 8.82
N GLU A 436 19.40 17.93 8.32
CA GLU A 436 20.37 16.97 7.82
C GLU A 436 19.73 16.13 6.73
N LEU A 437 20.57 15.54 5.89
CA LEU A 437 20.08 14.65 4.84
C LEU A 437 19.58 13.35 5.47
N LYS A 438 18.30 13.06 5.28
CA LYS A 438 17.68 11.86 5.83
C LYS A 438 16.85 11.10 4.82
N HIS A 439 16.48 11.68 3.68
CA HIS A 439 15.70 11.03 2.65
C HIS A 439 16.63 10.72 1.48
N PHE A 440 16.85 9.43 1.23
CA PHE A 440 17.79 8.97 0.22
C PHE A 440 17.09 8.07 -0.78
N PHE A 441 17.73 7.88 -1.93
CA PHE A 441 17.32 6.90 -2.92
C PHE A 441 18.00 5.58 -2.57
N PHE A 442 17.24 4.65 -2.01
CA PHE A 442 17.79 3.36 -1.60
C PHE A 442 17.74 2.38 -2.78
N ALA A 443 18.80 1.58 -2.91
CA ALA A 443 18.90 0.56 -3.92
C ALA A 443 18.58 -0.81 -3.32
N GLN A 444 18.15 -1.73 -4.18
CA GLN A 444 17.73 -3.05 -3.76
C GLN A 444 18.36 -4.11 -4.64
N ASP A 445 18.50 -5.31 -4.08
CA ASP A 445 19.13 -6.41 -4.79
C ASP A 445 18.13 -6.99 -5.81
N GLY A 446 18.49 -8.13 -6.40
CA GLY A 446 17.71 -8.66 -7.51
C GLY A 446 16.27 -8.99 -7.13
N ASN A 447 16.07 -9.59 -5.97
CA ASN A 447 14.78 -10.15 -5.58
C ASN A 447 14.00 -9.22 -4.67
N ALA A 448 14.06 -7.91 -4.92
CA ALA A 448 13.31 -6.96 -4.11
C ALA A 448 11.81 -7.07 -4.36
N ALA A 449 11.41 -7.17 -5.63
CA ALA A 449 9.98 -7.18 -5.95
C ALA A 449 9.28 -8.36 -5.30
N ILE A 450 9.90 -9.55 -5.37
CA ILE A 450 9.27 -10.72 -4.78
C ILE A 450 9.21 -10.59 -3.27
N SER A 451 10.21 -9.96 -2.65
CA SER A 451 10.17 -9.76 -1.21
C SER A 451 9.03 -8.84 -0.81
N ASP A 452 8.86 -7.73 -1.53
CA ASP A 452 7.80 -6.81 -1.16
C ASP A 452 6.43 -7.33 -1.54
N TYR A 453 6.34 -8.29 -2.47
CA TYR A 453 5.08 -9.00 -2.62
C TYR A 453 4.87 -9.98 -1.47
N ASP A 454 5.92 -10.69 -1.08
CA ASP A 454 5.83 -11.62 0.04
C ASP A 454 5.41 -10.93 1.32
N TYR A 455 5.62 -9.61 1.40
CA TYR A 455 5.12 -8.85 2.54
C TYR A 455 3.65 -9.10 2.81
N TYR A 456 2.93 -9.68 1.84
CA TYR A 456 1.52 -9.99 2.04
C TYR A 456 1.29 -11.03 3.12
N ARG A 457 2.32 -11.75 3.55
CA ARG A 457 2.15 -12.73 4.62
C ARG A 457 1.53 -12.12 5.87
N TYR A 458 1.51 -10.79 5.99
CA TYR A 458 0.86 -10.12 7.10
C TYR A 458 -0.66 -10.13 6.97
N ASN A 459 -1.20 -10.48 5.81
CA ASN A 459 -2.64 -10.49 5.59
C ASN A 459 -3.19 -11.86 5.95
N LEU A 460 -3.90 -11.94 7.07
CA LEU A 460 -4.46 -13.18 7.57
C LEU A 460 -5.97 -13.19 7.37
N PRO A 461 -6.58 -14.37 7.24
CA PRO A 461 -8.05 -14.42 7.15
C PRO A 461 -8.69 -13.98 8.45
N THR A 462 -9.39 -12.86 8.43
CA THR A 462 -9.94 -12.26 9.64
C THR A 462 -11.45 -12.32 9.60
N MET A 463 -12.05 -12.93 10.62
CA MET A 463 -13.49 -12.90 10.80
C MET A 463 -13.84 -11.69 11.64
N CYS A 464 -14.80 -10.89 11.17
CA CYS A 464 -15.20 -9.65 11.82
C CYS A 464 -16.48 -9.88 12.61
N ASP A 465 -16.51 -9.41 13.83
CA ASP A 465 -17.75 -9.42 14.61
C ASP A 465 -18.86 -8.85 13.77
N ILE A 466 -19.87 -9.66 13.47
CA ILE A 466 -20.82 -9.29 12.43
C ILE A 466 -21.90 -8.37 12.97
N ARG A 467 -22.42 -8.59 14.17
CA ARG A 467 -23.44 -7.70 14.69
C ARG A 467 -22.89 -6.32 15.01
N GLN A 468 -21.58 -6.18 15.08
CA GLN A 468 -20.94 -4.89 15.25
C GLN A 468 -20.58 -4.27 13.90
N LEU A 469 -20.17 -5.11 12.93
CA LEU A 469 -19.84 -4.59 11.61
C LEU A 469 -21.08 -4.12 10.87
N LEU A 470 -22.21 -4.81 11.05
CA LEU A 470 -23.44 -4.42 10.37
C LEU A 470 -24.02 -3.12 10.89
N PHE A 471 -23.52 -2.60 12.01
CA PHE A 471 -23.90 -1.30 12.54
C PHE A 471 -22.84 -0.24 12.28
N VAL A 472 -21.56 -0.62 12.38
CA VAL A 472 -20.50 0.27 11.98
C VAL A 472 -20.61 0.62 10.50
N VAL A 473 -21.17 -0.29 9.69
CA VAL A 473 -21.34 0.01 8.28
C VAL A 473 -22.40 1.09 8.10
N GLU A 474 -23.49 1.03 8.87
CA GLU A 474 -24.49 2.08 8.79
C GLU A 474 -23.91 3.43 9.22
N VAL A 475 -23.20 3.45 10.35
CA VAL A 475 -22.64 4.71 10.83
C VAL A 475 -21.63 5.26 9.83
N VAL A 476 -20.79 4.39 9.27
CA VAL A 476 -19.83 4.82 8.25
C VAL A 476 -20.57 5.34 7.03
N ASP A 477 -21.70 4.74 6.69
CA ASP A 477 -22.48 5.21 5.55
C ASP A 477 -22.99 6.61 5.78
N LYS A 478 -23.39 6.93 7.02
CA LYS A 478 -23.83 8.28 7.30
C LYS A 478 -22.73 9.30 7.00
N TYR A 479 -21.47 8.89 7.10
CA TYR A 479 -20.38 9.79 6.73
C TYR A 479 -20.26 10.00 5.23
N PHE A 480 -20.96 9.19 4.43
CA PHE A 480 -20.91 9.29 2.97
C PHE A 480 -22.26 9.65 2.38
N ASP A 481 -23.19 10.16 3.19
CA ASP A 481 -24.52 10.50 2.71
C ASP A 481 -24.55 11.85 2.00
N CYS A 482 -23.54 12.69 2.20
CA CYS A 482 -23.51 13.99 1.54
C CYS A 482 -23.35 13.85 0.04
N TYR A 483 -22.52 12.90 -0.40
CA TYR A 483 -22.14 12.80 -1.80
C TYR A 483 -23.24 12.10 -2.60
N ASP A 484 -23.11 12.21 -3.92
CA ASP A 484 -24.04 11.58 -4.86
C ASP A 484 -23.25 10.86 -5.93
N GLY A 485 -23.80 9.76 -6.44
CA GLY A 485 -23.08 8.99 -7.43
C GLY A 485 -23.96 7.92 -8.03
N GLY A 486 -23.46 7.36 -9.13
CA GLY A 486 -24.18 6.33 -9.85
C GLY A 486 -23.38 5.84 -11.02
N CYS A 487 -23.99 5.00 -11.84
CA CYS A 487 -23.36 4.52 -13.05
C CYS A 487 -23.38 5.61 -14.11
N ILE A 488 -22.23 5.85 -14.73
CA ILE A 488 -22.11 6.84 -15.79
C ILE A 488 -21.86 6.13 -17.11
N ASN A 489 -22.38 6.72 -18.19
CA ASN A 489 -22.16 6.16 -19.51
C ASN A 489 -20.68 6.25 -19.85
N ALA A 490 -20.28 5.68 -20.99
CA ALA A 490 -18.87 5.64 -21.33
C ALA A 490 -18.33 7.01 -21.76
N ASN A 491 -19.19 7.92 -22.18
CA ASN A 491 -18.75 9.21 -22.70
C ASN A 491 -18.65 10.28 -21.63
N GLN A 492 -19.02 9.99 -20.39
CA GLN A 492 -18.86 10.91 -19.28
C GLN A 492 -17.63 10.59 -18.44
N VAL A 493 -16.83 9.61 -18.84
CA VAL A 493 -15.69 9.17 -18.04
C VAL A 493 -14.53 10.14 -18.26
N ILE A 494 -13.90 10.55 -17.16
CA ILE A 494 -12.73 11.42 -17.19
C ILE A 494 -11.55 10.61 -16.68
N VAL A 495 -10.54 10.46 -17.54
CA VAL A 495 -9.30 9.78 -17.19
C VAL A 495 -8.17 10.78 -17.37
N ASN A 496 -7.38 10.97 -16.31
CA ASN A 496 -6.41 12.06 -16.27
C ASN A 496 -5.44 11.97 -17.44
N ASN A 497 -4.62 10.92 -17.48
CA ASN A 497 -3.69 10.69 -18.57
C ASN A 497 -3.87 9.28 -19.10
N LEU A 498 -3.85 9.16 -20.43
CA LEU A 498 -4.06 7.90 -21.11
C LEU A 498 -2.75 7.23 -21.52
N ASP A 499 -1.62 7.78 -21.11
CA ASP A 499 -0.31 7.24 -21.48
C ASP A 499 0.36 6.55 -20.30
N LYS A 500 -0.41 5.81 -19.53
CA LYS A 500 0.09 5.01 -18.42
C LYS A 500 -0.26 3.55 -18.66
N SER A 501 0.69 2.66 -18.38
CA SER A 501 0.61 1.27 -18.82
C SER A 501 -0.70 0.62 -18.41
N ALA A 502 -1.02 -0.51 -19.05
CA ALA A 502 -2.33 -1.13 -18.92
C ALA A 502 -2.24 -2.54 -18.35
N GLY A 503 -1.46 -2.72 -17.29
CA GLY A 503 -1.42 -4.01 -16.61
C GLY A 503 -0.84 -5.10 -17.49
N PHE A 504 -1.34 -6.31 -17.29
CA PHE A 504 -0.87 -7.48 -18.02
C PHE A 504 -2.08 -8.27 -18.54
N PRO A 505 -2.01 -8.82 -19.77
CA PRO A 505 -0.94 -8.77 -20.77
C PRO A 505 -1.05 -7.59 -21.72
N PHE A 506 -1.94 -6.64 -21.41
CA PHE A 506 -2.22 -5.55 -22.33
C PHE A 506 -1.05 -4.58 -22.48
N ASN A 507 -0.06 -4.64 -21.58
CA ASN A 507 1.10 -3.75 -21.72
C ASN A 507 2.04 -4.22 -22.82
N LYS A 508 1.82 -5.40 -23.40
CA LYS A 508 2.69 -5.93 -24.43
C LYS A 508 2.38 -5.34 -25.81
N TRP A 509 1.33 -4.54 -25.94
CA TRP A 509 0.94 -3.99 -27.24
C TRP A 509 0.63 -2.51 -27.22
N GLY A 510 0.63 -1.85 -26.07
CA GLY A 510 0.42 -0.42 -26.05
C GLY A 510 0.08 0.06 -24.65
N LYS A 511 -0.01 1.39 -24.54
CA LYS A 511 -0.39 2.04 -23.29
C LYS A 511 -1.91 1.92 -23.13
N ALA A 512 -2.47 2.60 -22.12
CA ALA A 512 -3.91 2.63 -21.97
C ALA A 512 -4.58 3.46 -23.05
N ARG A 513 -3.83 4.35 -23.70
CA ARG A 513 -4.39 5.16 -24.78
C ARG A 513 -4.87 4.28 -25.92
N LEU A 514 -4.10 3.23 -26.25
CA LEU A 514 -4.49 2.34 -27.33
C LEU A 514 -5.83 1.69 -27.05
N TYR A 515 -6.03 1.20 -25.82
CA TYR A 515 -7.26 0.49 -25.49
C TYR A 515 -8.41 1.43 -25.16
N TYR A 516 -8.15 2.71 -24.92
CA TYR A 516 -9.22 3.67 -24.72
C TYR A 516 -9.67 4.34 -26.01
N ASP A 517 -8.79 4.42 -27.00
CA ASP A 517 -9.15 5.03 -28.28
C ASP A 517 -9.48 4.00 -29.36
N SER A 518 -9.07 2.75 -29.20
CA SER A 518 -9.35 1.73 -30.20
C SER A 518 -10.74 1.12 -30.06
N MET A 519 -11.45 1.41 -28.98
CA MET A 519 -12.78 0.87 -28.74
C MET A 519 -13.80 1.98 -28.78
N SER A 520 -14.83 1.80 -29.59
CA SER A 520 -15.92 2.76 -29.64
C SER A 520 -16.65 2.80 -28.30
N TYR A 521 -17.40 3.88 -28.10
CA TYR A 521 -18.11 4.04 -26.83
C TYR A 521 -19.14 2.94 -26.63
N GLU A 522 -19.81 2.52 -27.70
CA GLU A 522 -20.81 1.47 -27.56
C GLU A 522 -20.19 0.18 -27.07
N ASP A 523 -19.01 -0.17 -27.59
CA ASP A 523 -18.33 -1.38 -27.15
C ASP A 523 -17.76 -1.20 -25.74
N GLN A 524 -17.24 0.00 -25.45
CA GLN A 524 -16.70 0.27 -24.13
C GLN A 524 -17.80 0.21 -23.07
N ASP A 525 -19.05 0.44 -23.45
CA ASP A 525 -20.18 0.31 -22.54
C ASP A 525 -20.76 -1.09 -22.53
N ALA A 526 -20.69 -1.80 -23.66
CA ALA A 526 -21.09 -3.20 -23.70
C ALA A 526 -20.21 -4.04 -22.79
N LEU A 527 -18.91 -3.73 -22.74
CA LEU A 527 -18.03 -4.46 -21.82
C LEU A 527 -18.45 -4.24 -20.37
N PHE A 528 -18.83 -3.01 -20.02
CA PHE A 528 -19.27 -2.74 -18.66
C PHE A 528 -20.56 -3.48 -18.35
N ALA A 529 -21.55 -3.38 -19.25
CA ALA A 529 -22.80 -4.11 -19.04
C ALA A 529 -22.55 -5.60 -18.93
N TYR A 530 -21.55 -6.11 -19.64
CA TYR A 530 -21.17 -7.52 -19.50
C TYR A 530 -20.60 -7.81 -18.12
N THR A 531 -19.63 -6.99 -17.66
CA THR A 531 -19.08 -7.21 -16.34
C THR A 531 -20.16 -7.13 -15.27
N LYS A 532 -21.27 -6.46 -15.58
CA LYS A 532 -22.39 -6.40 -14.66
C LYS A 532 -23.20 -7.68 -14.63
N ARG A 533 -22.90 -8.65 -15.50
CA ARG A 533 -23.63 -9.92 -15.56
C ARG A 533 -22.73 -11.14 -15.47
N ASN A 534 -21.46 -10.98 -15.14
CA ASN A 534 -20.59 -12.13 -14.95
C ASN A 534 -19.22 -11.65 -14.47
N VAL A 535 -18.43 -12.59 -13.97
CA VAL A 535 -17.14 -12.29 -13.37
C VAL A 535 -16.05 -12.49 -14.41
N ILE A 536 -15.15 -11.52 -14.52
CA ILE A 536 -13.97 -11.61 -15.37
C ILE A 536 -12.73 -11.52 -14.49
N PRO A 537 -12.05 -12.62 -14.23
CA PRO A 537 -10.80 -12.55 -13.49
C PRO A 537 -9.73 -11.80 -14.28
N THR A 538 -8.76 -11.25 -13.56
CA THR A 538 -7.78 -10.38 -14.18
C THR A 538 -6.41 -10.61 -13.54
N ILE A 539 -5.36 -10.40 -14.34
CA ILE A 539 -3.98 -10.54 -13.89
C ILE A 539 -3.44 -9.16 -13.57
N THR A 540 -3.35 -8.84 -12.29
CA THR A 540 -2.63 -7.66 -11.87
C THR A 540 -1.13 -7.88 -12.01
N GLN A 541 -0.40 -6.79 -12.23
CA GLN A 541 1.06 -6.85 -12.32
C GLN A 541 1.65 -5.91 -11.28
N MET A 542 2.52 -6.42 -10.42
CA MET A 542 3.11 -5.63 -9.35
C MET A 542 4.42 -5.02 -9.82
N ASN A 543 4.45 -3.70 -9.92
CA ASN A 543 5.64 -2.96 -10.33
C ASN A 543 6.34 -2.40 -9.11
N LEU A 544 7.62 -2.06 -9.29
CA LEU A 544 8.40 -1.39 -8.26
C LEU A 544 8.29 0.11 -8.41
N LYS A 545 8.45 0.82 -7.30
CA LYS A 545 8.43 2.28 -7.28
C LYS A 545 9.84 2.79 -7.04
N TYR A 546 10.28 3.71 -7.90
CA TYR A 546 11.60 4.33 -7.80
C TYR A 546 11.40 5.74 -7.25
N ALA A 547 11.34 5.85 -5.94
CA ALA A 547 11.03 7.11 -5.28
C ALA A 547 11.92 7.32 -4.07
N ILE A 548 12.12 8.59 -3.71
CA ILE A 548 12.94 8.94 -2.57
C ILE A 548 12.18 8.63 -1.28
N SER A 549 12.86 8.00 -0.33
CA SER A 549 12.22 7.61 0.92
C SER A 549 13.25 7.58 2.03
N ALA A 550 12.75 7.65 3.27
CA ALA A 550 13.62 7.60 4.44
C ALA A 550 13.92 6.19 4.91
N LYS A 551 13.17 5.20 4.44
CA LYS A 551 13.38 3.81 4.79
C LYS A 551 13.48 2.99 3.52
N ASN A 552 14.17 1.85 3.63
CA ASN A 552 14.62 1.10 2.45
C ASN A 552 13.67 -0.04 2.08
N ARG A 553 12.37 0.12 2.28
CA ARG A 553 11.41 -0.82 1.72
C ARG A 553 11.04 -0.40 0.31
N ALA A 554 11.02 -1.38 -0.59
CA ALA A 554 10.78 -1.12 -2.01
C ALA A 554 9.29 -1.19 -2.28
N ARG A 555 8.61 -0.04 -2.13
CA ARG A 555 7.17 -0.02 -2.31
C ARG A 555 6.81 -0.57 -3.68
N THR A 556 5.85 -1.49 -3.70
CA THR A 556 5.33 -2.06 -4.94
C THR A 556 3.91 -1.59 -5.15
N VAL A 557 3.59 -1.28 -6.40
CA VAL A 557 2.28 -0.73 -6.79
C VAL A 557 1.65 -1.69 -7.79
N ALA A 558 0.38 -1.98 -7.58
CA ALA A 558 -0.31 -3.05 -8.31
C ALA A 558 -0.99 -2.47 -9.55
N GLY A 559 -0.26 -2.40 -10.65
CA GLY A 559 -0.85 -1.98 -11.90
C GLY A 559 -1.88 -2.98 -12.37
N VAL A 560 -3.15 -2.55 -12.43
CA VAL A 560 -4.27 -3.44 -12.74
C VAL A 560 -4.54 -3.41 -14.23
N SER A 561 -5.11 -4.49 -14.74
CA SER A 561 -5.37 -4.62 -16.16
C SER A 561 -6.41 -3.60 -16.61
N ILE A 562 -6.40 -3.30 -17.91
CA ILE A 562 -7.30 -2.27 -18.44
C ILE A 562 -8.75 -2.70 -18.30
N CYS A 563 -9.04 -3.99 -18.50
CA CYS A 563 -10.43 -4.43 -18.45
C CYS A 563 -11.04 -4.27 -17.06
N SER A 564 -10.22 -4.03 -16.03
CA SER A 564 -10.70 -3.80 -14.68
C SER A 564 -10.87 -2.31 -14.36
N THR A 565 -9.83 -1.51 -14.56
CA THR A 565 -9.93 -0.09 -14.31
C THR A 565 -10.93 0.57 -15.24
N MET A 566 -10.95 0.16 -16.50
CA MET A 566 -11.80 0.82 -17.49
C MET A 566 -13.28 0.67 -17.16
N THR A 567 -13.64 -0.33 -16.36
CA THR A 567 -15.03 -0.50 -15.93
C THR A 567 -15.26 -0.04 -14.50
N ASN A 568 -14.29 -0.18 -13.61
CA ASN A 568 -14.42 0.43 -12.29
C ASN A 568 -14.58 1.93 -12.41
N ARG A 569 -14.01 2.54 -13.46
CA ARG A 569 -14.21 3.97 -13.66
C ARG A 569 -15.68 4.27 -13.99
N GLN A 570 -16.25 3.57 -14.96
CA GLN A 570 -17.66 3.78 -15.25
C GLN A 570 -18.51 3.55 -14.01
N PHE A 571 -18.12 2.60 -13.17
CA PHE A 571 -18.94 2.29 -12.00
C PHE A 571 -18.82 3.37 -10.92
N HIS A 572 -17.63 3.91 -10.71
CA HIS A 572 -17.34 4.68 -9.50
C HIS A 572 -17.00 6.15 -9.74
N GLN A 573 -16.83 6.59 -10.99
CA GLN A 573 -16.28 7.92 -11.21
C GLN A 573 -17.16 9.00 -10.63
N LYS A 574 -18.48 8.85 -10.77
CA LYS A 574 -19.38 9.89 -10.28
C LYS A 574 -19.20 10.09 -8.78
N LEU A 575 -19.23 9.00 -8.01
CA LEU A 575 -19.07 9.12 -6.57
C LEU A 575 -17.67 9.58 -6.20
N LEU A 576 -16.64 9.13 -6.93
CA LEU A 576 -15.29 9.55 -6.59
C LEU A 576 -15.11 11.05 -6.81
N LYS A 577 -15.62 11.58 -7.92
CA LYS A 577 -15.55 13.01 -8.14
C LYS A 577 -16.40 13.77 -7.13
N SER A 578 -17.55 13.22 -6.73
CA SER A 578 -18.35 13.88 -5.70
C SER A 578 -17.61 13.92 -4.37
N ILE A 579 -16.82 12.89 -4.07
CA ILE A 579 -16.00 12.91 -2.85
C ILE A 579 -14.87 13.92 -2.99
N ALA A 580 -14.27 14.00 -4.18
CA ALA A 580 -13.14 14.89 -4.42
C ALA A 580 -13.55 16.33 -4.64
N ALA A 581 -14.85 16.62 -4.72
CA ALA A 581 -15.31 17.98 -4.93
C ALA A 581 -16.15 18.54 -3.79
N THR A 582 -16.25 17.84 -2.66
CA THR A 582 -17.03 18.31 -1.52
C THR A 582 -16.09 18.85 -0.46
N ARG A 583 -16.37 20.06 0.02
CA ARG A 583 -15.56 20.74 1.01
C ARG A 583 -16.28 20.71 2.36
N GLY A 584 -15.49 20.59 3.43
CA GLY A 584 -16.04 20.53 4.77
C GLY A 584 -16.50 19.18 5.21
N ALA A 585 -16.17 18.13 4.48
CA ALA A 585 -16.57 16.76 4.82
C ALA A 585 -15.42 16.04 5.51
N THR A 586 -15.74 14.86 6.06
CA THR A 586 -14.73 14.08 6.77
C THR A 586 -13.61 13.67 5.84
N VAL A 587 -13.95 13.19 4.63
CA VAL A 587 -12.94 12.71 3.68
C VAL A 587 -12.40 13.94 2.96
N VAL A 588 -11.24 14.43 3.39
CA VAL A 588 -10.63 15.63 2.78
C VAL A 588 -9.75 15.12 1.64
N ILE A 589 -10.39 14.89 0.49
CA ILE A 589 -9.71 14.55 -0.75
C ILE A 589 -10.13 15.59 -1.78
N GLY A 590 -9.16 16.15 -2.49
CA GLY A 590 -9.42 17.24 -3.40
C GLY A 590 -9.30 18.62 -2.77
N THR A 591 -9.12 18.70 -1.46
CA THR A 591 -8.93 19.96 -0.77
C THR A 591 -7.44 20.24 -0.70
N SER A 592 -6.98 21.24 -1.47
CA SER A 592 -5.57 21.57 -1.52
C SER A 592 -5.13 22.20 -0.21
N LYS A 593 -3.83 22.06 0.09
CA LYS A 593 -3.25 22.73 1.24
C LYS A 593 -2.81 24.16 0.93
N PHE A 594 -2.91 24.60 -0.32
CA PHE A 594 -2.51 25.94 -0.70
C PHE A 594 -3.69 26.90 -0.56
N TYR A 595 -3.44 28.17 -0.87
CA TYR A 595 -4.47 29.20 -0.87
C TYR A 595 -5.37 29.08 0.36
N GLY A 596 -4.73 28.93 1.51
CA GLY A 596 -5.47 28.81 2.75
C GLY A 596 -6.41 27.63 2.78
N GLY A 597 -6.07 26.57 2.05
CA GLY A 597 -6.87 25.36 2.10
C GLY A 597 -6.51 24.41 3.21
N TRP A 598 -5.45 24.70 3.97
CA TRP A 598 -5.09 23.91 5.13
C TRP A 598 -5.65 24.52 6.41
N HIS A 599 -5.67 25.85 6.49
CA HIS A 599 -6.34 26.50 7.60
C HIS A 599 -7.83 26.16 7.59
N ASN A 600 -8.43 26.11 6.40
CA ASN A 600 -9.83 25.70 6.31
C ASN A 600 -10.02 24.27 6.81
N MET A 601 -9.13 23.36 6.43
CA MET A 601 -9.20 21.99 6.94
C MET A 601 -9.18 21.97 8.46
N LEU A 602 -8.19 22.64 9.04
CA LEU A 602 -8.04 22.60 10.50
C LEU A 602 -9.23 23.22 11.20
N LYS A 603 -9.71 24.38 10.73
CA LYS A 603 -10.81 25.03 11.40
C LYS A 603 -12.15 24.37 11.10
N THR A 604 -12.22 23.51 10.09
CA THR A 604 -13.38 22.63 9.96
C THR A 604 -13.29 21.47 10.93
N VAL A 605 -12.09 20.95 11.17
CA VAL A 605 -11.92 19.88 12.15
C VAL A 605 -12.30 20.36 13.53
N TYR A 606 -11.90 21.59 13.90
CA TYR A 606 -12.19 22.13 15.22
C TYR A 606 -13.64 22.62 15.29
N SER A 607 -14.57 21.70 14.98
CA SER A 607 -15.98 22.05 14.86
C SER A 607 -16.67 21.88 16.21
N ASP A 608 -16.50 22.88 17.06
CA ASP A 608 -17.23 22.99 18.33
C ASP A 608 -17.15 21.69 19.14
N VAL A 609 -15.94 21.18 19.30
CA VAL A 609 -15.67 20.09 20.23
C VAL A 609 -15.19 20.74 21.52
N GLU A 610 -15.85 20.40 22.63
CA GLU A 610 -15.73 21.23 23.84
C GLU A 610 -14.30 21.30 24.35
N ASN A 611 -13.63 20.16 24.46
CA ASN A 611 -12.26 20.09 24.99
C ASN A 611 -11.38 19.36 23.99
N PRO A 612 -11.04 20.01 22.88
CA PRO A 612 -10.34 19.30 21.80
C PRO A 612 -8.99 18.79 22.25
N HIS A 613 -8.64 17.59 21.75
CA HIS A 613 -7.32 17.03 21.99
C HIS A 613 -6.98 16.21 20.75
N LEU A 614 -6.25 16.81 19.81
CA LEU A 614 -6.01 16.15 18.53
C LEU A 614 -5.29 14.83 18.74
N MET A 615 -5.66 13.84 17.91
CA MET A 615 -4.93 12.59 17.82
C MET A 615 -4.80 12.20 16.37
N GLY A 616 -3.86 11.31 16.09
CA GLY A 616 -3.66 10.84 14.73
C GLY A 616 -2.96 9.50 14.72
N TRP A 617 -3.28 8.72 13.69
CA TRP A 617 -2.77 7.36 13.58
C TRP A 617 -2.43 7.07 12.12
N ASP A 618 -1.32 6.39 11.89
CA ASP A 618 -0.95 5.88 10.58
C ASP A 618 -0.95 4.36 10.63
N TYR A 619 -1.70 3.75 9.72
CA TYR A 619 -1.76 2.29 9.69
C TYR A 619 -0.44 1.74 9.16
N PRO A 620 0.16 0.76 9.84
CA PRO A 620 1.35 0.10 9.29
C PRO A 620 0.94 -0.99 8.31
N LYS A 621 1.38 -0.86 7.06
CA LYS A 621 0.95 -1.76 6.00
C LYS A 621 -0.57 -1.67 5.84
N CYS A 622 -1.04 -0.49 5.44
CA CYS A 622 -2.48 -0.26 5.36
C CYS A 622 -3.13 -1.19 4.34
N ASP A 623 -2.48 -1.41 3.20
CA ASP A 623 -3.06 -2.22 2.13
C ASP A 623 -2.66 -3.68 2.19
N ARG A 624 -1.58 -4.02 2.90
CA ARG A 624 -1.11 -5.39 3.00
C ARG A 624 -1.58 -6.08 4.27
N ALA A 625 -2.40 -5.42 5.08
CA ALA A 625 -2.97 -6.04 6.28
C ALA A 625 -4.47 -5.78 6.40
N MET A 626 -5.05 -5.01 5.49
CA MET A 626 -6.48 -4.72 5.54
C MET A 626 -7.27 -6.01 5.30
N PRO A 627 -8.15 -6.42 6.21
CA PRO A 627 -8.82 -7.71 6.04
C PRO A 627 -9.68 -7.72 4.78
N ASN A 628 -9.97 -8.94 4.31
CA ASN A 628 -10.86 -9.08 3.17
C ASN A 628 -12.24 -8.52 3.49
N MET A 629 -12.74 -8.77 4.71
CA MET A 629 -14.08 -8.33 5.06
C MET A 629 -14.20 -6.82 5.03
N LEU A 630 -13.18 -6.11 5.53
CA LEU A 630 -13.26 -4.66 5.56
C LEU A 630 -13.23 -4.07 4.17
N ARG A 631 -12.46 -4.66 3.25
CA ARG A 631 -12.46 -4.16 1.89
C ARG A 631 -13.77 -4.49 1.17
N ILE A 632 -14.34 -5.67 1.45
CA ILE A 632 -15.64 -5.98 0.87
C ILE A 632 -16.69 -5.00 1.36
N MET A 633 -16.66 -4.68 2.66
CA MET A 633 -17.59 -3.69 3.19
C MET A 633 -17.35 -2.31 2.58
N ALA A 634 -16.08 -1.94 2.39
CA ALA A 634 -15.79 -0.65 1.80
C ALA A 634 -16.33 -0.57 0.37
N SER A 635 -16.18 -1.66 -0.39
CA SER A 635 -16.73 -1.67 -1.74
C SER A 635 -18.25 -1.67 -1.73
N LEU A 636 -18.86 -2.24 -0.70
CA LEU A 636 -20.31 -2.16 -0.58
C LEU A 636 -20.78 -0.74 -0.28
N VAL A 637 -20.03 -0.03 0.58
CA VAL A 637 -20.45 1.32 0.97
C VAL A 637 -20.35 2.28 -0.19
N LEU A 638 -19.32 2.13 -1.03
CA LEU A 638 -19.19 2.97 -2.22
C LEU A 638 -20.15 2.56 -3.33
N ALA A 639 -20.75 1.38 -3.24
CA ALA A 639 -21.67 0.90 -4.25
C ALA A 639 -23.13 0.98 -3.79
N ARG A 640 -23.39 1.65 -2.68
CA ARG A 640 -24.76 1.85 -2.22
C ARG A 640 -25.43 3.07 -2.83
N LYS A 641 -24.66 3.91 -3.54
CA LYS A 641 -25.26 5.02 -4.27
C LYS A 641 -26.05 4.54 -5.47
N HIS A 642 -25.83 3.31 -5.91
CA HIS A 642 -26.50 2.75 -7.09
C HIS A 642 -27.80 2.09 -6.66
N THR A 643 -28.75 2.92 -6.22
CA THR A 643 -30.05 2.41 -5.79
C THR A 643 -31.04 2.31 -6.93
N THR A 644 -30.79 2.98 -8.05
CA THR A 644 -31.68 2.97 -9.20
C THR A 644 -31.02 2.45 -10.47
N CYS A 645 -29.77 2.84 -10.72
CA CYS A 645 -29.13 2.45 -11.98
C CYS A 645 -28.98 0.93 -12.07
N CYS A 646 -28.58 0.29 -10.99
CA CYS A 646 -28.25 -1.13 -10.97
C CYS A 646 -29.24 -1.90 -10.10
N SER A 647 -29.61 -3.09 -10.54
CA SER A 647 -30.48 -3.96 -9.77
C SER A 647 -29.65 -4.57 -8.64
N LEU A 648 -30.24 -5.50 -7.90
CA LEU A 648 -29.51 -6.15 -6.82
C LEU A 648 -28.43 -7.09 -7.38
N SER A 649 -28.80 -7.92 -8.35
CA SER A 649 -27.83 -8.85 -8.93
C SER A 649 -26.74 -8.12 -9.70
N HIS A 650 -27.08 -7.01 -10.34
CA HIS A 650 -26.05 -6.22 -11.02
C HIS A 650 -25.02 -5.71 -10.02
N ARG A 651 -25.49 -5.20 -8.88
CA ARG A 651 -24.55 -4.72 -7.87
C ARG A 651 -23.73 -5.86 -7.30
N PHE A 652 -24.35 -7.03 -7.10
CA PHE A 652 -23.57 -8.15 -6.58
C PHE A 652 -22.49 -8.59 -7.56
N TYR A 653 -22.81 -8.63 -8.85
CA TYR A 653 -21.80 -9.04 -9.82
C TYR A 653 -20.71 -7.99 -9.99
N ARG A 654 -21.05 -6.71 -9.80
CA ARG A 654 -20.00 -5.70 -9.75
C ARG A 654 -19.09 -5.90 -8.53
N LEU A 655 -19.69 -6.24 -7.39
CA LEU A 655 -18.88 -6.56 -6.20
C LEU A 655 -17.98 -7.78 -6.46
N ALA A 656 -18.53 -8.81 -7.11
CA ALA A 656 -17.75 -9.99 -7.41
C ALA A 656 -16.60 -9.66 -8.36
N ASN A 657 -16.85 -8.81 -9.35
CA ASN A 657 -15.77 -8.39 -10.24
C ASN A 657 -14.70 -7.62 -9.49
N GLU A 658 -15.11 -6.73 -8.60
CA GLU A 658 -14.13 -5.96 -7.83
C GLU A 658 -13.29 -6.88 -6.95
N CYS A 659 -13.90 -7.90 -6.35
CA CYS A 659 -13.15 -8.83 -5.52
C CYS A 659 -12.29 -9.77 -6.35
N ALA A 660 -12.69 -10.04 -7.59
CA ALA A 660 -11.88 -10.90 -8.46
C ALA A 660 -10.69 -10.15 -9.02
N GLN A 661 -10.80 -8.84 -9.19
CA GLN A 661 -9.75 -8.05 -9.83
C GLN A 661 -8.91 -7.25 -8.84
N VAL A 662 -9.32 -7.16 -7.58
CA VAL A 662 -8.62 -6.32 -6.61
C VAL A 662 -8.25 -7.13 -5.37
N LEU A 663 -9.23 -7.79 -4.76
CA LEU A 663 -9.02 -8.37 -3.44
C LEU A 663 -8.13 -9.61 -3.52
N SER A 664 -8.58 -10.64 -4.24
CA SER A 664 -7.84 -11.89 -4.36
C SER A 664 -7.67 -12.18 -5.85
N GLU A 665 -6.57 -11.71 -6.42
CA GLU A 665 -6.31 -11.76 -7.84
C GLU A 665 -5.07 -12.58 -8.12
N MET A 666 -4.66 -12.62 -9.39
CA MET A 666 -3.45 -13.30 -9.83
C MET A 666 -2.40 -12.24 -10.09
N VAL A 667 -1.45 -12.12 -9.17
CA VAL A 667 -0.42 -11.09 -9.25
C VAL A 667 0.75 -11.62 -10.06
N MET A 668 1.14 -10.89 -11.10
CA MET A 668 2.24 -11.31 -11.97
C MET A 668 3.53 -10.64 -11.50
N CYS A 669 3.96 -11.05 -10.31
CA CYS A 669 5.12 -10.43 -9.65
C CYS A 669 6.41 -10.91 -10.31
N GLY A 670 6.73 -10.31 -11.45
CA GLY A 670 7.98 -10.59 -12.13
C GLY A 670 8.02 -11.91 -12.86
N GLY A 671 7.20 -12.06 -13.89
CA GLY A 671 7.21 -13.26 -14.71
C GLY A 671 6.76 -14.52 -14.02
N SER A 672 5.70 -14.44 -13.21
CA SER A 672 5.14 -15.61 -12.54
C SER A 672 3.84 -15.20 -11.87
N LEU A 673 2.84 -16.08 -11.92
CA LEU A 673 1.51 -15.77 -11.42
C LEU A 673 1.35 -16.32 -10.01
N TYR A 674 1.48 -15.46 -9.02
CA TYR A 674 1.16 -15.79 -7.65
C TYR A 674 -0.29 -15.41 -7.36
N VAL A 675 -0.77 -15.79 -6.18
CA VAL A 675 -2.15 -15.52 -5.77
C VAL A 675 -2.10 -14.70 -4.49
N LYS A 676 -2.73 -13.54 -4.50
CA LYS A 676 -2.74 -12.70 -3.31
C LYS A 676 -3.61 -13.33 -2.24
N PRO A 677 -3.15 -13.41 -0.99
CA PRO A 677 -4.07 -13.83 0.08
C PRO A 677 -5.24 -12.88 0.25
N GLY A 678 -5.04 -11.59 0.01
CA GLY A 678 -6.11 -10.62 0.18
C GLY A 678 -5.55 -9.22 0.23
N GLY A 679 -6.34 -8.31 0.78
CA GLY A 679 -5.91 -6.94 0.93
C GLY A 679 -5.98 -6.17 -0.36
N THR A 680 -6.17 -4.86 -0.28
CA THR A 680 -6.39 -4.06 -1.47
C THR A 680 -5.13 -4.00 -2.34
N SER A 681 -5.35 -3.97 -3.66
CA SER A 681 -4.31 -3.66 -4.60
C SER A 681 -4.32 -2.16 -4.82
N SER A 682 -3.23 -1.48 -4.43
CA SER A 682 -3.21 -0.02 -4.46
C SER A 682 -2.93 0.51 -5.85
N GLY A 683 -3.71 0.04 -6.83
CA GLY A 683 -3.61 0.52 -8.19
C GLY A 683 -4.95 0.53 -8.89
N ASP A 684 -6.03 0.27 -8.16
CA ASP A 684 -7.36 0.23 -8.73
C ASP A 684 -8.04 1.59 -8.60
N ALA A 685 -9.22 1.71 -9.21
CA ALA A 685 -9.90 2.99 -9.24
C ALA A 685 -10.23 3.48 -7.83
N THR A 686 -10.74 2.60 -6.99
CA THR A 686 -11.12 2.97 -5.63
C THR A 686 -10.08 2.45 -4.64
N THR A 687 -9.01 3.24 -4.48
CA THR A 687 -7.98 2.95 -3.49
C THR A 687 -7.87 4.02 -2.43
N ALA A 688 -7.70 5.28 -2.82
CA ALA A 688 -7.66 6.37 -1.85
C ALA A 688 -9.04 6.67 -1.27
N TYR A 689 -10.10 6.19 -1.91
CA TYR A 689 -11.46 6.34 -1.40
C TYR A 689 -11.96 5.08 -0.71
N ALA A 690 -11.50 3.90 -1.11
CA ALA A 690 -11.79 2.67 -0.41
C ALA A 690 -10.94 2.48 0.84
N ASN A 691 -9.82 3.19 0.95
CA ASN A 691 -9.10 3.26 2.21
C ASN A 691 -9.74 4.24 3.18
N SER A 692 -10.35 5.31 2.68
CA SER A 692 -11.04 6.25 3.57
C SER A 692 -12.21 5.59 4.28
N VAL A 693 -12.98 4.77 3.57
CA VAL A 693 -14.10 4.08 4.19
C VAL A 693 -13.59 3.12 5.26
N PHE A 694 -12.51 2.39 4.96
CA PHE A 694 -11.93 1.47 5.94
C PHE A 694 -11.43 2.21 7.16
N ASN A 695 -10.79 3.36 6.96
CA ASN A 695 -10.30 4.15 8.08
C ASN A 695 -11.44 4.64 8.96
N ILE A 696 -12.51 5.15 8.33
CA ILE A 696 -13.66 5.60 9.11
C ILE A 696 -14.31 4.44 9.83
N CYS A 697 -14.34 3.26 9.21
CA CYS A 697 -14.88 2.09 9.87
C CYS A 697 -14.06 1.74 11.10
N GLN A 698 -12.73 1.78 11.00
CA GLN A 698 -11.91 1.50 12.16
C GLN A 698 -12.13 2.52 13.27
N ALA A 699 -12.20 3.80 12.91
CA ALA A 699 -12.42 4.83 13.93
C ALA A 699 -13.78 4.66 14.61
N VAL A 700 -14.82 4.38 13.83
CA VAL A 700 -16.15 4.23 14.41
C VAL A 700 -16.23 2.97 15.26
N THR A 701 -15.55 1.90 14.85
CA THR A 701 -15.52 0.70 15.67
C THR A 701 -14.79 0.95 16.98
N ALA A 702 -13.72 1.75 16.94
CA ALA A 702 -13.07 2.14 18.18
C ALA A 702 -14.01 2.92 19.08
N ASN A 703 -14.79 3.83 18.50
CA ASN A 703 -15.78 4.57 19.28
C ASN A 703 -16.80 3.63 19.91
N VAL A 704 -17.31 2.68 19.13
CA VAL A 704 -18.32 1.75 19.65
C VAL A 704 -17.75 0.92 20.79
N ASN A 705 -16.53 0.39 20.60
CA ASN A 705 -15.91 -0.41 21.65
C ASN A 705 -15.65 0.42 22.90
N ALA A 706 -15.15 1.63 22.75
CA ALA A 706 -14.84 2.46 23.90
C ALA A 706 -16.11 2.84 24.64
N LEU A 707 -17.20 3.08 23.92
CA LEU A 707 -18.45 3.45 24.58
C LEU A 707 -19.05 2.26 25.31
N LEU A 708 -19.05 1.08 24.68
CA LEU A 708 -19.63 -0.09 25.33
C LEU A 708 -18.78 -0.56 26.50
N SER A 709 -17.47 -0.69 26.31
CA SER A 709 -16.62 -1.31 27.31
C SER A 709 -16.60 -0.56 28.63
N THR A 710 -17.24 0.60 28.73
CA THR A 710 -17.36 1.28 30.01
C THR A 710 -18.29 0.49 30.92
N ASP A 711 -18.10 0.65 32.23
CA ASP A 711 -18.90 -0.11 33.20
C ASP A 711 -20.39 0.10 32.96
N GLY A 712 -20.85 1.33 33.14
CA GLY A 712 -22.24 1.66 32.90
C GLY A 712 -22.88 2.38 34.07
N ASN A 713 -22.54 1.98 35.29
CA ASN A 713 -22.99 2.69 36.47
C ASN A 713 -22.13 3.90 36.80
N LYS A 714 -20.96 4.02 36.17
CA LYS A 714 -20.01 5.09 36.45
C LYS A 714 -20.05 6.19 35.39
N ILE A 715 -21.08 6.21 34.56
CA ILE A 715 -21.29 7.28 33.59
C ILE A 715 -22.25 8.27 34.25
N ALA A 716 -21.70 9.38 34.75
CA ALA A 716 -22.52 10.36 35.42
C ALA A 716 -23.56 10.96 34.47
N ASP A 717 -23.14 11.29 33.26
CA ASP A 717 -24.08 11.85 32.29
C ASP A 717 -25.15 10.84 31.96
N LYS A 718 -26.41 11.23 32.13
CA LYS A 718 -27.52 10.31 31.93
C LYS A 718 -27.99 10.25 30.49
N TYR A 719 -27.52 11.15 29.62
CA TYR A 719 -27.76 10.97 28.20
C TYR A 719 -26.85 9.89 27.62
N VAL A 720 -25.58 9.89 28.01
CA VAL A 720 -24.65 8.91 27.47
C VAL A 720 -24.93 7.51 28.00
N ARG A 721 -25.39 7.39 29.24
CA ARG A 721 -25.75 6.07 29.74
C ARG A 721 -26.85 5.47 28.89
N ASN A 722 -27.87 6.26 28.57
CA ASN A 722 -28.95 5.77 27.73
C ASN A 722 -28.46 5.52 26.31
N LEU A 723 -27.53 6.35 25.83
CA LEU A 723 -26.96 6.12 24.50
C LEU A 723 -26.25 4.78 24.45
N GLN A 724 -25.48 4.45 25.48
CA GLN A 724 -24.83 3.13 25.54
C GLN A 724 -25.85 2.02 25.63
N HIS A 725 -26.86 2.18 26.50
CA HIS A 725 -27.85 1.12 26.68
C HIS A 725 -28.63 0.86 25.40
N ARG A 726 -28.81 1.88 24.57
CA ARG A 726 -29.48 1.70 23.29
C ARG A 726 -28.53 1.22 22.21
N LEU A 727 -27.27 1.63 22.26
CA LEU A 727 -26.30 1.14 21.30
C LEU A 727 -26.10 -0.37 21.41
N TYR A 728 -26.02 -0.88 22.64
CA TYR A 728 -25.83 -2.32 22.79
C TYR A 728 -27.01 -3.09 22.22
N GLU A 729 -28.24 -2.65 22.51
CA GLU A 729 -29.39 -3.38 22.02
C GLU A 729 -29.60 -3.18 20.54
N CYS A 730 -29.12 -2.07 19.98
CA CYS A 730 -29.14 -1.89 18.53
C CYS A 730 -28.09 -2.74 17.84
N LEU A 731 -27.02 -3.10 18.55
CA LEU A 731 -26.03 -4.01 17.98
C LEU A 731 -26.51 -5.45 18.06
N TYR A 732 -26.72 -5.96 19.27
CA TYR A 732 -26.90 -7.38 19.48
C TYR A 732 -28.35 -7.80 19.73
N ARG A 733 -29.29 -6.86 19.81
CA ARG A 733 -30.69 -7.19 20.07
C ARG A 733 -31.62 -6.60 19.02
N ASN A 734 -31.08 -6.28 17.84
CA ASN A 734 -31.89 -5.75 16.74
C ASN A 734 -31.30 -6.28 15.45
N ARG A 735 -32.15 -6.77 14.56
CA ARG A 735 -31.70 -7.32 13.29
C ARG A 735 -31.92 -6.38 12.11
N ASP A 736 -32.72 -5.34 12.27
CA ASP A 736 -32.98 -4.36 11.22
C ASP A 736 -32.37 -3.02 11.61
N VAL A 737 -32.14 -2.18 10.59
CA VAL A 737 -31.49 -0.91 10.81
C VAL A 737 -32.39 -0.02 11.66
N ASP A 738 -31.80 0.72 12.58
CA ASP A 738 -32.50 1.67 13.43
C ASP A 738 -32.06 3.06 12.97
N THR A 739 -32.75 3.60 11.97
CA THR A 739 -32.28 4.80 11.30
C THR A 739 -32.20 5.98 12.27
N ASP A 740 -33.20 6.14 13.12
CA ASP A 740 -33.18 7.27 14.05
C ASP A 740 -31.98 7.18 14.99
N PHE A 741 -31.69 5.98 15.52
CA PHE A 741 -30.54 5.86 16.40
C PHE A 741 -29.23 5.94 15.66
N VAL A 742 -29.17 5.44 14.42
CA VAL A 742 -27.94 5.60 13.64
C VAL A 742 -27.64 7.07 13.46
N ASN A 743 -28.67 7.87 13.14
CA ASN A 743 -28.46 9.31 13.00
C ASN A 743 -28.08 9.96 14.33
N GLU A 744 -28.69 9.51 15.43
CA GLU A 744 -28.35 10.06 16.74
C GLU A 744 -26.89 9.79 17.09
N PHE A 745 -26.42 8.55 16.86
CA PHE A 745 -25.03 8.23 17.17
C PHE A 745 -24.07 8.92 16.21
N TYR A 746 -24.45 9.09 14.96
CA TYR A 746 -23.61 9.86 14.04
C TYR A 746 -23.48 11.30 14.49
N ALA A 747 -24.59 11.90 14.97
CA ALA A 747 -24.51 13.25 15.51
C ALA A 747 -23.62 13.29 16.74
N TYR A 748 -23.71 12.28 17.60
CA TYR A 748 -22.85 12.21 18.77
C TYR A 748 -21.39 12.16 18.37
N LEU A 749 -21.05 11.33 17.38
CA LEU A 749 -19.67 11.25 16.92
C LEU A 749 -19.21 12.58 16.34
N ARG A 750 -20.05 13.23 15.53
CA ARG A 750 -19.65 14.51 14.96
C ARG A 750 -19.46 15.58 16.04
N LYS A 751 -20.24 15.52 17.11
CA LYS A 751 -20.11 16.52 18.17
C LYS A 751 -19.04 16.19 19.18
N HIS A 752 -18.51 14.97 19.20
CA HIS A 752 -17.46 14.62 20.15
C HIS A 752 -16.26 13.90 19.54
N PHE A 753 -16.29 13.56 18.26
CA PHE A 753 -15.18 12.85 17.63
C PHE A 753 -14.93 13.37 16.22
N SER A 754 -14.90 14.69 16.05
CA SER A 754 -14.71 15.26 14.73
C SER A 754 -13.47 14.66 14.06
N MET A 755 -13.61 14.29 12.81
CA MET A 755 -12.59 13.54 12.08
C MET A 755 -12.17 14.28 10.82
N MET A 756 -10.93 14.03 10.41
CA MET A 756 -10.42 14.45 9.10
C MET A 756 -9.64 13.29 8.54
N ILE A 757 -10.23 12.60 7.56
CA ILE A 757 -9.71 11.34 7.04
C ILE A 757 -9.25 11.58 5.61
N LEU A 758 -8.08 11.04 5.26
CA LEU A 758 -7.53 11.10 3.91
C LEU A 758 -6.78 9.80 3.70
N SER A 759 -7.45 8.82 3.10
CA SER A 759 -6.88 7.50 2.85
C SER A 759 -6.51 6.91 4.22
N ASP A 760 -5.24 6.66 4.50
CA ASP A 760 -4.84 6.08 5.78
C ASP A 760 -4.37 7.13 6.78
N ASP A 761 -4.41 8.41 6.44
CA ASP A 761 -3.96 9.48 7.32
C ASP A 761 -5.18 10.15 7.95
N ALA A 762 -5.27 10.08 9.27
CA ALA A 762 -6.43 10.58 10.01
C ALA A 762 -5.99 11.58 11.06
N VAL A 763 -6.86 12.54 11.33
CA VAL A 763 -6.68 13.50 12.41
C VAL A 763 -8.02 13.65 13.10
N VAL A 764 -8.12 13.17 14.32
CA VAL A 764 -9.32 13.32 15.13
C VAL A 764 -9.12 14.49 16.07
N CYS A 765 -10.21 15.14 16.46
CA CYS A 765 -10.17 16.27 17.37
C CYS A 765 -11.07 15.99 18.56
N PHE A 766 -10.90 14.82 19.17
CA PHE A 766 -11.88 14.32 20.11
C PHE A 766 -11.97 15.16 21.37
N ASN A 767 -13.15 15.15 21.97
CA ASN A 767 -13.36 15.75 23.29
C ASN A 767 -12.47 15.07 24.30
N SER A 768 -11.77 15.88 25.10
CA SER A 768 -10.78 15.32 26.02
C SER A 768 -11.42 14.65 27.23
N THR A 769 -12.44 15.27 27.82
CA THR A 769 -13.00 14.74 29.07
C THR A 769 -13.73 13.43 28.84
N TYR A 770 -14.54 13.34 27.77
CA TYR A 770 -15.21 12.08 27.48
C TYR A 770 -14.20 10.99 27.20
N ALA A 771 -13.23 11.25 26.32
CA ALA A 771 -12.21 10.24 26.04
C ALA A 771 -11.52 9.81 27.34
N SER A 772 -11.35 10.74 28.28
CA SER A 772 -10.80 10.37 29.58
C SER A 772 -11.73 9.43 30.31
N GLN A 773 -13.04 9.69 30.27
CA GLN A 773 -14.02 8.85 30.93
C GLN A 773 -14.41 7.63 30.11
N GLY A 774 -13.87 7.47 28.91
CA GLY A 774 -14.16 6.30 28.11
C GLY A 774 -15.42 6.39 27.27
N LEU A 775 -16.08 7.54 27.24
CA LEU A 775 -17.31 7.68 26.47
C LEU A 775 -17.06 7.89 24.98
N VAL A 776 -15.81 8.01 24.57
CA VAL A 776 -15.42 8.02 23.16
C VAL A 776 -14.10 7.27 23.04
N ALA A 777 -13.61 7.17 21.82
CA ALA A 777 -12.41 6.40 21.57
C ALA A 777 -11.20 7.11 22.17
N SER A 778 -10.03 6.51 21.96
CA SER A 778 -8.75 7.03 22.40
C SER A 778 -7.69 6.25 21.64
N ILE A 779 -6.43 6.47 22.02
CA ILE A 779 -5.36 5.77 21.30
C ILE A 779 -5.36 4.29 21.66
N LYS A 780 -5.58 3.94 22.93
CA LYS A 780 -5.64 2.53 23.30
C LYS A 780 -6.86 1.84 22.71
N ASN A 781 -8.00 2.55 22.71
CA ASN A 781 -9.23 2.01 22.14
C ASN A 781 -9.13 1.81 20.64
N PHE A 782 -8.11 2.37 20.00
CA PHE A 782 -7.84 2.14 18.58
C PHE A 782 -6.74 1.11 18.36
N LYS A 783 -5.74 1.07 19.24
CA LYS A 783 -4.76 -0.01 19.21
C LYS A 783 -5.46 -1.36 19.31
N SER A 784 -6.42 -1.47 20.23
CA SER A 784 -7.11 -2.75 20.42
C SER A 784 -7.92 -3.11 19.19
N VAL A 785 -8.60 -2.14 18.59
CA VAL A 785 -9.39 -2.40 17.39
C VAL A 785 -8.49 -2.90 16.26
N LEU A 786 -7.36 -2.23 16.05
CA LEU A 786 -6.45 -2.71 15.02
C LEU A 786 -5.95 -4.10 15.35
N TYR A 787 -5.68 -4.37 16.62
CA TYR A 787 -5.12 -5.67 17.00
C TYR A 787 -6.09 -6.80 16.66
N TYR A 788 -7.37 -6.63 16.98
CA TYR A 788 -8.32 -7.72 16.79
C TYR A 788 -9.12 -7.63 15.50
N GLN A 789 -8.89 -6.62 14.66
CA GLN A 789 -9.56 -6.53 13.37
C GLN A 789 -8.61 -6.44 12.20
N ASN A 790 -7.49 -5.73 12.33
CA ASN A 790 -6.49 -5.67 11.28
C ASN A 790 -5.41 -6.71 11.43
N ASN A 791 -5.18 -7.21 12.64
CA ASN A 791 -4.11 -8.16 12.93
C ASN A 791 -2.74 -7.50 12.91
N VAL A 792 -2.66 -6.20 13.17
CA VAL A 792 -1.40 -5.50 13.30
C VAL A 792 -1.44 -4.69 14.59
N PHE A 793 -0.44 -4.89 15.45
CA PHE A 793 -0.32 -4.09 16.66
C PHE A 793 0.28 -2.74 16.27
N MET A 794 -0.43 -1.67 16.60
CA MET A 794 -0.06 -0.32 16.18
C MET A 794 0.79 0.30 17.29
N SER A 795 2.10 0.37 17.05
CA SER A 795 3.03 0.89 18.05
C SER A 795 2.82 2.38 18.24
N GLU A 796 3.49 2.93 19.25
CA GLU A 796 3.39 4.35 19.54
C GLU A 796 4.19 5.20 18.57
N ALA A 797 4.96 4.59 17.67
CA ALA A 797 5.68 5.36 16.66
C ALA A 797 4.77 5.91 15.58
N LYS A 798 3.58 5.33 15.40
CA LYS A 798 2.63 5.77 14.37
C LYS A 798 1.38 6.37 14.97
N CYS A 799 1.41 6.73 16.26
CA CYS A 799 0.30 7.40 16.92
C CYS A 799 0.82 8.66 17.58
N TRP A 800 0.08 9.75 17.44
CA TRP A 800 0.42 10.98 18.14
C TRP A 800 -0.83 11.59 18.75
N THR A 801 -0.63 12.35 19.83
CA THR A 801 -1.73 12.96 20.58
C THR A 801 -1.27 14.33 21.05
N GLU A 802 -1.73 15.37 20.37
CA GLU A 802 -1.43 16.73 20.77
C GLU A 802 -2.39 17.18 21.86
N THR A 803 -2.01 18.23 22.55
CA THR A 803 -2.84 18.80 23.59
C THR A 803 -3.12 20.29 23.39
N ASP A 804 -2.15 21.03 22.86
CA ASP A 804 -2.32 22.45 22.58
C ASP A 804 -2.78 22.60 21.14
N LEU A 805 -4.05 22.98 20.96
CA LEU A 805 -4.60 23.13 19.62
C LEU A 805 -3.86 24.17 18.80
N THR A 806 -3.17 25.11 19.45
CA THR A 806 -2.52 26.19 18.72
C THR A 806 -1.49 25.66 17.73
N LYS A 807 -0.68 24.68 18.15
CA LYS A 807 0.33 24.14 17.26
C LYS A 807 -0.25 23.26 16.17
N GLY A 808 -1.47 22.77 16.33
CA GLY A 808 -2.11 21.96 15.32
C GLY A 808 -1.60 20.54 15.32
N PRO A 809 -2.01 19.75 14.32
CA PRO A 809 -1.64 18.34 14.29
C PRO A 809 -0.13 18.16 14.20
N HIS A 810 0.37 17.14 14.89
CA HIS A 810 1.79 16.83 14.83
C HIS A 810 2.22 16.51 13.42
N GLU A 811 1.41 15.76 12.68
CA GLU A 811 1.74 15.39 11.32
C GLU A 811 0.52 14.84 10.58
N PHE A 812 0.21 15.42 9.43
CA PHE A 812 -0.87 14.93 8.58
C PHE A 812 -0.40 15.00 7.14
N CYS A 813 -0.35 13.85 6.47
CA CYS A 813 0.20 13.77 5.11
C CYS A 813 1.65 14.25 5.08
N SER A 814 2.41 13.90 6.11
CA SER A 814 3.84 14.20 6.22
C SER A 814 4.14 15.68 6.38
N GLN A 815 3.13 16.53 6.50
CA GLN A 815 3.30 17.97 6.55
C GLN A 815 2.95 18.44 7.96
N HIS A 816 3.95 18.87 8.72
CA HIS A 816 3.67 19.44 10.03
C HIS A 816 2.97 20.78 9.84
N THR A 817 2.29 21.24 10.89
CA THR A 817 1.54 22.49 10.82
C THR A 817 2.01 23.45 11.88
N MET A 818 1.96 24.74 11.57
CA MET A 818 2.41 25.78 12.49
C MET A 818 1.48 26.97 12.40
N LEU A 819 1.16 27.55 13.56
CA LEU A 819 0.37 28.77 13.61
C LEU A 819 1.28 29.96 13.37
N VAL A 820 1.01 30.75 12.32
CA VAL A 820 1.88 31.84 11.92
C VAL A 820 1.05 33.08 11.63
N LYS A 821 1.72 34.23 11.70
CA LYS A 821 1.12 35.52 11.44
C LYS A 821 1.10 35.76 9.93
N GLN A 822 -0.06 36.16 9.41
CA GLN A 822 -0.20 36.45 7.99
C GLN A 822 -1.41 37.34 7.79
N GLY A 823 -1.19 38.59 7.41
CA GLY A 823 -2.27 39.50 7.10
C GLY A 823 -3.16 39.86 8.28
N ASP A 824 -2.56 40.10 9.45
CA ASP A 824 -3.24 40.53 10.66
C ASP A 824 -4.01 39.42 11.35
N ASP A 825 -4.06 38.22 10.78
CA ASP A 825 -4.72 37.08 11.39
C ASP A 825 -3.78 35.88 11.37
N TYR A 826 -3.95 35.00 12.36
CA TYR A 826 -3.10 33.82 12.50
C TYR A 826 -3.70 32.67 11.70
N VAL A 827 -2.86 32.02 10.89
CA VAL A 827 -3.30 30.92 10.05
C VAL A 827 -2.32 29.75 10.22
N TYR A 828 -2.82 28.55 9.95
CA TYR A 828 -2.00 27.35 10.03
C TYR A 828 -1.35 27.11 8.67
N LEU A 829 -0.04 27.17 8.63
CA LEU A 829 0.69 26.83 7.43
C LEU A 829 1.33 25.45 7.57
N PRO A 830 1.24 24.61 6.53
CA PRO A 830 1.92 23.32 6.59
C PRO A 830 3.34 23.39 6.04
N TYR A 831 4.32 23.01 6.84
CA TYR A 831 5.67 22.90 6.33
C TYR A 831 6.13 21.45 6.33
N PRO A 832 6.96 21.06 5.38
CA PRO A 832 7.42 19.67 5.30
C PRO A 832 8.60 19.43 6.23
N ASP A 833 9.15 18.23 6.16
CA ASP A 833 10.40 17.94 6.84
C ASP A 833 11.55 18.51 6.01
N PRO A 834 12.36 19.43 6.53
CA PRO A 834 13.40 20.04 5.70
C PRO A 834 14.32 19.01 5.08
N SER A 835 14.60 17.92 5.79
CA SER A 835 15.42 16.87 5.22
C SER A 835 14.83 16.36 3.92
N ARG A 836 13.51 16.28 3.83
CA ARG A 836 12.88 15.80 2.60
C ARG A 836 13.15 16.76 1.44
N ILE A 837 13.04 18.06 1.70
CA ILE A 837 13.27 19.04 0.63
C ILE A 837 14.73 19.02 0.20
N LEU A 838 15.66 18.99 1.15
CA LEU A 838 17.07 18.91 0.78
C LEU A 838 17.40 17.61 0.06
N GLY A 839 16.75 16.51 0.44
CA GLY A 839 16.97 15.26 -0.28
C GLY A 839 16.42 15.31 -1.70
N ALA A 840 15.25 15.91 -1.88
CA ALA A 840 14.70 16.06 -3.22
C ALA A 840 15.58 16.98 -4.07
N GLY A 841 16.29 17.89 -3.42
CA GLY A 841 17.23 18.72 -4.17
C GLY A 841 18.49 17.97 -4.54
N CYS A 842 19.16 17.38 -3.55
CA CYS A 842 20.45 16.75 -3.80
C CYS A 842 20.31 15.49 -4.65
N PHE A 843 19.39 14.59 -4.28
CA PHE A 843 19.22 13.31 -4.96
C PHE A 843 18.05 13.40 -5.91
N VAL A 844 18.29 13.06 -7.18
CA VAL A 844 17.28 13.19 -8.22
C VAL A 844 17.15 11.87 -8.96
N ASP A 845 15.95 11.63 -9.49
CA ASP A 845 15.64 10.35 -10.12
C ASP A 845 16.50 10.11 -11.35
N ASP A 846 16.52 11.06 -12.28
CA ASP A 846 17.16 10.89 -13.57
C ASP A 846 18.55 11.53 -13.55
N ILE A 847 19.26 11.42 -14.67
CA ILE A 847 20.59 12.01 -14.80
C ILE A 847 20.48 13.33 -15.53
N VAL A 848 19.48 13.47 -16.41
CA VAL A 848 19.29 14.73 -17.11
C VAL A 848 18.85 15.81 -16.13
N LYS A 849 18.07 15.46 -15.12
CA LYS A 849 17.64 16.42 -14.11
C LYS A 849 18.80 16.92 -13.24
N THR A 850 19.91 16.20 -13.20
CA THR A 850 21.04 16.62 -12.39
C THR A 850 21.60 17.96 -12.84
N ASP A 851 21.46 18.32 -14.11
CA ASP A 851 22.03 19.57 -14.60
C ASP A 851 21.41 20.77 -13.90
N GLY A 852 20.11 20.77 -13.72
CA GLY A 852 19.43 21.90 -13.09
C GLY A 852 19.23 23.10 -13.99
N THR A 853 20.26 23.49 -14.74
CA THR A 853 20.16 24.67 -15.59
C THR A 853 19.00 24.57 -16.57
N LEU A 854 18.63 23.37 -17.00
CA LEU A 854 17.46 23.16 -17.85
C LEU A 854 16.31 22.56 -17.06
N MET A 855 16.36 22.65 -15.73
CA MET A 855 15.32 22.10 -14.87
C MET A 855 14.99 23.11 -13.77
N ILE A 856 14.85 24.38 -14.14
CA ILE A 856 14.54 25.41 -13.15
C ILE A 856 13.09 25.39 -12.73
N GLU A 857 12.21 24.77 -13.52
CA GLU A 857 10.81 24.62 -13.16
C GLU A 857 10.59 23.54 -12.10
N ARG A 858 11.66 22.91 -11.63
CA ARG A 858 11.62 21.95 -10.53
C ARG A 858 11.97 22.59 -9.20
N PHE A 859 12.98 23.45 -9.17
CA PHE A 859 13.32 24.12 -7.92
C PHE A 859 12.27 25.14 -7.53
N VAL A 860 11.55 25.71 -8.50
CA VAL A 860 10.42 26.57 -8.17
C VAL A 860 9.35 25.77 -7.43
N SER A 861 9.05 24.56 -7.93
CA SER A 861 8.02 23.74 -7.31
C SER A 861 8.48 23.16 -5.99
N LEU A 862 9.79 23.01 -5.78
CA LEU A 862 10.29 22.61 -4.47
C LEU A 862 10.21 23.78 -3.48
N ALA A 863 10.58 24.98 -3.92
CA ALA A 863 10.50 26.14 -3.04
C ALA A 863 9.07 26.49 -2.70
N ILE A 864 8.12 26.19 -3.59
CA ILE A 864 6.71 26.43 -3.28
C ILE A 864 6.31 25.63 -2.05
N ASP A 865 6.75 24.37 -1.97
CA ASP A 865 6.45 23.55 -0.81
C ASP A 865 7.31 23.92 0.40
N ALA A 866 8.51 24.44 0.16
CA ALA A 866 9.45 24.76 1.24
C ALA A 866 9.26 26.16 1.81
N TYR A 867 8.42 26.99 1.20
CA TYR A 867 8.26 28.37 1.71
C TYR A 867 7.84 28.42 3.17
N PRO A 868 6.85 27.65 3.63
CA PRO A 868 6.39 27.82 5.01
C PRO A 868 7.50 27.74 6.02
N LEU A 869 8.56 27.00 5.73
CA LEU A 869 9.70 26.94 6.64
C LEU A 869 10.30 28.31 6.88
N THR A 870 10.09 29.27 5.98
CA THR A 870 10.75 30.57 6.08
C THR A 870 10.31 31.37 7.29
N LYS A 871 9.38 30.87 8.10
CA LYS A 871 9.02 31.51 9.35
C LYS A 871 9.01 30.53 10.52
N HIS A 872 9.61 29.36 10.35
CA HIS A 872 9.77 28.45 11.46
C HIS A 872 10.68 29.10 12.51
N PRO A 873 10.46 28.86 13.81
CA PRO A 873 11.30 29.53 14.81
C PRO A 873 12.78 29.22 14.64
N ASN A 874 13.10 27.98 14.31
CA ASN A 874 14.50 27.60 14.08
C ASN A 874 15.02 28.26 12.81
N GLN A 875 16.32 28.52 12.79
CA GLN A 875 16.91 29.23 11.66
C GLN A 875 17.43 28.29 10.59
N GLU A 876 17.96 27.12 10.97
CA GLU A 876 18.35 26.15 9.97
C GLU A 876 17.14 25.60 9.23
N TYR A 877 16.01 25.48 9.91
CA TYR A 877 14.77 25.14 9.21
C TYR A 877 14.39 26.21 8.20
N ALA A 878 14.53 27.48 8.57
CA ALA A 878 14.04 28.58 7.76
C ALA A 878 15.02 29.01 6.67
N ASP A 879 16.27 28.55 6.72
CA ASP A 879 17.22 28.86 5.66
C ASP A 879 17.17 27.87 4.51
N VAL A 880 16.46 26.76 4.66
CA VAL A 880 16.31 25.79 3.57
C VAL A 880 15.36 26.29 2.50
N PHE A 881 14.81 27.49 2.66
CA PHE A 881 14.04 28.16 1.61
C PHE A 881 14.85 29.26 0.93
N HIS A 882 15.62 30.03 1.70
CA HIS A 882 16.53 30.98 1.08
C HIS A 882 17.59 30.26 0.27
N LEU A 883 17.97 29.04 0.67
CA LEU A 883 18.85 28.25 -0.17
C LEU A 883 18.25 28.05 -1.54
N TYR A 884 16.97 27.69 -1.60
CA TYR A 884 16.34 27.43 -2.89
C TYR A 884 16.17 28.71 -3.69
N LEU A 885 15.84 29.83 -3.02
CA LEU A 885 15.74 31.09 -3.74
C LEU A 885 17.08 31.47 -4.37
N GLN A 886 18.16 31.43 -3.58
CA GLN A 886 19.45 31.81 -4.12
C GLN A 886 19.93 30.83 -5.17
N TYR A 887 19.60 29.54 -5.03
CA TYR A 887 19.99 28.59 -6.05
C TYR A 887 19.21 28.79 -7.34
N ILE A 888 17.94 29.18 -7.25
CA ILE A 888 17.19 29.50 -8.47
C ILE A 888 17.78 30.73 -9.15
N ARG A 889 18.20 31.71 -8.37
CA ARG A 889 18.88 32.87 -8.96
C ARG A 889 20.15 32.44 -9.67
N LYS A 890 20.93 31.58 -9.03
CA LYS A 890 22.16 31.08 -9.65
C LYS A 890 21.87 30.31 -10.93
N LEU A 891 20.83 29.48 -10.92
CA LEU A 891 20.47 28.74 -12.12
C LEU A 891 20.07 29.68 -13.24
N HIS A 892 19.30 30.73 -12.94
CA HIS A 892 18.93 31.68 -13.98
C HIS A 892 20.15 32.38 -14.55
N ASP A 893 21.08 32.79 -13.68
CA ASP A 893 22.27 33.47 -14.17
C ASP A 893 23.08 32.54 -15.06
N GLU A 894 23.27 31.28 -14.64
CA GLU A 894 24.05 30.35 -15.45
C GLU A 894 23.35 30.04 -16.76
N LEU A 895 22.03 29.91 -16.74
CA LEU A 895 21.29 29.66 -17.98
C LEU A 895 21.47 30.82 -18.94
N THR A 896 21.34 32.06 -18.45
CA THR A 896 21.54 33.21 -19.33
C THR A 896 22.94 33.22 -19.90
N GLY A 897 23.95 32.95 -19.06
CA GLY A 897 25.32 32.92 -19.55
C GLY A 897 25.53 31.88 -20.62
N HIS A 898 25.05 30.66 -20.38
CA HIS A 898 25.22 29.58 -21.34
C HIS A 898 24.49 29.86 -22.64
N MET A 899 23.26 30.36 -22.56
CA MET A 899 22.54 30.67 -23.78
C MET A 899 23.25 31.76 -24.56
N LEU A 900 23.72 32.80 -23.87
CA LEU A 900 24.45 33.87 -24.55
C LEU A 900 25.70 33.31 -25.24
N ASP A 901 26.44 32.44 -24.56
CA ASP A 901 27.64 31.87 -25.16
C ASP A 901 27.31 31.02 -26.38
N MET A 902 26.38 30.07 -26.24
CA MET A 902 26.11 29.13 -27.33
C MET A 902 25.38 29.80 -28.47
N TYR A 903 24.32 30.55 -28.17
CA TYR A 903 23.51 31.23 -29.19
C TYR A 903 23.13 32.59 -28.62
N SER A 904 23.64 33.66 -29.21
CA SER A 904 23.53 34.96 -28.56
C SER A 904 22.08 35.44 -28.58
N VAL A 905 21.33 35.11 -27.52
CA VAL A 905 19.97 35.55 -27.35
C VAL A 905 19.72 35.82 -25.87
N MET A 906 19.74 37.09 -25.48
CA MET A 906 19.45 37.44 -24.09
C MET A 906 17.97 37.19 -23.83
N LEU A 907 17.67 36.36 -22.83
CA LEU A 907 16.30 35.97 -22.55
C LEU A 907 15.49 37.16 -22.05
N THR A 908 14.19 37.13 -22.34
CA THR A 908 13.28 38.19 -21.94
C THR A 908 12.94 38.01 -20.46
N ASN A 909 13.41 38.92 -19.63
CA ASN A 909 13.21 38.85 -18.19
C ASN A 909 11.92 39.59 -17.82
N ASP A 910 11.73 39.89 -16.54
CA ASP A 910 10.55 40.50 -15.94
C ASP A 910 9.44 39.49 -15.71
N ASN A 911 9.59 38.25 -16.18
CA ASN A 911 8.72 37.15 -15.78
C ASN A 911 9.46 36.06 -15.03
N THR A 912 10.78 35.97 -15.20
CA THR A 912 11.61 35.00 -14.50
C THR A 912 12.21 35.56 -13.21
N SER A 913 11.95 36.83 -12.90
CA SER A 913 12.45 37.44 -11.67
C SER A 913 11.50 37.26 -10.50
N ARG A 914 10.33 36.65 -10.72
CA ARG A 914 9.43 36.36 -9.62
C ARG A 914 9.89 35.17 -8.80
N TYR A 915 10.63 34.26 -9.42
CA TYR A 915 10.92 32.97 -8.81
C TYR A 915 12.01 33.03 -7.74
N TRP A 916 12.82 34.09 -7.71
CA TRP A 916 13.77 34.27 -6.62
C TRP A 916 13.39 35.44 -5.72
N GLU A 917 12.09 35.70 -5.60
CA GLU A 917 11.56 36.69 -4.66
C GLU A 917 10.46 36.02 -3.84
N PRO A 918 10.40 36.25 -2.53
CA PRO A 918 9.41 35.54 -1.70
C PRO A 918 7.97 35.89 -2.02
N GLU A 919 7.71 37.01 -2.68
CA GLU A 919 6.32 37.43 -2.90
C GLU A 919 5.55 36.41 -3.71
N PHE A 920 6.16 35.86 -4.77
CA PHE A 920 5.46 34.88 -5.59
C PHE A 920 5.09 33.65 -4.78
N TYR A 921 5.99 33.16 -3.93
CA TYR A 921 5.72 31.99 -3.12
C TYR A 921 4.79 32.30 -1.95
N GLU A 922 4.89 33.51 -1.39
CA GLU A 922 3.97 33.91 -0.33
C GLU A 922 2.56 34.06 -0.84
N ALA A 923 2.39 34.36 -2.13
CA ALA A 923 1.07 34.41 -2.72
C ALA A 923 0.39 33.05 -2.77
N MET A 924 1.14 31.97 -2.55
CA MET A 924 0.62 30.63 -2.65
C MET A 924 -0.04 30.14 -1.36
N TYR A 925 0.02 30.93 -0.28
CA TYR A 925 -0.57 30.55 1.00
C TYR A 925 -1.47 31.66 1.52
N THR A 926 -2.16 32.35 0.62
CA THR A 926 -3.13 33.37 1.00
C THR A 926 -4.51 32.98 0.48
N PRO A 927 -5.57 33.26 1.23
CA PRO A 927 -6.89 32.71 0.91
C PRO A 927 -7.61 33.40 -0.25
N HIS A 928 -6.91 34.21 -1.06
CA HIS A 928 -7.60 34.95 -2.11
C HIS A 928 -8.25 34.01 -3.12
N THR A 929 -7.55 32.95 -3.50
CA THR A 929 -8.10 31.98 -4.45
C THR A 929 -8.44 30.67 -3.74
N PHE B 6 -4.11 38.42 -48.83
CA PHE B 6 -4.64 37.31 -49.61
C PHE B 6 -5.54 37.82 -50.73
N SER B 7 -5.00 37.83 -51.96
CA SER B 7 -5.73 38.30 -53.13
C SER B 7 -6.61 37.16 -53.63
N SER B 8 -7.75 36.99 -52.97
CA SER B 8 -8.69 35.92 -53.29
C SER B 8 -10.10 36.38 -52.98
N LEU B 9 -11.08 35.61 -53.46
CA LEU B 9 -12.49 35.85 -53.25
C LEU B 9 -12.94 37.11 -53.97
N PRO B 10 -14.22 37.23 -54.33
CA PRO B 10 -14.67 38.42 -55.05
C PRO B 10 -14.50 39.71 -54.24
N SER B 11 -14.47 39.61 -52.91
CA SER B 11 -14.37 40.82 -52.09
C SER B 11 -13.07 41.56 -52.36
N TYR B 12 -11.97 40.83 -52.54
CA TYR B 12 -10.68 41.49 -52.75
C TYR B 12 -10.67 42.27 -54.07
N ALA B 13 -11.34 41.77 -55.10
CA ALA B 13 -11.41 42.51 -56.36
C ALA B 13 -12.10 43.85 -56.17
N ALA B 14 -13.24 43.85 -55.47
CA ALA B 14 -13.94 45.09 -55.19
C ALA B 14 -13.08 46.01 -54.33
N PHE B 15 -12.38 45.46 -53.35
CA PHE B 15 -11.52 46.28 -52.50
C PHE B 15 -10.40 46.93 -53.32
N ALA B 16 -9.79 46.16 -54.23
CA ALA B 16 -8.74 46.72 -55.06
C ALA B 16 -9.26 47.80 -55.98
N THR B 17 -10.43 47.58 -56.59
CA THR B 17 -11.02 48.61 -57.45
C THR B 17 -11.33 49.87 -56.65
N ALA B 18 -11.89 49.71 -55.45
CA ALA B 18 -12.21 50.88 -54.63
C ALA B 18 -10.95 51.61 -54.21
N GLN B 19 -9.89 50.87 -53.84
CA GLN B 19 -8.64 51.51 -53.45
C GLN B 19 -8.03 52.28 -54.62
N GLU B 20 -8.05 51.69 -55.82
CA GLU B 20 -7.53 52.38 -56.99
C GLU B 20 -8.34 53.64 -57.29
N ALA B 21 -9.67 53.54 -57.19
CA ALA B 21 -10.52 54.70 -57.44
C ALA B 21 -10.24 55.80 -56.42
N TYR B 22 -10.09 55.43 -55.15
CA TYR B 22 -9.78 56.42 -54.11
C TYR B 22 -8.44 57.09 -54.41
N GLU B 23 -7.42 56.30 -54.74
CA GLU B 23 -6.10 56.87 -55.01
C GLU B 23 -6.15 57.81 -56.20
N GLN B 24 -6.86 57.44 -57.26
CA GLN B 24 -6.93 58.29 -58.44
C GLN B 24 -7.73 59.56 -58.18
N ALA B 25 -8.84 59.46 -57.44
CA ALA B 25 -9.72 60.60 -57.26
C ALA B 25 -9.25 61.54 -56.17
N VAL B 26 -8.40 61.07 -55.24
CA VAL B 26 -7.91 61.94 -54.19
C VAL B 26 -7.14 63.12 -54.78
N ALA B 27 -6.26 62.84 -55.74
CA ALA B 27 -5.55 63.92 -56.42
C ALA B 27 -6.50 64.81 -57.20
N ASN B 28 -7.46 64.20 -57.90
CA ASN B 28 -8.44 64.99 -58.65
C ASN B 28 -9.31 65.81 -57.71
N GLY B 29 -9.76 65.20 -56.61
CA GLY B 29 -10.57 65.90 -55.63
C GLY B 29 -10.00 65.80 -54.24
N ASP B 30 -9.57 66.94 -53.69
CA ASP B 30 -8.97 66.94 -52.36
C ASP B 30 -9.98 66.58 -51.28
N SER B 31 -11.19 67.14 -51.37
CA SER B 31 -12.19 66.96 -50.33
C SER B 31 -13.57 67.03 -50.99
N GLU B 32 -14.60 67.25 -50.18
CA GLU B 32 -15.96 67.43 -50.66
C GLU B 32 -16.57 66.11 -51.14
N VAL B 33 -17.43 66.18 -52.16
CA VAL B 33 -18.23 65.01 -52.55
C VAL B 33 -17.32 63.87 -53.00
N VAL B 34 -16.31 64.17 -53.81
CA VAL B 34 -15.46 63.10 -54.36
C VAL B 34 -14.76 62.36 -53.23
N LEU B 35 -14.09 63.11 -52.35
CA LEU B 35 -13.35 62.48 -51.26
C LEU B 35 -14.28 61.73 -50.33
N LYS B 36 -15.43 62.30 -50.00
CA LYS B 36 -16.36 61.64 -49.09
C LYS B 36 -16.87 60.33 -49.69
N LYS B 37 -17.30 60.36 -50.95
CA LYS B 37 -17.80 59.14 -51.58
C LYS B 37 -16.72 58.08 -51.68
N LEU B 38 -15.50 58.48 -52.06
CA LEU B 38 -14.41 57.51 -52.16
C LEU B 38 -14.09 56.92 -50.80
N LYS B 39 -14.10 57.74 -49.74
CA LYS B 39 -13.85 57.22 -48.41
C LYS B 39 -14.93 56.24 -47.99
N LYS B 40 -16.19 56.55 -48.28
CA LYS B 40 -17.27 55.62 -47.93
C LYS B 40 -17.11 54.31 -48.67
N SER B 41 -16.81 54.38 -49.97
CA SER B 41 -16.63 53.16 -50.76
C SER B 41 -15.48 52.33 -50.22
N LEU B 42 -14.35 52.98 -49.90
CA LEU B 42 -13.21 52.25 -49.35
C LEU B 42 -13.56 51.62 -48.01
N ASN B 43 -14.32 52.33 -47.17
CA ASN B 43 -14.69 51.79 -45.87
C ASN B 43 -15.56 50.56 -46.02
N VAL B 44 -16.57 50.63 -46.90
CA VAL B 44 -17.45 49.48 -47.08
C VAL B 44 -16.69 48.31 -47.69
N ALA B 45 -15.77 48.60 -48.61
CA ALA B 45 -14.96 47.54 -49.20
C ALA B 45 -14.07 46.89 -48.14
N LYS B 46 -13.48 47.70 -47.25
CA LYS B 46 -12.66 47.14 -46.18
C LYS B 46 -13.50 46.27 -45.25
N SER B 47 -14.71 46.72 -44.94
CA SER B 47 -15.59 45.92 -44.10
C SER B 47 -15.90 44.57 -44.76
N GLU B 48 -16.23 44.60 -46.04
CA GLU B 48 -16.54 43.36 -46.75
C GLU B 48 -15.32 42.45 -46.81
N PHE B 49 -14.15 43.01 -47.06
CA PHE B 49 -12.94 42.19 -47.14
C PHE B 49 -12.60 41.57 -45.79
N ASP B 50 -12.75 42.33 -44.70
CA ASP B 50 -12.54 41.76 -43.38
C ASP B 50 -13.56 40.65 -43.10
N ARG B 51 -14.80 40.85 -43.50
CA ARG B 51 -15.81 39.81 -43.34
C ARG B 51 -15.39 38.53 -44.05
N ASP B 52 -14.97 38.66 -45.32
CA ASP B 52 -14.56 37.50 -46.09
C ASP B 52 -13.32 36.85 -45.49
N ALA B 53 -12.38 37.66 -45.00
CA ALA B 53 -11.18 37.10 -44.39
C ALA B 53 -11.53 36.31 -43.12
N ALA B 54 -12.47 36.83 -42.33
CA ALA B 54 -12.92 36.08 -41.15
C ALA B 54 -13.58 34.78 -41.55
N MET B 55 -14.45 34.83 -42.56
CA MET B 55 -15.11 33.60 -43.02
C MET B 55 -14.08 32.59 -43.48
N GLN B 56 -13.06 33.03 -44.21
CA GLN B 56 -12.00 32.15 -44.63
C GLN B 56 -11.30 31.56 -43.42
N ARG B 57 -10.63 32.41 -42.63
CA ARG B 57 -9.89 31.93 -41.47
C ARG B 57 -10.72 31.03 -40.57
N LYS B 58 -12.04 31.09 -40.65
CA LYS B 58 -12.87 30.17 -39.89
C LYS B 58 -13.10 28.84 -40.62
N LEU B 59 -13.50 28.90 -41.90
CA LEU B 59 -13.76 27.67 -42.64
C LEU B 59 -12.49 26.85 -42.85
N GLU B 60 -11.38 27.52 -43.16
CA GLU B 60 -10.11 26.81 -43.30
C GLU B 60 -9.71 26.13 -42.00
N LYS B 61 -9.88 26.82 -40.87
CA LYS B 61 -9.58 26.20 -39.59
C LYS B 61 -10.48 25.00 -39.34
N MET B 62 -11.76 25.12 -39.65
CA MET B 62 -12.68 23.99 -39.46
C MET B 62 -12.25 22.81 -40.34
N ALA B 63 -11.87 23.08 -41.59
CA ALA B 63 -11.45 22.00 -42.48
C ALA B 63 -10.16 21.35 -41.97
N ASP B 64 -9.21 22.14 -41.47
CA ASP B 64 -7.99 21.57 -40.93
C ASP B 64 -8.27 20.71 -39.71
N GLN B 65 -9.15 21.18 -38.81
CA GLN B 65 -9.52 20.39 -37.65
C GLN B 65 -10.17 19.08 -38.08
N ALA B 66 -11.05 19.14 -39.09
CA ALA B 66 -11.68 17.93 -39.58
C ALA B 66 -10.66 16.97 -40.17
N MET B 67 -9.68 17.48 -40.92
CA MET B 67 -8.67 16.62 -41.52
C MET B 67 -7.81 15.95 -40.46
N THR B 68 -7.39 16.70 -39.44
CA THR B 68 -6.60 16.10 -38.38
C THR B 68 -7.42 15.08 -37.59
N GLN B 69 -8.71 15.37 -37.38
CA GLN B 69 -9.57 14.39 -36.72
C GLN B 69 -9.69 13.12 -37.55
N MET B 70 -9.79 13.26 -38.88
CA MET B 70 -9.87 12.09 -39.75
C MET B 70 -8.58 11.28 -39.70
N TYR B 71 -7.43 11.95 -39.71
CA TYR B 71 -6.17 11.22 -39.59
C TYR B 71 -6.09 10.49 -38.26
N LYS B 72 -6.50 11.15 -37.18
CA LYS B 72 -6.50 10.50 -35.87
C LYS B 72 -7.40 9.28 -35.87
N GLN B 73 -8.59 9.39 -36.47
CA GLN B 73 -9.51 8.27 -36.51
C GLN B 73 -8.94 7.11 -37.34
N ALA B 74 -8.33 7.43 -38.48
CA ALA B 74 -7.74 6.37 -39.30
C ALA B 74 -6.62 5.65 -38.57
N ARG B 75 -5.75 6.41 -37.89
CA ARG B 75 -4.68 5.77 -37.13
C ARG B 75 -5.23 4.98 -35.95
N SER B 76 -6.30 5.46 -35.33
CA SER B 76 -6.94 4.71 -34.24
C SER B 76 -7.48 3.39 -34.76
N GLU B 77 -8.13 3.39 -35.92
CA GLU B 77 -8.63 2.14 -36.49
C GLU B 77 -7.48 1.21 -36.86
N ASP B 78 -6.40 1.75 -37.41
CA ASP B 78 -5.25 0.91 -37.74
C ASP B 78 -4.68 0.26 -36.49
N LYS B 79 -4.54 1.02 -35.41
CA LYS B 79 -4.04 0.45 -34.16
C LYS B 79 -5.01 -0.57 -33.60
N ARG B 80 -6.32 -0.32 -33.73
CA ARG B 80 -7.30 -1.31 -33.29
C ARG B 80 -7.10 -2.63 -34.03
N ALA B 81 -6.96 -2.57 -35.35
CA ALA B 81 -6.77 -3.79 -36.12
C ALA B 81 -5.46 -4.48 -35.75
N LYS B 82 -4.39 -3.70 -35.57
CA LYS B 82 -3.10 -4.30 -35.24
C LYS B 82 -3.13 -4.99 -33.89
N VAL B 83 -3.72 -4.34 -32.88
CA VAL B 83 -3.77 -4.95 -31.56
C VAL B 83 -4.72 -6.14 -31.55
N THR B 84 -5.81 -6.09 -32.31
CA THR B 84 -6.69 -7.25 -32.40
C THR B 84 -5.94 -8.44 -33.00
N SER B 85 -5.19 -8.20 -34.08
CA SER B 85 -4.42 -9.28 -34.68
C SER B 85 -3.38 -9.82 -33.70
N ALA B 86 -2.71 -8.93 -32.97
CA ALA B 86 -1.71 -9.38 -32.01
C ALA B 86 -2.33 -10.22 -30.91
N MET B 87 -3.47 -9.80 -30.36
CA MET B 87 -4.13 -10.58 -29.32
C MET B 87 -4.59 -11.92 -29.86
N GLN B 88 -5.13 -11.94 -31.07
CA GLN B 88 -5.56 -13.21 -31.65
C GLN B 88 -4.40 -14.16 -31.84
N THR B 89 -3.27 -13.64 -32.33
CA THR B 89 -2.08 -14.47 -32.49
C THR B 89 -1.57 -15.00 -31.16
N MET B 90 -1.58 -14.15 -30.12
CA MET B 90 -1.17 -14.62 -28.80
C MET B 90 -2.09 -15.74 -28.32
N LEU B 91 -3.40 -15.56 -28.48
CA LEU B 91 -4.33 -16.59 -28.02
C LEU B 91 -4.13 -17.88 -28.77
N PHE B 92 -3.89 -17.81 -30.08
CA PHE B 92 -3.68 -19.04 -30.84
C PHE B 92 -2.31 -19.66 -30.56
N THR B 93 -1.34 -18.88 -30.08
CA THR B 93 -0.08 -19.47 -29.66
C THR B 93 -0.23 -20.23 -28.34
N MET B 94 -0.89 -19.61 -27.36
CA MET B 94 -1.12 -20.27 -26.08
C MET B 94 -2.20 -21.34 -26.16
N LEU B 95 -3.10 -21.24 -27.14
CA LEU B 95 -4.11 -22.27 -27.32
C LEU B 95 -3.51 -23.52 -27.95
N ARG B 96 -2.44 -23.39 -28.71
CA ARG B 96 -1.77 -24.52 -29.32
C ARG B 96 -0.59 -25.03 -28.49
N LYS B 97 -0.41 -24.51 -27.28
CA LYS B 97 0.68 -24.92 -26.40
C LYS B 97 0.22 -25.73 -25.20
N LEU B 98 -0.99 -25.51 -24.71
CA LEU B 98 -1.44 -26.24 -23.53
C LEU B 98 -1.54 -27.73 -23.84
N ASP B 99 -1.33 -28.55 -22.80
CA ASP B 99 -1.31 -29.99 -22.96
C ASP B 99 -2.72 -30.50 -23.23
N ASN B 100 -3.08 -30.63 -24.51
CA ASN B 100 -4.44 -31.02 -24.86
C ASN B 100 -4.78 -32.40 -24.28
N ASP B 101 -3.84 -33.34 -24.33
CA ASP B 101 -4.11 -34.68 -23.82
C ASP B 101 -4.43 -34.64 -22.33
N ALA B 102 -3.47 -34.21 -21.51
CA ALA B 102 -3.67 -34.24 -20.06
C ALA B 102 -4.77 -33.29 -19.62
N LEU B 103 -4.81 -32.09 -20.20
CA LEU B 103 -5.83 -31.13 -19.80
C LEU B 103 -7.23 -31.63 -20.15
N ASN B 104 -7.39 -32.18 -21.35
CA ASN B 104 -8.69 -32.75 -21.72
C ASN B 104 -9.04 -33.91 -20.81
N ASN B 105 -8.04 -34.72 -20.42
CA ASN B 105 -8.33 -35.84 -19.53
C ASN B 105 -8.83 -35.35 -18.18
N ILE B 106 -8.19 -34.32 -17.61
CA ILE B 106 -8.62 -33.85 -16.30
C ILE B 106 -9.99 -33.20 -16.40
N ILE B 107 -10.26 -32.49 -17.49
CA ILE B 107 -11.57 -31.85 -17.62
C ILE B 107 -12.67 -32.89 -17.83
N ASN B 108 -12.37 -33.97 -18.55
CA ASN B 108 -13.41 -34.96 -18.85
C ASN B 108 -13.99 -35.56 -17.58
N ASN B 109 -13.14 -35.92 -16.63
CA ASN B 109 -13.60 -36.51 -15.37
C ASN B 109 -14.11 -35.48 -14.39
N ALA B 110 -14.35 -34.24 -14.83
CA ALA B 110 -14.96 -33.22 -13.99
C ALA B 110 -16.47 -33.36 -14.02
N ARG B 111 -17.11 -33.08 -12.89
CA ARG B 111 -18.54 -33.33 -12.76
C ARG B 111 -19.35 -32.37 -13.62
N ASP B 112 -19.25 -31.07 -13.34
CA ASP B 112 -19.99 -30.07 -14.10
C ASP B 112 -19.26 -29.65 -15.37
N GLY B 113 -17.99 -30.02 -15.53
CA GLY B 113 -17.16 -29.54 -16.61
C GLY B 113 -16.26 -28.39 -16.22
N CYS B 114 -16.44 -27.82 -15.04
CA CYS B 114 -15.62 -26.72 -14.54
C CYS B 114 -14.63 -27.25 -13.51
N VAL B 115 -13.37 -26.87 -13.66
CA VAL B 115 -12.32 -27.28 -12.73
C VAL B 115 -11.60 -26.02 -12.27
N PRO B 116 -11.19 -25.92 -11.00
CA PRO B 116 -10.49 -24.71 -10.57
C PRO B 116 -9.24 -24.48 -11.41
N LEU B 117 -8.95 -23.21 -11.66
CA LEU B 117 -7.79 -22.89 -12.50
C LEU B 117 -6.50 -23.37 -11.86
N ASN B 118 -6.39 -23.25 -10.54
CA ASN B 118 -5.12 -23.52 -9.87
C ASN B 118 -4.66 -24.96 -10.07
N ILE B 119 -5.55 -25.88 -10.43
CA ILE B 119 -5.19 -27.28 -10.60
C ILE B 119 -5.05 -27.65 -12.07
N ILE B 120 -4.99 -26.67 -12.97
CA ILE B 120 -4.74 -26.96 -14.38
C ILE B 120 -3.24 -27.20 -14.56
N PRO B 121 -2.36 -26.30 -14.12
CA PRO B 121 -0.92 -26.56 -14.26
C PRO B 121 -0.42 -27.54 -13.22
N LEU B 122 -1.07 -27.58 -12.07
CA LEU B 122 -0.62 -28.44 -10.99
C LEU B 122 -0.68 -29.92 -11.39
N THR B 123 -1.59 -30.28 -12.28
CA THR B 123 -1.79 -31.67 -12.66
C THR B 123 -1.64 -31.91 -14.16
N THR B 124 -1.32 -30.89 -14.96
CA THR B 124 -1.20 -31.08 -16.39
C THR B 124 -0.02 -30.33 -17.01
N ALA B 125 0.88 -29.79 -16.21
CA ALA B 125 2.04 -29.05 -16.71
C ALA B 125 3.27 -29.95 -16.62
N ALA B 126 3.96 -30.11 -17.75
CA ALA B 126 5.13 -30.97 -17.81
C ALA B 126 6.42 -30.18 -17.59
N LYS B 127 6.46 -29.41 -16.51
CA LYS B 127 7.65 -28.68 -16.13
C LYS B 127 7.41 -28.02 -14.78
N LEU B 128 8.48 -27.87 -14.01
CA LEU B 128 8.41 -27.28 -12.69
C LEU B 128 9.65 -26.45 -12.48
N MET B 129 9.48 -25.16 -12.19
CA MET B 129 10.58 -24.23 -12.01
C MET B 129 10.65 -23.86 -10.53
N VAL B 130 11.36 -24.65 -9.75
CA VAL B 130 11.46 -24.40 -8.31
C VAL B 130 12.51 -23.34 -8.09
N VAL B 131 12.15 -22.27 -7.40
CA VAL B 131 13.09 -21.21 -7.03
C VAL B 131 13.46 -21.42 -5.57
N ILE B 132 14.75 -21.57 -5.30
CA ILE B 132 15.25 -21.93 -3.99
C ILE B 132 16.05 -20.76 -3.43
N PRO B 133 15.68 -20.20 -2.28
CA PRO B 133 16.38 -19.01 -1.79
C PRO B 133 17.67 -19.31 -1.04
N ASP B 134 17.75 -20.48 -0.40
CA ASP B 134 18.93 -20.82 0.39
C ASP B 134 19.11 -22.33 0.36
N TYR B 135 20.33 -22.77 0.68
CA TYR B 135 20.68 -24.17 0.47
C TYR B 135 19.80 -25.10 1.29
N ASN B 136 19.53 -24.77 2.55
CA ASN B 136 18.72 -25.65 3.38
C ASN B 136 17.43 -26.02 2.68
N THR B 137 16.82 -25.05 1.99
CA THR B 137 15.61 -25.35 1.23
C THR B 137 15.88 -26.35 0.13
N TYR B 138 17.00 -26.21 -0.57
CA TYR B 138 17.35 -27.19 -1.59
C TYR B 138 17.49 -28.58 -0.98
N LYS B 139 18.15 -28.67 0.17
CA LYS B 139 18.36 -29.96 0.81
C LYS B 139 17.02 -30.60 1.19
N ASN B 140 16.10 -29.82 1.75
CA ASN B 140 14.88 -30.39 2.31
C ASN B 140 13.70 -30.38 1.36
N THR B 141 13.85 -29.90 0.11
CA THR B 141 12.72 -29.89 -0.81
C THR B 141 12.95 -30.65 -2.10
N CYS B 142 14.11 -30.50 -2.73
CA CYS B 142 14.34 -31.09 -4.05
C CYS B 142 15.74 -31.69 -4.14
N ASP B 143 16.15 -32.40 -3.10
CA ASP B 143 17.46 -33.03 -3.10
C ASP B 143 17.53 -34.13 -4.16
N GLY B 144 18.73 -34.37 -4.65
CA GLY B 144 18.94 -35.42 -5.63
C GLY B 144 18.51 -34.99 -7.02
N THR B 145 18.67 -35.91 -7.96
CA THR B 145 18.32 -35.66 -9.36
C THR B 145 16.86 -35.98 -9.65
N THR B 146 16.09 -36.45 -8.66
CA THR B 146 14.65 -36.64 -8.81
C THR B 146 14.00 -36.34 -7.47
N PHE B 147 12.94 -35.53 -7.50
CA PHE B 147 12.17 -35.19 -6.31
C PHE B 147 10.70 -35.46 -6.59
N THR B 148 9.85 -35.14 -5.62
CA THR B 148 8.42 -35.42 -5.71
C THR B 148 7.64 -34.18 -5.32
N TYR B 149 6.83 -33.67 -6.25
CA TYR B 149 5.97 -32.53 -5.99
C TYR B 149 4.63 -32.74 -6.67
N ALA B 150 3.57 -32.23 -6.04
CA ALA B 150 2.22 -32.38 -6.55
C ALA B 150 1.88 -33.85 -6.77
N SER B 151 2.37 -34.71 -5.88
CA SER B 151 2.14 -36.15 -5.96
C SER B 151 2.63 -36.72 -7.28
N ALA B 152 3.63 -36.10 -7.88
CA ALA B 152 4.22 -36.56 -9.12
C ALA B 152 5.74 -36.55 -9.00
N LEU B 153 6.37 -37.51 -9.66
CA LEU B 153 7.83 -37.66 -9.62
C LEU B 153 8.44 -36.79 -10.69
N TRP B 154 9.16 -35.75 -10.29
CA TRP B 154 9.85 -34.86 -11.21
C TRP B 154 11.33 -35.20 -11.23
N GLU B 155 11.95 -35.05 -12.40
CA GLU B 155 13.37 -35.30 -12.58
C GLU B 155 14.05 -34.01 -13.02
N ILE B 156 15.17 -33.68 -12.38
CA ILE B 156 15.87 -32.44 -12.68
C ILE B 156 16.43 -32.51 -14.08
N GLN B 157 16.48 -31.35 -14.76
CA GLN B 157 17.12 -31.25 -16.06
C GLN B 157 18.05 -30.06 -16.18
N GLN B 158 17.98 -29.10 -15.25
CA GLN B 158 18.84 -27.93 -15.30
C GLN B 158 18.70 -27.19 -13.98
N VAL B 159 19.78 -26.58 -13.51
CA VAL B 159 19.79 -25.80 -12.28
C VAL B 159 20.60 -24.54 -12.57
N VAL B 160 19.93 -23.44 -12.86
CA VAL B 160 20.61 -22.19 -13.14
C VAL B 160 20.60 -21.35 -11.88
N ASP B 161 21.53 -20.42 -11.79
CA ASP B 161 21.66 -19.55 -10.63
C ASP B 161 21.04 -18.19 -10.94
N ALA B 162 21.19 -17.24 -10.02
CA ALA B 162 20.59 -15.93 -10.22
C ALA B 162 21.22 -15.16 -11.37
N ASP B 163 22.38 -15.60 -11.86
CA ASP B 163 23.03 -14.99 -13.01
C ASP B 163 22.65 -15.66 -14.32
N SER B 164 21.72 -16.61 -14.28
CA SER B 164 21.35 -17.40 -15.46
C SER B 164 22.53 -18.22 -15.98
N LYS B 165 23.42 -18.63 -15.09
CA LYS B 165 24.57 -19.46 -15.42
C LYS B 165 24.32 -20.87 -14.90
N ILE B 166 24.48 -21.86 -15.78
CA ILE B 166 24.15 -23.23 -15.42
C ILE B 166 24.98 -23.67 -14.22
N VAL B 167 24.35 -24.35 -13.28
CA VAL B 167 25.01 -24.89 -12.09
C VAL B 167 24.82 -26.39 -12.09
N GLN B 168 25.92 -27.12 -12.04
CA GLN B 168 25.85 -28.58 -12.01
C GLN B 168 25.25 -29.06 -10.69
N LEU B 169 24.64 -30.24 -10.73
CA LEU B 169 24.03 -30.78 -9.52
C LEU B 169 25.07 -31.08 -8.46
N SER B 170 26.22 -31.61 -8.84
CA SER B 170 27.24 -31.97 -7.85
C SER B 170 27.88 -30.74 -7.21
N GLU B 171 27.86 -29.60 -7.88
CA GLU B 171 28.49 -28.40 -7.34
C GLU B 171 27.81 -27.94 -6.06
N ILE B 172 26.52 -28.20 -5.93
CA ILE B 172 25.74 -27.68 -4.80
C ILE B 172 25.99 -28.54 -3.56
N SER B 173 26.68 -27.97 -2.59
CA SER B 173 26.89 -28.63 -1.29
C SER B 173 27.06 -27.55 -0.24
N MET B 174 26.83 -27.93 1.02
CA MET B 174 26.86 -26.93 2.09
C MET B 174 28.22 -26.24 2.16
N ASP B 175 29.31 -26.99 1.95
CA ASP B 175 30.62 -26.37 1.95
C ASP B 175 30.76 -25.36 0.82
N ASN B 176 30.24 -25.70 -0.37
CA ASN B 176 30.28 -24.84 -1.54
C ASN B 176 28.96 -24.12 -1.77
N SER B 177 28.22 -23.82 -0.71
CA SER B 177 26.96 -23.12 -0.84
C SER B 177 27.18 -21.62 -1.01
N PRO B 178 28.03 -20.98 -0.19
CA PRO B 178 28.20 -19.53 -0.34
C PRO B 178 28.70 -19.12 -1.72
N ASN B 179 29.55 -19.94 -2.34
CA ASN B 179 30.13 -19.55 -3.63
C ASN B 179 29.09 -19.44 -4.73
N LEU B 180 27.90 -20.00 -4.54
CA LEU B 180 26.85 -19.93 -5.54
C LEU B 180 26.17 -18.56 -5.48
N ALA B 181 25.20 -18.36 -6.37
CA ALA B 181 24.45 -17.10 -6.47
C ALA B 181 22.97 -17.44 -6.34
N TRP B 182 22.48 -17.50 -5.12
CA TRP B 182 21.09 -17.81 -4.87
C TRP B 182 20.22 -16.59 -5.19
N PRO B 183 18.94 -16.80 -5.52
CA PRO B 183 18.21 -18.08 -5.55
C PRO B 183 18.57 -18.93 -6.76
N LEU B 184 18.35 -20.24 -6.65
CA LEU B 184 18.63 -21.18 -7.72
C LEU B 184 17.31 -21.58 -8.36
N ILE B 185 17.22 -21.45 -9.68
CA ILE B 185 16.04 -21.84 -10.43
C ILE B 185 16.32 -23.21 -11.02
N VAL B 186 15.60 -24.23 -10.55
CA VAL B 186 15.82 -25.61 -10.96
C VAL B 186 14.61 -26.07 -11.75
N THR B 187 14.84 -26.48 -12.99
CA THR B 187 13.78 -26.90 -13.90
C THR B 187 13.71 -28.41 -13.99
N ALA B 188 12.54 -28.96 -13.72
CA ALA B 188 12.37 -30.40 -13.66
C ALA B 188 11.22 -30.79 -14.56
N LEU B 189 11.35 -31.93 -15.22
CA LEU B 189 10.32 -32.48 -16.07
C LEU B 189 9.46 -33.46 -15.28
N ARG B 190 8.37 -33.90 -15.90
CA ARG B 190 7.43 -34.84 -15.28
C ARG B 190 7.85 -36.26 -15.65
N ALA B 191 8.44 -36.97 -14.69
CA ALA B 191 8.90 -38.34 -14.93
C ALA B 191 7.78 -39.32 -14.59
N ASN B 192 6.67 -39.16 -15.30
CA ASN B 192 5.50 -40.01 -15.10
C ASN B 192 5.01 -39.91 -13.66
N SER C 10 31.65 18.71 8.74
CA SER C 10 30.69 18.16 7.74
C SER C 10 31.24 16.87 7.13
N LYS C 11 32.05 16.16 7.90
CA LYS C 11 32.70 14.95 7.39
C LYS C 11 31.76 13.76 7.32
N MET C 12 30.64 13.79 8.03
CA MET C 12 29.74 12.65 8.04
C MET C 12 28.85 12.62 6.80
N SER C 13 28.05 13.68 6.61
CA SER C 13 27.10 13.68 5.51
C SER C 13 27.76 13.74 4.15
N ASP C 14 29.09 13.75 4.09
CA ASP C 14 29.80 13.65 2.83
C ASP C 14 30.11 12.22 2.44
N VAL C 15 29.89 11.26 3.34
CA VAL C 15 30.03 9.85 3.02
C VAL C 15 28.74 9.27 2.49
N LYS C 16 27.59 9.76 3.01
CA LYS C 16 26.31 9.29 2.53
C LYS C 16 26.05 9.69 1.08
N CYS C 17 26.78 10.68 0.55
CA CYS C 17 26.71 11.06 -0.85
C CYS C 17 27.78 10.38 -1.70
N THR C 18 28.98 10.25 -1.16
CA THR C 18 30.01 9.50 -1.88
C THR C 18 29.59 8.05 -2.10
N SER C 19 28.89 7.46 -1.14
CA SER C 19 28.41 6.10 -1.33
C SER C 19 27.37 6.03 -2.45
N VAL C 20 26.49 7.03 -2.54
CA VAL C 20 25.53 7.06 -3.63
C VAL C 20 26.24 7.14 -4.96
N VAL C 21 27.22 8.04 -5.08
CA VAL C 21 27.94 8.19 -6.34
C VAL C 21 28.74 6.93 -6.66
N LEU C 22 29.31 6.30 -5.63
CA LEU C 22 30.12 5.10 -5.87
C LEU C 22 29.26 3.94 -6.32
N LEU C 23 28.08 3.76 -5.72
CA LEU C 23 27.21 2.69 -6.18
C LEU C 23 26.64 3.00 -7.56
N SER C 24 26.43 4.27 -7.88
CA SER C 24 26.05 4.60 -9.26
C SER C 24 27.16 4.24 -10.23
N VAL C 25 28.41 4.50 -9.85
CA VAL C 25 29.53 4.14 -10.72
C VAL C 25 29.60 2.64 -10.91
N LEU C 26 29.45 1.88 -9.82
CA LEU C 26 29.48 0.43 -9.93
C LEU C 26 28.34 -0.07 -10.81
N GLN C 27 27.14 0.48 -10.64
CA GLN C 27 26.00 0.03 -11.44
C GLN C 27 26.22 0.30 -12.91
N GLN C 28 27.11 1.22 -13.25
CA GLN C 28 27.41 1.50 -14.66
C GLN C 28 28.48 0.56 -15.21
N LEU C 29 29.33 0.01 -14.34
CA LEU C 29 30.30 -1.00 -14.74
C LEU C 29 29.68 -2.38 -14.91
N ARG C 30 28.36 -2.46 -14.96
CA ARG C 30 27.65 -3.74 -15.08
C ARG C 30 28.09 -4.70 -13.98
N VAL C 31 28.02 -4.23 -12.73
CA VAL C 31 28.15 -5.11 -11.59
C VAL C 31 26.81 -5.70 -11.17
N GLU C 32 25.71 -5.22 -11.75
CA GLU C 32 24.40 -5.82 -11.47
C GLU C 32 24.38 -7.28 -11.88
N SER C 33 25.18 -7.67 -12.88
CA SER C 33 25.14 -9.04 -13.37
C SER C 33 25.50 -10.04 -12.27
N SER C 34 26.53 -9.73 -11.49
CA SER C 34 26.94 -10.61 -10.40
C SER C 34 25.92 -10.50 -9.27
N SER C 35 24.99 -11.45 -9.22
CA SER C 35 23.87 -11.33 -8.29
C SER C 35 24.31 -11.35 -6.83
N LYS C 36 25.52 -11.83 -6.54
CA LYS C 36 26.03 -11.78 -5.18
C LYS C 36 26.85 -10.53 -4.92
N LEU C 37 27.66 -10.12 -5.90
CA LEU C 37 28.41 -8.88 -5.75
C LEU C 37 27.47 -7.69 -5.68
N TRP C 38 26.40 -7.70 -6.46
CA TRP C 38 25.44 -6.60 -6.39
C TRP C 38 24.71 -6.61 -5.05
N ALA C 39 24.40 -7.79 -4.52
CA ALA C 39 23.76 -7.84 -3.21
C ALA C 39 24.68 -7.27 -2.13
N GLN C 40 25.97 -7.63 -2.17
CA GLN C 40 26.90 -7.09 -1.21
C GLN C 40 27.05 -5.58 -1.35
N CYS C 41 27.16 -5.09 -2.59
CA CYS C 41 27.29 -3.66 -2.82
C CYS C 41 26.06 -2.91 -2.33
N VAL C 42 24.87 -3.41 -2.64
CA VAL C 42 23.66 -2.71 -2.24
C VAL C 42 23.48 -2.76 -0.73
N GLN C 43 23.89 -3.86 -0.09
CA GLN C 43 23.81 -3.90 1.37
C GLN C 43 24.76 -2.89 2.00
N LEU C 44 25.98 -2.78 1.48
CA LEU C 44 26.90 -1.77 1.99
C LEU C 44 26.35 -0.37 1.75
N HIS C 45 25.75 -0.14 0.59
CA HIS C 45 25.18 1.17 0.29
C HIS C 45 24.06 1.52 1.27
N ASN C 46 23.09 0.60 1.45
CA ASN C 46 21.99 0.86 2.36
C ASN C 46 22.45 0.98 3.80
N ASP C 47 23.53 0.29 4.20
CA ASP C 47 24.05 0.43 5.55
C ASP C 47 24.81 1.72 5.76
N ILE C 48 25.50 2.22 4.73
CA ILE C 48 26.13 3.53 4.83
C ILE C 48 25.07 4.61 4.93
N LEU C 49 24.04 4.54 4.09
CA LEU C 49 22.99 5.55 4.15
C LEU C 49 22.24 5.49 5.48
N LEU C 50 22.12 4.31 6.07
CA LEU C 50 21.58 4.17 7.43
C LEU C 50 22.74 3.98 8.40
N ALA C 51 23.44 5.08 8.68
CA ALA C 51 24.64 5.04 9.52
C ALA C 51 24.66 6.28 10.40
N LYS C 52 24.23 6.11 11.66
CA LYS C 52 24.30 7.22 12.60
C LYS C 52 25.74 7.61 12.89
N ASP C 53 26.61 6.61 13.05
CA ASP C 53 28.02 6.86 13.34
C ASP C 53 28.77 7.23 12.06
N THR C 54 30.05 7.56 12.21
CA THR C 54 30.92 7.88 11.09
C THR C 54 31.99 6.83 10.85
N THR C 55 32.49 6.17 11.90
CA THR C 55 33.47 5.12 11.71
C THR C 55 32.88 3.96 10.90
N GLU C 56 31.66 3.54 11.23
CA GLU C 56 31.02 2.48 10.46
C GLU C 56 30.80 2.91 9.01
N ALA C 57 30.37 4.15 8.80
CA ALA C 57 30.17 4.63 7.44
C ALA C 57 31.46 4.59 6.65
N PHE C 58 32.57 5.02 7.25
CA PHE C 58 33.83 5.00 6.52
C PHE C 58 34.34 3.59 6.30
N GLU C 59 34.13 2.67 7.26
CA GLU C 59 34.54 1.29 7.02
C GLU C 59 33.76 0.66 5.87
N LYS C 60 32.44 0.87 5.84
CA LYS C 60 31.66 0.33 4.74
C LYS C 60 32.00 1.01 3.43
N MET C 61 32.33 2.31 3.46
CA MET C 61 32.81 2.97 2.25
C MET C 61 34.12 2.36 1.78
N VAL C 62 35.01 2.01 2.71
CA VAL C 62 36.25 1.34 2.35
C VAL C 62 35.95 0.03 1.66
N SER C 63 35.02 -0.75 2.21
CA SER C 63 34.67 -2.03 1.59
C SER C 63 34.09 -1.84 0.19
N LEU C 64 33.18 -0.88 0.03
CA LEU C 64 32.57 -0.65 -1.28
C LEU C 64 33.60 -0.17 -2.29
N LEU C 65 34.48 0.74 -1.89
CA LEU C 65 35.55 1.17 -2.76
C LEU C 65 36.48 0.02 -3.10
N SER C 66 36.66 -0.93 -2.17
CA SER C 66 37.43 -2.12 -2.49
C SER C 66 36.73 -2.96 -3.55
N VAL C 67 35.41 -3.01 -3.50
CA VAL C 67 34.67 -3.67 -4.58
C VAL C 67 34.98 -2.98 -5.90
N LEU C 68 34.99 -1.65 -5.91
CA LEU C 68 35.26 -0.92 -7.15
C LEU C 68 36.67 -1.18 -7.65
N LEU C 69 37.65 -1.22 -6.74
CA LEU C 69 39.04 -1.43 -7.12
C LEU C 69 39.36 -2.88 -7.44
N SER C 70 38.50 -3.82 -7.03
CA SER C 70 38.72 -5.22 -7.34
C SER C 70 38.74 -5.44 -8.85
N MET C 71 37.83 -4.80 -9.57
CA MET C 71 37.84 -4.87 -11.03
C MET C 71 39.19 -4.42 -11.55
N GLN C 72 39.78 -5.23 -12.44
CA GLN C 72 41.17 -4.99 -12.83
C GLN C 72 41.29 -3.74 -13.69
N GLY C 73 40.65 -3.74 -14.86
CA GLY C 73 40.73 -2.63 -15.79
C GLY C 73 39.45 -1.87 -16.02
N ALA C 74 38.40 -2.12 -15.24
CA ALA C 74 37.13 -1.44 -15.48
C ALA C 74 37.26 0.07 -15.31
N VAL C 75 37.96 0.51 -14.27
CA VAL C 75 38.16 1.93 -13.98
C VAL C 75 39.66 2.19 -13.93
N ASP C 76 40.11 3.18 -14.68
CA ASP C 76 41.52 3.52 -14.77
C ASP C 76 41.87 4.44 -13.60
N ILE C 77 42.41 3.86 -12.53
CA ILE C 77 42.75 4.66 -11.36
C ILE C 77 43.84 5.68 -11.71
N ASN C 78 44.83 5.26 -12.51
CA ASN C 78 45.95 6.14 -12.80
C ASN C 78 45.50 7.40 -13.54
N LYS C 79 44.58 7.24 -14.49
CA LYS C 79 44.13 8.41 -15.26
C LYS C 79 43.33 9.38 -14.41
N LEU C 80 42.69 8.91 -13.34
CA LEU C 80 41.78 9.72 -12.55
C LEU C 80 42.44 10.34 -11.32
N CYS C 81 43.22 9.56 -10.57
CA CYS C 81 43.82 10.10 -9.35
C CYS C 81 44.77 11.25 -9.63
N GLU C 82 45.31 11.35 -10.83
CA GLU C 82 46.21 12.44 -11.19
C GLU C 82 45.52 13.79 -10.98
N PHE D 6 9.53 48.08 -29.53
CA PHE D 6 10.37 47.78 -30.70
C PHE D 6 10.27 48.91 -31.73
N SER D 7 11.14 49.91 -31.58
CA SER D 7 11.20 51.03 -32.52
C SER D 7 12.25 50.78 -33.59
N SER D 8 12.08 49.67 -34.32
CA SER D 8 13.02 49.28 -35.36
C SER D 8 12.29 48.70 -36.58
N LEU D 9 11.05 49.10 -36.79
CA LEU D 9 10.23 48.62 -37.88
C LEU D 9 9.65 49.80 -38.62
N PRO D 10 9.29 49.63 -39.90
CA PRO D 10 8.84 50.80 -40.69
C PRO D 10 7.65 51.53 -40.10
N SER D 11 6.70 50.81 -39.48
CA SER D 11 5.53 51.47 -38.93
C SER D 11 5.92 52.55 -37.93
N TYR D 12 6.95 52.29 -37.12
CA TYR D 12 7.38 53.29 -36.14
C TYR D 12 7.66 54.61 -36.81
N ALA D 13 8.20 54.58 -38.04
CA ALA D 13 8.46 55.82 -38.76
C ALA D 13 7.20 56.67 -38.86
N ALA D 14 6.09 56.06 -39.29
CA ALA D 14 4.83 56.77 -39.28
C ALA D 14 4.55 57.37 -37.91
N PHE D 15 4.71 56.55 -36.86
CA PHE D 15 4.47 57.03 -35.50
C PHE D 15 5.28 58.30 -35.24
N ALA D 16 6.52 58.35 -35.73
CA ALA D 16 7.28 59.59 -35.63
C ALA D 16 6.60 60.70 -36.41
N THR D 17 6.48 60.53 -37.73
CA THR D 17 6.03 61.62 -38.59
C THR D 17 4.74 62.23 -38.05
N ALA D 18 3.67 61.44 -38.00
CA ALA D 18 2.41 61.93 -37.48
C ALA D 18 2.61 62.57 -36.10
N GLN D 19 3.28 61.85 -35.20
CA GLN D 19 3.51 62.40 -33.87
C GLN D 19 4.24 63.73 -33.96
N GLU D 20 5.28 63.79 -34.79
CA GLU D 20 5.97 65.07 -34.99
C GLU D 20 4.97 66.15 -35.39
N ALA D 21 4.14 65.86 -36.38
CA ALA D 21 3.13 66.83 -36.78
C ALA D 21 2.24 67.19 -35.60
N TYR D 22 1.80 66.18 -34.84
CA TYR D 22 0.99 66.43 -33.66
C TYR D 22 1.70 67.44 -32.76
N GLU D 23 3.00 67.24 -32.52
CA GLU D 23 3.74 68.19 -31.72
C GLU D 23 3.62 69.59 -32.31
N GLN D 24 3.94 69.73 -33.61
CA GLN D 24 3.85 71.04 -34.23
C GLN D 24 2.45 71.61 -34.12
N ALA D 25 1.44 70.75 -34.02
CA ALA D 25 0.07 71.23 -33.87
C ALA D 25 -0.20 71.73 -32.46
N VAL D 26 0.26 71.00 -31.44
CA VAL D 26 -0.17 71.34 -30.08
C VAL D 26 0.35 72.72 -29.69
N ALA D 27 1.60 73.03 -30.07
CA ALA D 27 2.10 74.38 -29.86
C ALA D 27 1.34 75.38 -30.69
N ASN D 28 1.04 75.04 -31.95
CA ASN D 28 0.39 75.98 -32.86
C ASN D 28 -1.07 76.21 -32.45
N GLY D 29 -1.81 75.14 -32.21
CA GLY D 29 -3.22 75.25 -31.90
C GLY D 29 -3.99 75.98 -32.98
N ASP D 30 -3.76 75.59 -34.23
CA ASP D 30 -4.34 76.31 -35.36
C ASP D 30 -5.86 76.27 -35.32
N SER D 31 -6.43 75.09 -35.07
CA SER D 31 -7.88 74.93 -35.06
C SER D 31 -8.21 73.51 -34.65
N GLU D 32 -9.50 73.24 -34.47
CA GLU D 32 -9.97 71.91 -34.10
C GLU D 32 -10.09 70.97 -35.28
N VAL D 33 -10.31 71.49 -36.49
CA VAL D 33 -10.39 70.62 -37.67
C VAL D 33 -9.03 69.98 -37.94
N VAL D 34 -7.96 70.77 -37.87
CA VAL D 34 -6.62 70.21 -38.04
C VAL D 34 -6.31 69.26 -36.89
N LEU D 35 -6.79 69.56 -35.69
CA LEU D 35 -6.60 68.66 -34.57
C LEU D 35 -7.27 67.31 -34.83
N LYS D 36 -8.49 67.32 -35.37
CA LYS D 36 -9.17 66.08 -35.69
C LYS D 36 -8.45 65.32 -36.79
N LYS D 37 -7.98 66.02 -37.82
CA LYS D 37 -7.28 65.37 -38.91
C LYS D 37 -6.00 64.70 -38.40
N LEU D 38 -5.21 65.42 -37.61
CA LEU D 38 -3.98 64.84 -37.08
C LEU D 38 -4.26 63.74 -36.09
N LYS D 39 -5.36 63.83 -35.32
CA LYS D 39 -5.73 62.74 -34.44
C LYS D 39 -6.06 61.48 -35.23
N LYS D 40 -6.80 61.63 -36.32
CA LYS D 40 -7.10 60.47 -37.16
C LYS D 40 -5.82 59.87 -37.74
N SER D 41 -4.92 60.71 -38.25
CA SER D 41 -3.68 60.21 -38.82
C SER D 41 -2.85 59.49 -37.76
N LEU D 42 -2.73 60.10 -36.58
CA LEU D 42 -1.96 59.49 -35.49
C LEU D 42 -2.59 58.20 -35.04
N ASN D 43 -3.92 58.13 -35.00
CA ASN D 43 -4.59 56.90 -34.58
C ASN D 43 -4.35 55.78 -35.57
N VAL D 44 -4.46 56.07 -36.87
CA VAL D 44 -4.22 55.02 -37.86
C VAL D 44 -2.76 54.56 -37.82
N ALA D 45 -1.83 55.52 -37.69
CA ALA D 45 -0.43 55.15 -37.60
C ALA D 45 -0.16 54.33 -36.34
N LYS D 46 -0.80 54.69 -35.23
CA LYS D 46 -0.63 53.96 -33.98
C LYS D 46 -1.19 52.55 -34.11
N SER D 47 -2.34 52.38 -34.77
CA SER D 47 -2.88 51.05 -34.98
C SER D 47 -1.94 50.20 -35.83
N GLU D 48 -1.40 50.79 -36.91
CA GLU D 48 -0.47 50.06 -37.75
C GLU D 48 0.76 49.63 -36.96
N PHE D 49 1.34 50.57 -36.21
CA PHE D 49 2.53 50.26 -35.43
C PHE D 49 2.21 49.23 -34.34
N ASP D 50 1.01 49.29 -33.77
CA ASP D 50 0.61 48.34 -32.75
C ASP D 50 0.52 46.93 -33.31
N ARG D 51 -0.12 46.80 -34.49
CA ARG D 51 -0.18 45.50 -35.13
C ARG D 51 1.23 44.97 -35.41
N ASP D 52 2.10 45.85 -35.93
CA ASP D 52 3.46 45.43 -36.22
C ASP D 52 4.20 45.01 -34.96
N ALA D 53 4.04 45.76 -33.87
CA ALA D 53 4.74 45.43 -32.64
C ALA D 53 4.23 44.14 -32.03
N ALA D 54 2.92 43.89 -32.13
CA ALA D 54 2.38 42.61 -31.68
C ALA D 54 2.99 41.47 -32.49
N MET D 55 3.06 41.64 -33.81
CA MET D 55 3.68 40.61 -34.65
C MET D 55 5.13 40.40 -34.27
N GLN D 56 5.87 41.49 -34.04
CA GLN D 56 7.28 41.39 -33.71
C GLN D 56 7.49 40.69 -32.37
N ARG D 57 6.71 41.05 -31.36
CA ARG D 57 6.88 40.43 -30.05
C ARG D 57 6.49 38.96 -30.10
N LYS D 58 5.43 38.61 -30.84
CA LYS D 58 5.07 37.21 -30.97
C LYS D 58 6.18 36.43 -31.66
N LEU D 59 6.74 36.98 -32.73
CA LEU D 59 7.82 36.28 -33.44
C LEU D 59 9.06 36.15 -32.55
N GLU D 60 9.38 37.18 -31.78
CA GLU D 60 10.53 37.09 -30.88
C GLU D 60 10.31 36.05 -29.80
N LYS D 61 9.09 35.96 -29.27
CA LYS D 61 8.79 34.93 -28.29
C LYS D 61 8.91 33.54 -28.91
N MET D 62 8.44 33.37 -30.13
CA MET D 62 8.59 32.08 -30.81
C MET D 62 10.06 31.73 -31.00
N ALA D 63 10.87 32.71 -31.42
CA ALA D 63 12.30 32.46 -31.60
C ALA D 63 12.97 32.11 -30.29
N ASP D 64 12.61 32.81 -29.21
CA ASP D 64 13.18 32.50 -27.90
C ASP D 64 12.79 31.09 -27.46
N GLN D 65 11.54 30.70 -27.69
CA GLN D 65 11.12 29.34 -27.35
C GLN D 65 11.90 28.31 -28.15
N ALA D 66 12.10 28.58 -29.44
CA ALA D 66 12.89 27.65 -30.26
C ALA D 66 14.32 27.54 -29.75
N MET D 67 14.93 28.68 -29.41
CA MET D 67 16.30 28.65 -28.92
C MET D 67 16.40 27.90 -27.60
N THR D 68 15.47 28.15 -26.67
CA THR D 68 15.51 27.51 -25.36
C THR D 68 15.02 26.07 -25.40
N GLN D 69 14.43 25.63 -26.50
CA GLN D 69 14.19 24.20 -26.69
C GLN D 69 15.41 23.51 -27.31
N MET D 70 16.03 24.14 -28.30
CA MET D 70 17.23 23.57 -28.90
C MET D 70 18.34 23.44 -27.87
N TYR D 71 18.56 24.48 -27.06
CA TYR D 71 19.59 24.41 -26.04
C TYR D 71 19.33 23.29 -25.04
N LYS D 72 18.08 23.17 -24.59
CA LYS D 72 17.77 22.12 -23.62
C LYS D 72 17.99 20.75 -24.22
N GLN D 73 17.55 20.54 -25.47
CA GLN D 73 17.72 19.23 -26.08
C GLN D 73 19.20 18.91 -26.26
N ALA D 74 20.00 19.87 -26.74
CA ALA D 74 21.42 19.62 -26.93
C ALA D 74 22.12 19.33 -25.61
N ARG D 75 21.81 20.10 -24.56
CA ARG D 75 22.45 19.88 -23.28
C ARG D 75 22.05 18.54 -22.68
N SER D 76 20.77 18.15 -22.82
CA SER D 76 20.34 16.85 -22.34
C SER D 76 21.05 15.73 -23.07
N GLU D 77 21.19 15.84 -24.40
CA GLU D 77 21.90 14.80 -25.14
C GLU D 77 23.35 14.73 -24.71
N ASP D 78 24.01 15.88 -24.55
CA ASP D 78 25.40 15.88 -24.14
C ASP D 78 25.57 15.26 -22.76
N LYS D 79 24.65 15.56 -21.83
CA LYS D 79 24.78 15.04 -20.47
C LYS D 79 24.51 13.54 -20.44
N ARG D 80 23.49 13.08 -21.17
CA ARG D 80 23.21 11.64 -21.20
C ARG D 80 24.36 10.87 -21.83
N ALA D 81 24.91 11.37 -22.95
CA ALA D 81 25.99 10.66 -23.61
C ALA D 81 27.25 10.63 -22.73
N LYS D 82 27.58 11.75 -22.09
CA LYS D 82 28.78 11.86 -21.26
C LYS D 82 28.37 11.68 -19.80
N VAL D 83 28.09 10.43 -19.43
CA VAL D 83 27.80 10.09 -18.04
C VAL D 83 28.66 8.95 -17.52
N THR D 84 29.20 8.08 -18.39
CA THR D 84 30.04 6.99 -17.90
C THR D 84 31.30 7.54 -17.23
N SER D 85 31.92 8.56 -17.84
CA SER D 85 33.15 9.13 -17.30
C SER D 85 32.89 10.25 -16.31
N ALA D 86 31.80 11.00 -16.49
CA ALA D 86 31.49 12.07 -15.54
C ALA D 86 31.26 11.52 -14.14
N MET D 87 30.57 10.38 -14.04
CA MET D 87 30.34 9.77 -12.73
C MET D 87 31.64 9.37 -12.07
N GLN D 88 32.57 8.78 -12.82
CA GLN D 88 33.83 8.35 -12.22
C GLN D 88 34.68 9.55 -11.82
N THR D 89 34.73 10.59 -12.65
CA THR D 89 35.46 11.79 -12.27
C THR D 89 34.87 12.41 -11.01
N MET D 90 33.55 12.50 -10.93
CA MET D 90 32.91 13.02 -9.73
C MET D 90 33.23 12.15 -8.52
N LEU D 91 33.18 10.84 -8.69
CA LEU D 91 33.46 9.93 -7.58
C LEU D 91 34.85 10.17 -7.02
N PHE D 92 35.84 10.23 -7.91
CA PHE D 92 37.21 10.37 -7.40
C PHE D 92 37.49 11.78 -6.90
N THR D 93 36.84 12.80 -7.48
CA THR D 93 36.93 14.12 -6.87
C THR D 93 36.42 14.10 -5.44
N MET D 94 35.27 13.47 -5.23
CA MET D 94 34.70 13.41 -3.88
C MET D 94 35.59 12.59 -2.95
N LEU D 95 36.19 11.50 -3.46
CA LEU D 95 37.03 10.67 -2.60
C LEU D 95 38.31 11.39 -2.20
N ARG D 96 38.95 12.08 -3.15
CA ARG D 96 40.16 12.81 -2.83
C ARG D 96 39.86 14.03 -1.96
N LYS D 97 38.67 14.61 -2.07
CA LYS D 97 38.28 15.69 -1.18
C LYS D 97 37.84 15.19 0.19
N LEU D 98 37.46 13.91 0.30
CA LEU D 98 37.07 13.36 1.59
C LEU D 98 38.26 13.33 2.54
N ASP D 99 39.43 12.97 2.04
CA ASP D 99 40.67 13.01 2.81
C ASP D 99 40.55 12.10 4.04
N ASN D 100 40.33 10.82 3.77
CA ASN D 100 40.36 9.79 4.80
C ASN D 100 41.60 8.91 4.60
N ASP D 101 42.14 8.42 5.71
CA ASP D 101 43.36 7.65 5.66
C ASP D 101 43.14 6.28 5.01
N ALA D 102 42.07 5.58 5.37
CA ALA D 102 41.84 4.26 4.80
C ALA D 102 41.58 4.34 3.30
N LEU D 103 40.66 5.21 2.89
CA LEU D 103 40.36 5.35 1.47
C LEU D 103 41.58 5.83 0.69
N ASN D 104 42.32 6.79 1.25
CA ASN D 104 43.50 7.29 0.57
C ASN D 104 44.54 6.19 0.41
N ASN D 105 44.76 5.40 1.45
CA ASN D 105 45.77 4.35 1.38
C ASN D 105 45.36 3.26 0.40
N ILE D 106 44.10 2.85 0.43
CA ILE D 106 43.65 1.80 -0.49
C ILE D 106 43.72 2.30 -1.94
N ILE D 107 43.33 3.55 -2.19
CA ILE D 107 43.41 4.09 -3.55
C ILE D 107 44.86 4.18 -4.00
N ASN D 108 45.75 4.66 -3.13
CA ASN D 108 47.16 4.77 -3.52
C ASN D 108 47.75 3.40 -3.83
N ASN D 109 47.44 2.39 -3.01
CA ASN D 109 47.93 1.05 -3.29
C ASN D 109 47.38 0.53 -4.62
N ALA D 110 46.07 0.69 -4.85
CA ALA D 110 45.48 0.22 -6.08
C ALA D 110 45.95 1.01 -7.28
N ARG D 111 46.56 2.18 -7.07
CA ARG D 111 47.12 2.94 -8.18
C ARG D 111 48.22 2.15 -8.87
N ASP D 112 49.10 1.49 -8.09
CA ASP D 112 50.26 0.79 -8.62
C ASP D 112 50.06 -0.71 -8.65
N GLY D 113 48.86 -1.17 -8.97
CA GLY D 113 48.62 -2.58 -9.23
C GLY D 113 48.37 -3.45 -8.02
N CYS D 114 48.31 -2.88 -6.81
CA CYS D 114 48.07 -3.65 -5.60
C CYS D 114 46.58 -3.71 -5.29
N VAL D 115 45.80 -4.13 -6.29
CA VAL D 115 44.36 -4.23 -6.17
C VAL D 115 44.00 -5.45 -5.32
N PRO D 116 42.90 -5.43 -4.58
CA PRO D 116 42.46 -6.63 -3.86
C PRO D 116 41.59 -7.52 -4.74
N LEU D 117 41.69 -8.83 -4.49
CA LEU D 117 40.93 -9.81 -5.26
C LEU D 117 39.59 -10.15 -4.63
N ASN D 118 39.24 -9.52 -3.50
CA ASN D 118 37.93 -9.71 -2.91
C ASN D 118 37.62 -8.52 -2.03
N ILE D 119 36.33 -8.37 -1.70
CA ILE D 119 35.91 -7.28 -0.84
C ILE D 119 36.71 -7.32 0.44
N ILE D 120 37.27 -6.17 0.82
CA ILE D 120 38.02 -6.08 2.06
C ILE D 120 37.07 -6.36 3.21
N PRO D 121 37.30 -7.37 4.03
CA PRO D 121 36.35 -7.70 5.10
C PRO D 121 36.40 -6.70 6.24
N LEU D 122 35.32 -6.68 7.02
CA LEU D 122 35.21 -5.80 8.17
C LEU D 122 34.97 -6.55 9.47
N THR D 123 34.91 -7.88 9.44
CA THR D 123 34.69 -8.67 10.63
C THR D 123 35.99 -8.78 11.42
N THR D 124 35.95 -9.58 12.49
CA THR D 124 37.14 -9.73 13.34
C THR D 124 38.30 -10.31 12.55
N ALA D 125 38.04 -11.35 11.75
CA ALA D 125 39.07 -11.97 10.93
C ALA D 125 38.41 -12.67 9.77
N ALA D 126 38.86 -12.36 8.56
CA ALA D 126 38.30 -12.97 7.36
C ALA D 126 39.32 -12.88 6.23
N LYS D 127 39.12 -13.71 5.21
CA LYS D 127 40.09 -13.85 4.14
C LYS D 127 40.13 -12.60 3.27
N LEU D 128 41.33 -12.21 2.86
CA LEU D 128 41.54 -11.14 1.90
C LEU D 128 42.70 -11.53 1.01
N MET D 129 42.46 -11.59 -0.30
CA MET D 129 43.48 -11.96 -1.28
C MET D 129 43.79 -10.72 -2.12
N VAL D 130 45.00 -10.20 -1.97
CA VAL D 130 45.41 -8.96 -2.63
C VAL D 130 46.66 -9.22 -3.44
N VAL D 131 46.68 -8.74 -4.68
CA VAL D 131 47.81 -8.98 -5.56
C VAL D 131 48.92 -7.96 -5.26
N ILE D 132 50.14 -8.35 -5.57
CA ILE D 132 51.32 -7.52 -5.38
C ILE D 132 52.17 -7.61 -6.65
N PRO D 133 52.27 -6.53 -7.43
CA PRO D 133 53.06 -6.60 -8.68
C PRO D 133 54.55 -6.71 -8.45
N ASP D 134 55.11 -5.82 -7.63
CA ASP D 134 56.55 -5.64 -7.55
C ASP D 134 57.01 -5.75 -6.11
N TYR D 135 58.33 -5.96 -5.94
CA TYR D 135 58.91 -6.05 -4.61
C TYR D 135 58.84 -4.72 -3.87
N ASN D 136 58.83 -3.60 -4.59
CA ASN D 136 58.77 -2.31 -3.92
C ASN D 136 57.49 -2.17 -3.12
N THR D 137 56.35 -2.57 -3.70
CA THR D 137 55.10 -2.52 -2.97
C THR D 137 55.12 -3.48 -1.78
N TYR D 138 55.70 -4.66 -1.98
CA TYR D 138 55.81 -5.61 -0.88
C TYR D 138 56.58 -5.00 0.29
N LYS D 139 57.70 -4.34 0.00
CA LYS D 139 58.44 -3.67 1.06
C LYS D 139 57.62 -2.56 1.69
N ASN D 140 56.90 -1.79 0.87
CA ASN D 140 56.15 -0.66 1.39
C ASN D 140 55.07 -1.11 2.38
N THR D 141 54.32 -2.16 2.03
CA THR D 141 53.17 -2.57 2.83
C THR D 141 53.39 -3.83 3.65
N CYS D 142 54.04 -4.85 3.09
CA CYS D 142 54.21 -6.13 3.78
C CYS D 142 55.53 -6.13 4.54
N ASP D 143 55.52 -6.77 5.71
CA ASP D 143 56.73 -6.89 6.52
C ASP D 143 56.57 -8.09 7.44
N GLY D 144 57.37 -9.13 7.20
CA GLY D 144 57.23 -10.34 8.00
C GLY D 144 55.84 -10.90 7.86
N THR D 145 55.21 -11.19 8.99
CA THR D 145 53.83 -11.67 8.99
C THR D 145 52.81 -10.54 8.97
N THR D 146 53.24 -9.30 9.19
CA THR D 146 52.31 -8.18 9.20
C THR D 146 52.11 -7.62 7.80
N PHE D 147 50.90 -7.14 7.54
CA PHE D 147 50.56 -6.54 6.25
C PHE D 147 49.77 -5.26 6.52
N THR D 148 50.16 -4.18 5.87
CA THR D 148 49.57 -2.85 6.09
C THR D 148 48.81 -2.45 4.83
N TYR D 149 47.51 -2.73 4.81
CA TYR D 149 46.66 -2.41 3.68
C TYR D 149 45.32 -1.92 4.19
N ALA D 150 44.81 -0.84 3.62
CA ALA D 150 43.57 -0.22 4.06
C ALA D 150 43.66 0.21 5.52
N SER D 151 44.85 0.57 5.97
CA SER D 151 45.09 1.04 7.33
C SER D 151 44.55 0.03 8.35
N ALA D 152 45.16 -1.15 8.33
CA ALA D 152 44.86 -2.20 9.29
C ALA D 152 45.91 -3.28 9.14
N LEU D 153 46.25 -3.91 10.26
CA LEU D 153 47.25 -4.97 10.26
C LEU D 153 46.61 -6.30 9.94
N TRP D 154 47.11 -6.98 8.92
CA TRP D 154 46.64 -8.28 8.52
C TRP D 154 47.75 -9.31 8.69
N GLU D 155 47.35 -10.54 9.04
CA GLU D 155 48.30 -11.61 9.31
C GLU D 155 48.57 -12.38 8.03
N ILE D 156 49.80 -12.26 7.51
CA ILE D 156 50.18 -13.01 6.32
C ILE D 156 50.03 -14.50 6.60
N GLN D 157 49.42 -15.22 5.66
CA GLN D 157 49.26 -16.66 5.81
C GLN D 157 49.96 -17.46 4.72
N GLN D 158 49.72 -17.14 3.44
CA GLN D 158 50.33 -17.92 2.36
C GLN D 158 50.49 -17.00 1.15
N VAL D 159 51.70 -16.50 0.95
CA VAL D 159 52.00 -15.72 -0.25
C VAL D 159 52.04 -16.68 -1.43
N VAL D 160 51.08 -16.55 -2.34
CA VAL D 160 50.92 -17.46 -3.46
C VAL D 160 51.50 -16.81 -4.71
N ASP D 161 52.45 -17.49 -5.33
CA ASP D 161 53.04 -16.98 -6.57
C ASP D 161 52.00 -16.99 -7.68
N ALA D 162 52.35 -16.37 -8.81
CA ALA D 162 51.47 -16.36 -9.97
C ALA D 162 51.20 -17.78 -10.47
N ASP D 163 52.13 -18.70 -10.24
CA ASP D 163 51.99 -20.08 -10.67
C ASP D 163 51.30 -20.96 -9.63
N SER D 164 50.61 -20.35 -8.66
CA SER D 164 49.95 -21.07 -7.58
C SER D 164 50.95 -21.81 -6.69
N LYS D 165 52.23 -21.45 -6.75
CA LYS D 165 53.26 -22.08 -5.94
C LYS D 165 53.43 -21.28 -4.65
N ILE D 166 52.96 -21.84 -3.54
CA ILE D 166 53.07 -21.16 -2.25
C ILE D 166 54.54 -20.96 -1.93
N VAL D 167 54.95 -19.69 -1.86
CA VAL D 167 56.35 -19.33 -1.65
C VAL D 167 56.56 -18.99 -0.18
N GLN D 168 57.62 -19.55 0.42
CA GLN D 168 57.98 -19.19 1.77
C GLN D 168 58.36 -17.71 1.83
N LEU D 169 57.95 -17.06 2.91
CA LEU D 169 58.20 -15.62 3.05
C LEU D 169 59.69 -15.30 2.95
N SER D 170 60.54 -16.19 3.47
CA SER D 170 61.98 -15.93 3.45
C SER D 170 62.51 -15.83 2.03
N GLU D 171 61.84 -16.45 1.07
CA GLU D 171 62.31 -16.37 -0.32
C GLU D 171 62.31 -14.93 -0.82
N ILE D 172 61.26 -14.19 -0.51
CA ILE D 172 61.10 -12.82 -1.02
C ILE D 172 61.92 -11.88 -0.14
N SER D 173 63.06 -11.42 -0.64
CA SER D 173 63.89 -10.50 0.12
C SER D 173 64.87 -9.80 -0.81
N MET D 174 64.73 -8.48 -0.93
CA MET D 174 65.70 -7.60 -1.60
C MET D 174 65.91 -8.12 -3.03
N ASP D 175 67.14 -8.42 -3.44
CA ASP D 175 67.46 -8.68 -4.83
C ASP D 175 67.14 -10.10 -5.27
N ASN D 176 66.53 -10.93 -4.42
CA ASN D 176 66.10 -12.25 -4.83
C ASN D 176 64.78 -12.24 -5.58
N SER D 177 64.10 -11.09 -5.62
CA SER D 177 62.81 -11.02 -6.30
C SER D 177 62.87 -11.40 -7.77
N PRO D 178 63.86 -10.97 -8.57
CA PRO D 178 63.80 -11.23 -10.00
C PRO D 178 63.65 -12.70 -10.36
N ASN D 179 64.27 -13.60 -9.59
CA ASN D 179 64.12 -15.02 -9.86
C ASN D 179 62.66 -15.44 -9.78
N LEU D 180 61.96 -14.96 -8.76
CA LEU D 180 60.55 -15.27 -8.58
C LEU D 180 59.70 -14.48 -9.58
N ALA D 181 58.75 -15.17 -10.21
CA ALA D 181 57.95 -14.59 -11.29
C ALA D 181 56.69 -13.96 -10.71
N TRP D 182 56.67 -12.62 -10.67
CA TRP D 182 55.54 -11.83 -10.19
C TRP D 182 54.30 -12.08 -11.04
N PRO D 183 53.11 -11.63 -10.61
CA PRO D 183 52.74 -10.92 -9.38
C PRO D 183 52.16 -11.83 -8.31
N LEU D 184 52.58 -11.64 -7.07
CA LEU D 184 52.15 -12.51 -5.99
C LEU D 184 50.70 -12.23 -5.62
N ILE D 185 50.09 -13.17 -4.91
CA ILE D 185 48.72 -13.03 -4.42
C ILE D 185 48.77 -13.33 -2.92
N VAL D 186 48.93 -12.29 -2.12
CA VAL D 186 49.05 -12.46 -0.68
C VAL D 186 47.67 -12.61 -0.06
N THR D 187 47.53 -13.60 0.82
CA THR D 187 46.33 -13.75 1.62
C THR D 187 46.57 -13.16 3.01
N ALA D 188 45.50 -12.69 3.65
CA ALA D 188 45.66 -12.09 4.95
C ALA D 188 44.32 -12.07 5.68
N LEU D 189 44.39 -12.00 7.01
CA LEU D 189 43.23 -11.95 7.88
C LEU D 189 43.38 -10.78 8.85
N ARG D 190 42.26 -10.11 9.13
CA ARG D 190 42.30 -8.97 10.04
C ARG D 190 42.81 -9.39 11.41
N ALA D 191 43.66 -8.55 12.00
CA ALA D 191 44.18 -8.75 13.34
C ALA D 191 43.88 -7.50 14.16
N ASN D 192 42.74 -7.51 14.86
CA ASN D 192 42.30 -6.34 15.60
C ASN D 192 42.71 -6.44 17.07
P17 NWX G . 1.83 4.96 3.30
P21 NWX G . 1.96 2.25 4.53
P25 NWX G . 4.15 2.47 6.42
C01 NWX G . 1.48 5.00 -2.29
C02 NWX G . 0.67 4.79 -3.42
C03 NWX G . 0.80 4.84 -4.83
N04 NWX G . -0.22 4.56 -5.65
C05 NWX G . -1.39 4.21 -5.08
N06 NWX G . -1.66 4.11 -3.77
N07 NWX G . -0.61 4.41 -2.98
C08 NWX G . -0.60 4.39 -1.59
C09 NWX G . 0.69 4.76 -1.18
C10 NWX G . -1.83 4.02 -0.74
C11 NWX G . -1.98 2.50 -0.48
C12 NWX G . -1.16 2.31 0.80
C13 NWX G . -1.55 3.55 1.56
O14 NWX G . -1.59 4.56 0.57
C15 NWX G . -0.60 3.99 2.68
O16 NWX G . 0.55 4.66 2.20
O18 NWX G . 1.31 5.33 4.67
O19 NWX G . 2.91 5.69 2.58
O20 NWX G . 2.29 3.40 3.42
O22 NWX G . 1.53 1.04 3.76
O23 NWX G . 1.19 2.88 5.67
O24 NWX G . 3.49 1.98 5.00
O26 NWX G . 4.48 1.20 7.17
O27 NWX G . 3.11 3.31 7.15
O28 NWX G . 5.42 3.24 6.12
O29 NWX G . -1.40 1.11 1.52
O30 NWX G . -3.33 2.05 -0.33
C31 NWX G . -3.07 4.68 -1.21
N32 NWX G . -4.05 5.20 -1.56
N33 NWX G . 2.00 5.20 -5.45
MG MG H . 0.61 4.62 7.12
ZN ZN I . -27.29 -14.59 2.38
ZN ZN J . -24.54 1.31 -10.28
#